data_8CFP
#
_entry.id   8CFP
#
_cell.length_a   73.830
_cell.length_b   132.890
_cell.length_c   98.710
_cell.angle_alpha   90.00
_cell.angle_beta   101.06
_cell.angle_gamma   90.00
#
_symmetry.space_group_name_H-M   'P 1 21 1'
#
loop_
_entity.id
_entity.type
_entity.pdbx_description
1 polymer Adenosylhomocysteinase
2 non-polymer NICOTINAMIDE-ADENINE-DINUCLEOTIDE
3 non-polymer ADENINE
4 non-polymer 'DIMETHYL SULFOXIDE'
5 non-polymer 4-pyridin-2-ylphenol
6 non-polymer 'POTASSIUM ION'
7 non-polymer 'PHOSPHATE ION'
8 non-polymer GLYCEROL
9 water water
#
_entity_poly.entity_id   1
_entity_poly.type   'polypeptide(L)'
_entity_poly.pdbx_seq_one_letter_code
;SNAMSAVMTPAGFTDYKVADITLAAWGRRELIIAESEMPALMGLRRKYAGQQPLKGAKILGCIHMTIQTGVLIETLVALG
AEVRWSSCNIFSTQDQAAAAIAAAGIPVFAWKGETEEEYEWCIEQTILKDGQPWDANMVLDDGGDLTEILHKKYPQMLER
IHGITEETTTGVHRLLDMLKNGTLKVPAINVNDSVTKSKNDNKYGCRHSLNDAIKRGTDHLLSGKQALVIGYGDVGKGSS
QSLRQEGMIVKVAEVDPICAMQACMDGFEVVSPYKNGINDGTEASIDAALLGKIDLIVTTTGNVNVCDANMLKALKKRAV
VCNIGHFDNEIDTAFMRKNWAWEEVKPQVHKIHRTGKDGFDAHNDDYLILLAEGRLVNLGNATGHPSRIMDGSFANQVLA
QIHLFEQKYADLPAAEKAKRLSVEVLPKKLDEEVALEMVKGFGGVVTQLTPKQAEYIGVSVEGPFKPDTYRY
;
_entity_poly.pdbx_strand_id   A,B,C,D
#
loop_
_chem_comp.id
_chem_comp.type
_chem_comp.name
_chem_comp.formula
ADE non-polymer ADENINE 'C5 H5 N5'
DMS non-polymer 'DIMETHYL SULFOXIDE' 'C2 H6 O S'
GOL non-polymer GLYCEROL 'C3 H8 O3'
K non-polymer 'POTASSIUM ION' 'K 1'
NAD non-polymer NICOTINAMIDE-ADENINE-DINUCLEOTIDE 'C21 H27 N7 O14 P2'
PO4 non-polymer 'PHOSPHATE ION' 'O4 P -3'
UI4 non-polymer 4-pyridin-2-ylphenol 'C11 H9 N O'
#
# COMPACT_ATOMS: atom_id res chain seq x y z
N THR A 9 -27.86 -29.27 25.56
CA THR A 9 -29.11 -29.13 26.30
C THR A 9 -29.76 -30.49 26.59
N PRO A 10 -29.65 -31.48 25.69
CA PRO A 10 -30.35 -32.75 25.92
C PRO A 10 -30.01 -33.34 27.29
N ALA A 11 -31.02 -33.89 27.95
CA ALA A 11 -30.80 -34.46 29.28
C ALA A 11 -29.72 -35.53 29.21
N GLY A 12 -28.79 -35.51 30.17
CA GLY A 12 -27.81 -36.57 30.30
C GLY A 12 -26.73 -36.60 29.23
N PHE A 13 -26.61 -35.56 28.41
CA PHE A 13 -25.69 -35.61 27.27
C PHE A 13 -24.24 -35.75 27.75
N THR A 14 -23.56 -36.83 27.29
CA THR A 14 -22.16 -37.05 27.60
C THR A 14 -21.34 -37.45 26.38
N ASP A 15 -21.93 -37.43 25.20
CA ASP A 15 -21.29 -37.93 23.98
C ASP A 15 -20.43 -36.83 23.34
N TYR A 16 -19.37 -36.45 24.05
CA TYR A 16 -18.44 -35.43 23.60
C TYR A 16 -17.18 -35.49 24.45
N LYS A 17 -16.16 -34.73 24.04
CA LYS A 17 -15.00 -34.53 24.89
C LYS A 17 -14.38 -33.20 24.49
N VAL A 18 -14.44 -32.24 25.42
CA VAL A 18 -13.95 -30.89 25.19
C VAL A 18 -13.09 -30.48 26.41
N ALA A 19 -12.46 -29.30 26.31
CA ALA A 19 -11.56 -28.85 27.35
C ALA A 19 -12.30 -28.40 28.60
N ASP A 20 -13.38 -27.65 28.43
CA ASP A 20 -13.98 -26.92 29.54
C ASP A 20 -15.41 -26.53 29.15
N ILE A 21 -16.39 -27.31 29.61
CA ILE A 21 -17.78 -27.04 29.23
C ILE A 21 -18.24 -25.67 29.72
N THR A 22 -17.59 -25.10 30.76
CA THR A 22 -18.08 -23.83 31.30
C THR A 22 -17.87 -22.67 30.33
N LEU A 23 -17.10 -22.88 29.25
CA LEU A 23 -16.90 -21.86 28.24
C LEU A 23 -18.06 -21.77 27.26
N ALA A 24 -19.12 -22.58 27.45
CA ALA A 24 -20.18 -22.68 26.45
C ALA A 24 -20.92 -21.37 26.26
N ALA A 25 -21.21 -20.64 27.35
CA ALA A 25 -21.99 -19.42 27.18
C ALA A 25 -21.20 -18.38 26.39
N TRP A 26 -19.90 -18.26 26.67
CA TRP A 26 -19.01 -17.40 25.90
C TRP A 26 -18.99 -17.84 24.44
N GLY A 27 -18.82 -19.13 24.20
CA GLY A 27 -18.90 -19.64 22.84
C GLY A 27 -20.19 -19.27 22.13
N ARG A 28 -21.32 -19.41 22.84
CA ARG A 28 -22.61 -19.08 22.22
C ARG A 28 -22.69 -17.59 21.89
N ARG A 29 -22.21 -16.73 22.78
CA ARG A 29 -22.18 -15.30 22.47
C ARG A 29 -21.39 -15.03 21.19
N GLU A 30 -20.25 -15.73 21.01
CA GLU A 30 -19.44 -15.48 19.82
C GLU A 30 -20.06 -16.11 18.58
N LEU A 31 -20.79 -17.22 18.74
CA LEU A 31 -21.54 -17.79 17.60
C LEU A 31 -22.61 -16.82 17.12
N ILE A 32 -23.30 -16.15 18.05
CA ILE A 32 -24.34 -15.21 17.66
C ILE A 32 -23.74 -14.02 16.92
N ILE A 33 -22.59 -13.50 17.36
CA ILE A 33 -21.88 -12.47 16.59
C ILE A 33 -21.48 -13.01 15.22
N ALA A 34 -20.85 -14.19 15.19
CA ALA A 34 -20.42 -14.77 13.92
C ALA A 34 -21.57 -14.91 12.93
N GLU A 35 -22.75 -15.30 13.40
CA GLU A 35 -23.90 -15.43 12.49
C GLU A 35 -24.13 -14.12 11.74
N SER A 36 -23.94 -12.98 12.41
CA SER A 36 -24.14 -11.70 11.74
C SER A 36 -23.02 -11.38 10.78
N GLU A 37 -21.88 -12.08 10.86
CA GLU A 37 -20.76 -11.91 9.95
C GLU A 37 -20.75 -12.90 8.79
N MET A 38 -21.74 -13.80 8.71
CA MET A 38 -21.72 -14.89 7.73
C MET A 38 -23.03 -14.91 6.96
N PRO A 39 -23.26 -13.88 6.14
CA PRO A 39 -24.56 -13.76 5.46
C PRO A 39 -24.82 -14.85 4.43
N ALA A 40 -23.80 -15.34 3.73
CA ALA A 40 -24.04 -16.40 2.75
C ALA A 40 -24.51 -17.67 3.46
N LEU A 41 -23.80 -18.04 4.53
CA LEU A 41 -24.13 -19.27 5.23
C LEU A 41 -25.47 -19.13 5.94
N MET A 42 -25.68 -18.01 6.63
N MET A 42 -25.72 -18.00 6.61
CA MET A 42 -26.97 -17.72 7.24
CA MET A 42 -27.02 -17.83 7.24
C MET A 42 -28.09 -17.75 6.20
C MET A 42 -28.14 -17.69 6.21
N GLY A 43 -27.84 -17.13 5.04
CA GLY A 43 -28.86 -17.10 4.00
C GLY A 43 -29.30 -18.50 3.62
N LEU A 44 -28.36 -19.43 3.56
CA LEU A 44 -28.71 -20.79 3.21
C LEU A 44 -29.53 -21.43 4.32
N ARG A 45 -29.14 -21.16 5.56
CA ARG A 45 -29.94 -21.59 6.69
C ARG A 45 -31.39 -21.14 6.55
N ARG A 46 -31.60 -19.83 6.32
CA ARG A 46 -32.96 -19.30 6.18
C ARG A 46 -33.67 -19.88 4.95
N LYS A 47 -32.94 -20.05 3.85
CA LYS A 47 -33.59 -20.44 2.61
C LYS A 47 -34.02 -21.90 2.62
N TYR A 48 -33.24 -22.78 3.26
CA TYR A 48 -33.44 -24.21 3.15
C TYR A 48 -33.97 -24.86 4.42
N ALA A 49 -34.08 -24.14 5.53
CA ALA A 49 -34.50 -24.78 6.77
C ALA A 49 -35.85 -25.48 6.58
N GLY A 50 -36.81 -24.80 5.96
CA GLY A 50 -38.12 -25.39 5.79
C GLY A 50 -38.08 -26.66 4.96
N GLN A 51 -37.21 -26.70 3.96
CA GLN A 51 -37.17 -27.84 3.05
C GLN A 51 -36.41 -29.03 3.64
N GLN A 52 -35.56 -28.81 4.64
CA GLN A 52 -34.81 -29.88 5.29
C GLN A 52 -34.06 -30.76 4.29
N PRO A 53 -33.25 -30.18 3.41
CA PRO A 53 -32.55 -31.00 2.40
C PRO A 53 -31.59 -32.02 2.99
N LEU A 54 -31.12 -31.85 4.22
CA LEU A 54 -30.20 -32.80 4.82
C LEU A 54 -30.87 -33.72 5.83
N LYS A 55 -32.20 -33.74 5.88
CA LYS A 55 -32.89 -34.72 6.72
C LYS A 55 -32.44 -36.13 6.34
N GLY A 56 -31.96 -36.88 7.33
CA GLY A 56 -31.44 -38.21 7.12
C GLY A 56 -29.95 -38.26 6.93
N ALA A 57 -29.30 -37.12 6.68
CA ALA A 57 -27.86 -37.09 6.53
C ALA A 57 -27.22 -37.32 7.90
N LYS A 58 -26.15 -38.12 7.91
CA LYS A 58 -25.38 -38.40 9.11
C LYS A 58 -23.92 -38.13 8.74
N ILE A 59 -23.44 -36.94 9.12
CA ILE A 59 -22.19 -36.38 8.61
C ILE A 59 -21.08 -36.58 9.62
N LEU A 60 -20.00 -37.24 9.18
CA LEU A 60 -18.74 -37.22 9.89
C LEU A 60 -17.97 -35.96 9.47
N GLY A 61 -17.63 -35.12 10.43
CA GLY A 61 -16.95 -33.88 10.09
C GLY A 61 -15.59 -33.78 10.76
N CYS A 62 -14.57 -33.36 10.01
CA CYS A 62 -13.21 -33.22 10.54
C CYS A 62 -12.67 -31.91 9.99
N ILE A 63 -12.83 -30.84 10.78
CA ILE A 63 -12.29 -29.53 10.41
C ILE A 63 -12.17 -28.69 11.67
N HIS A 64 -11.10 -27.89 11.73
CA HIS A 64 -10.78 -26.96 12.80
C HIS A 64 -11.99 -26.52 13.59
N MET A 65 -12.04 -26.85 14.87
CA MET A 65 -13.24 -26.60 15.68
C MET A 65 -13.22 -25.17 16.24
N THR A 66 -13.45 -24.23 15.32
CA THR A 66 -13.49 -22.79 15.59
C THR A 66 -14.93 -22.34 15.71
N ILE A 67 -15.10 -21.08 16.10
CA ILE A 67 -16.41 -20.45 16.07
C ILE A 67 -17.02 -20.52 14.66
N GLN A 68 -16.18 -20.36 13.63
CA GLN A 68 -16.69 -20.38 12.25
C GLN A 68 -17.21 -21.77 11.89
N THR A 69 -16.46 -22.80 12.28
CA THR A 69 -16.95 -24.16 12.08
C THR A 69 -18.22 -24.42 12.87
N GLY A 70 -18.37 -23.80 14.04
CA GLY A 70 -19.61 -23.92 14.79
C GLY A 70 -20.82 -23.43 14.01
N VAL A 71 -20.68 -22.30 13.32
CA VAL A 71 -21.79 -21.79 12.52
C VAL A 71 -22.10 -22.75 11.38
N LEU A 72 -21.05 -23.32 10.77
CA LEU A 72 -21.24 -24.36 9.75
C LEU A 72 -21.99 -25.57 10.29
N ILE A 73 -21.51 -26.13 11.39
CA ILE A 73 -22.17 -27.29 12.02
C ILE A 73 -23.65 -27.00 12.25
N GLU A 74 -23.96 -25.87 12.88
CA GLU A 74 -25.36 -25.61 13.24
C GLU A 74 -26.20 -25.30 12.01
N THR A 75 -25.58 -24.88 10.91
CA THR A 75 -26.33 -24.77 9.66
C THR A 75 -26.69 -26.14 9.13
N LEU A 76 -25.72 -27.07 9.09
CA LEU A 76 -26.03 -28.43 8.64
C LEU A 76 -27.14 -29.04 9.49
N VAL A 77 -27.06 -28.84 10.81
CA VAL A 77 -28.11 -29.37 11.71
C VAL A 77 -29.46 -28.71 11.43
N ALA A 78 -29.47 -27.38 11.24
CA ALA A 78 -30.72 -26.70 10.99
C ALA A 78 -31.36 -27.14 9.69
N LEU A 79 -30.57 -27.65 8.74
CA LEU A 79 -31.09 -28.21 7.49
C LEU A 79 -31.43 -29.69 7.59
N GLY A 80 -31.30 -30.30 8.78
CA GLY A 80 -31.77 -31.66 9.01
C GLY A 80 -30.70 -32.67 9.35
N ALA A 81 -29.42 -32.36 9.22
CA ALA A 81 -28.38 -33.37 9.41
C ALA A 81 -28.19 -33.67 10.90
N GLU A 82 -27.72 -34.89 11.17
CA GLU A 82 -26.97 -35.22 12.37
C GLU A 82 -25.49 -35.22 12.04
N VAL A 83 -24.65 -34.85 13.02
CA VAL A 83 -23.21 -34.81 12.79
C VAL A 83 -22.47 -35.38 13.99
N ARG A 84 -21.22 -35.82 13.75
CA ARG A 84 -20.26 -36.16 14.79
C ARG A 84 -18.94 -35.53 14.37
N TRP A 85 -18.32 -34.73 15.25
CA TRP A 85 -17.31 -33.76 14.81
C TRP A 85 -15.98 -33.90 15.53
N SER A 86 -14.89 -33.63 14.80
CA SER A 86 -13.56 -33.50 15.40
C SER A 86 -12.80 -32.40 14.68
N SER A 87 -11.70 -31.94 15.27
CA SER A 87 -10.84 -30.96 14.62
C SER A 87 -9.84 -31.68 13.72
N CYS A 88 -9.35 -30.97 12.69
CA CYS A 88 -8.31 -31.52 11.81
C CYS A 88 -6.91 -31.01 12.15
N ASN A 89 -6.73 -30.42 13.35
CA ASN A 89 -5.40 -30.04 13.80
C ASN A 89 -5.37 -30.02 15.32
N ILE A 90 -4.24 -30.43 15.90
CA ILE A 90 -4.15 -30.51 17.35
C ILE A 90 -4.26 -29.16 18.04
N PHE A 91 -3.96 -28.03 17.37
CA PHE A 91 -3.90 -26.72 18.03
C PHE A 91 -4.97 -25.75 17.53
N SER A 92 -5.82 -26.14 16.59
CA SER A 92 -6.70 -25.18 15.94
C SER A 92 -8.05 -25.00 16.62
N THR A 93 -8.44 -25.87 17.55
CA THR A 93 -9.73 -25.70 18.22
C THR A 93 -9.76 -24.44 19.07
N GLN A 94 -10.89 -23.72 19.01
CA GLN A 94 -11.23 -22.71 20.01
C GLN A 94 -12.10 -23.37 21.05
N ASP A 95 -11.61 -23.43 22.29
CA ASP A 95 -12.27 -24.27 23.29
C ASP A 95 -13.66 -23.74 23.60
N GLN A 96 -13.90 -22.44 23.47
CA GLN A 96 -15.26 -21.95 23.70
C GLN A 96 -16.21 -22.37 22.57
N ALA A 97 -15.69 -22.54 21.34
CA ALA A 97 -16.54 -23.06 20.26
C ALA A 97 -16.90 -24.52 20.51
N ALA A 98 -15.91 -25.34 20.86
CA ALA A 98 -16.20 -26.74 21.12
C ALA A 98 -17.21 -26.88 22.26
N ALA A 99 -17.04 -26.06 23.32
CA ALA A 99 -17.96 -26.13 24.44
C ALA A 99 -19.39 -25.81 24.01
N ALA A 100 -19.57 -24.73 23.26
CA ALA A 100 -20.93 -24.35 22.88
C ALA A 100 -21.58 -25.43 22.02
N ILE A 101 -20.80 -26.11 21.19
CA ILE A 101 -21.37 -27.14 20.32
C ILE A 101 -21.78 -28.34 21.14
N ALA A 102 -20.91 -28.79 22.06
CA ALA A 102 -21.27 -29.88 22.95
C ALA A 102 -22.48 -29.50 23.80
N ALA A 103 -22.52 -28.27 24.31
CA ALA A 103 -23.65 -27.86 25.13
C ALA A 103 -24.95 -27.81 24.34
N ALA A 104 -24.86 -27.77 23.01
CA ALA A 104 -26.05 -27.84 22.18
C ALA A 104 -26.49 -29.28 21.91
N GLY A 105 -25.79 -30.27 22.44
CA GLY A 105 -26.20 -31.64 22.19
C GLY A 105 -25.58 -32.25 20.94
N ILE A 106 -24.48 -31.70 20.45
CA ILE A 106 -23.85 -32.15 19.22
C ILE A 106 -22.56 -32.87 19.59
N PRO A 107 -22.36 -34.13 19.18
CA PRO A 107 -21.12 -34.83 19.52
C PRO A 107 -19.90 -34.17 18.89
N VAL A 108 -18.97 -33.75 19.75
CA VAL A 108 -17.75 -33.10 19.29
C VAL A 108 -16.61 -33.55 20.18
N PHE A 109 -15.46 -33.88 19.56
CA PHE A 109 -14.28 -34.36 20.28
C PHE A 109 -13.11 -33.51 19.81
N ALA A 110 -12.72 -32.52 20.62
CA ALA A 110 -11.82 -31.47 20.12
C ALA A 110 -11.43 -30.54 21.26
N TRP A 111 -10.13 -30.26 21.39
CA TRP A 111 -9.66 -29.23 22.30
C TRP A 111 -8.33 -28.71 21.79
N LYS A 112 -8.01 -27.49 22.20
CA LYS A 112 -6.73 -26.93 21.83
C LYS A 112 -5.62 -27.62 22.61
N GLY A 113 -4.60 -28.12 21.88
CA GLY A 113 -3.46 -28.71 22.53
C GLY A 113 -3.54 -30.20 22.70
N GLU A 114 -4.20 -30.89 21.76
CA GLU A 114 -4.22 -32.35 21.76
C GLU A 114 -2.83 -32.88 21.51
N THR A 115 -2.55 -34.08 22.06
CA THR A 115 -1.42 -34.86 21.57
C THR A 115 -1.82 -35.56 20.27
N GLU A 116 -0.83 -36.10 19.56
CA GLU A 116 -1.15 -36.83 18.34
C GLU A 116 -2.04 -38.02 18.64
N GLU A 117 -1.78 -38.73 19.75
CA GLU A 117 -2.63 -39.86 20.14
C GLU A 117 -4.06 -39.40 20.35
N GLU A 118 -4.24 -38.30 21.10
CA GLU A 118 -5.56 -37.75 21.35
C GLU A 118 -6.24 -37.32 20.05
N TYR A 119 -5.48 -36.73 19.12
CA TYR A 119 -6.02 -36.34 17.82
C TYR A 119 -6.67 -37.53 17.11
N GLU A 120 -5.94 -38.64 17.02
CA GLU A 120 -6.49 -39.82 16.36
C GLU A 120 -7.69 -40.37 17.11
N TRP A 121 -7.62 -40.39 18.44
CA TRP A 121 -8.75 -40.85 19.27
C TRP A 121 -9.99 -40.01 19.02
N CYS A 122 -9.82 -38.70 18.88
CA CYS A 122 -10.98 -37.83 18.61
C CYS A 122 -11.66 -38.20 17.29
N ILE A 123 -10.87 -38.38 16.22
CA ILE A 123 -11.48 -38.80 14.97
C ILE A 123 -12.23 -40.11 15.16
N GLU A 124 -11.61 -41.08 15.87
CA GLU A 124 -12.28 -42.36 16.03
C GLU A 124 -13.56 -42.25 16.86
N GLN A 125 -13.64 -41.31 17.78
CA GLN A 125 -14.88 -41.09 18.53
C GLN A 125 -16.00 -40.57 17.63
N THR A 126 -15.66 -39.87 16.54
CA THR A 126 -16.72 -39.52 15.59
C THR A 126 -17.16 -40.75 14.81
N ILE A 127 -16.19 -41.59 14.43
CA ILE A 127 -16.49 -42.78 13.60
C ILE A 127 -17.27 -43.82 14.38
N LEU A 128 -16.97 -43.99 15.67
CA LEU A 128 -17.63 -44.97 16.52
C LEU A 128 -18.70 -44.28 17.36
N LYS A 129 -19.85 -44.93 17.48
CA LYS A 129 -20.86 -44.52 18.45
C LYS A 129 -21.18 -45.73 19.29
N ASP A 130 -20.98 -45.61 20.59
CA ASP A 130 -21.24 -46.72 21.53
C ASP A 130 -20.43 -47.94 21.14
N GLY A 131 -19.18 -47.73 20.75
CA GLY A 131 -18.28 -48.83 20.47
C GLY A 131 -18.39 -49.47 19.09
N GLN A 132 -19.30 -49.01 18.24
CA GLN A 132 -19.51 -49.60 16.93
C GLN A 132 -19.59 -48.50 15.90
N PRO A 133 -19.29 -48.80 14.65
CA PRO A 133 -19.36 -47.76 13.63
C PRO A 133 -20.73 -47.11 13.61
N TRP A 134 -20.71 -45.78 13.66
CA TRP A 134 -21.90 -44.98 13.39
C TRP A 134 -22.39 -45.26 11.98
N ASP A 135 -23.70 -45.16 11.77
CA ASP A 135 -24.26 -45.32 10.43
C ASP A 135 -24.12 -44.01 9.63
N ALA A 136 -22.87 -43.56 9.52
CA ALA A 136 -22.55 -42.36 8.75
C ALA A 136 -22.89 -42.57 7.28
N ASN A 137 -23.28 -41.47 6.62
CA ASN A 137 -23.49 -41.55 5.18
C ASN A 137 -22.96 -40.33 4.44
N MET A 138 -22.32 -39.38 5.14
CA MET A 138 -21.66 -38.24 4.53
C MET A 138 -20.37 -37.93 5.31
N VAL A 139 -19.40 -37.36 4.59
CA VAL A 139 -18.10 -36.97 5.14
C VAL A 139 -17.80 -35.53 4.74
N LEU A 140 -17.38 -34.72 5.71
CA LEU A 140 -16.87 -33.39 5.47
C LEU A 140 -15.48 -33.31 6.09
N ASP A 141 -14.46 -33.01 5.27
CA ASP A 141 -13.07 -33.18 5.66
C ASP A 141 -12.26 -31.95 5.25
N ASP A 142 -11.15 -31.75 5.96
CA ASP A 142 -10.26 -30.60 5.79
C ASP A 142 -8.84 -31.15 5.93
N GLY A 143 -8.23 -31.51 4.81
CA GLY A 143 -6.88 -32.04 4.82
C GLY A 143 -6.79 -33.52 4.49
N GLY A 144 -7.92 -34.25 4.52
CA GLY A 144 -7.97 -35.66 4.15
C GLY A 144 -7.68 -36.67 5.26
N ASP A 145 -7.51 -36.24 6.51
CA ASP A 145 -7.16 -37.23 7.54
C ASP A 145 -8.33 -38.18 7.83
N LEU A 146 -9.56 -37.66 7.93
CA LEU A 146 -10.71 -38.52 8.19
C LEU A 146 -11.00 -39.41 6.98
N THR A 147 -10.90 -38.82 5.78
CA THR A 147 -10.99 -39.59 4.54
C THR A 147 -10.02 -40.78 4.55
N GLU A 148 -8.78 -40.54 4.99
CA GLU A 148 -7.75 -41.57 4.98
C GLU A 148 -8.07 -42.68 5.98
N ILE A 149 -8.48 -42.29 7.20
CA ILE A 149 -8.78 -43.27 8.23
C ILE A 149 -9.96 -44.16 7.83
N LEU A 150 -11.02 -43.57 7.26
CA LEU A 150 -12.13 -44.41 6.78
C LEU A 150 -11.64 -45.41 5.74
N HIS A 151 -10.88 -44.95 4.74
CA HIS A 151 -10.46 -45.88 3.68
C HIS A 151 -9.53 -46.95 4.24
N LYS A 152 -8.61 -46.55 5.12
CA LYS A 152 -7.59 -47.46 5.61
C LYS A 152 -8.15 -48.44 6.63
N LYS A 153 -8.93 -47.94 7.59
CA LYS A 153 -9.28 -48.72 8.77
C LYS A 153 -10.74 -49.13 8.84
N TYR A 154 -11.65 -48.38 8.21
CA TYR A 154 -13.08 -48.68 8.25
C TYR A 154 -13.65 -48.73 6.83
N PRO A 155 -13.02 -49.47 5.92
CA PRO A 155 -13.52 -49.52 4.54
C PRO A 155 -14.99 -49.89 4.42
N GLN A 156 -15.52 -50.78 5.27
CA GLN A 156 -16.91 -51.16 5.12
C GLN A 156 -17.85 -49.97 5.35
N MET A 157 -17.44 -49.00 6.16
CA MET A 157 -18.29 -47.83 6.35
C MET A 157 -18.52 -47.06 5.06
N LEU A 158 -17.52 -47.05 4.18
CA LEU A 158 -17.66 -46.29 2.93
C LEU A 158 -18.73 -46.88 2.03
N GLU A 159 -19.16 -48.12 2.28
CA GLU A 159 -20.25 -48.70 1.48
C GLU A 159 -21.56 -47.96 1.66
N ARG A 160 -21.70 -47.18 2.73
CA ARG A 160 -22.94 -46.46 3.03
C ARG A 160 -22.82 -44.96 2.83
N ILE A 161 -21.66 -44.48 2.39
CA ILE A 161 -21.37 -43.04 2.36
C ILE A 161 -21.57 -42.52 0.94
N HIS A 162 -22.33 -41.43 0.81
CA HIS A 162 -22.68 -40.88 -0.49
C HIS A 162 -21.63 -39.93 -1.05
N GLY A 163 -20.80 -39.34 -0.21
CA GLY A 163 -19.78 -38.46 -0.74
C GLY A 163 -18.93 -37.83 0.35
N ILE A 164 -17.83 -37.23 -0.11
CA ILE A 164 -16.89 -36.45 0.68
C ILE A 164 -16.89 -35.03 0.14
N THR A 165 -16.92 -34.03 1.03
CA THR A 165 -16.74 -32.65 0.64
C THR A 165 -15.45 -32.14 1.29
N GLU A 166 -14.42 -31.91 0.49
CA GLU A 166 -13.08 -31.64 0.98
C GLU A 166 -12.75 -30.16 0.85
N GLU A 167 -12.23 -29.60 1.95
CA GLU A 167 -12.09 -28.16 2.12
C GLU A 167 -10.81 -27.58 1.50
N THR A 168 -9.67 -28.26 1.58
CA THR A 168 -8.42 -27.54 1.40
C THR A 168 -7.51 -28.18 0.34
N THR A 169 -6.55 -27.38 -0.11
CA THR A 169 -5.71 -27.76 -1.25
C THR A 169 -5.04 -29.11 -1.01
N THR A 170 -4.45 -29.29 0.16
CA THR A 170 -3.75 -30.54 0.46
C THR A 170 -4.71 -31.74 0.41
N GLY A 171 -5.92 -31.58 0.94
CA GLY A 171 -6.89 -32.67 0.90
C GLY A 171 -7.31 -33.02 -0.51
N VAL A 172 -7.51 -32.00 -1.34
CA VAL A 172 -7.86 -32.28 -2.74
C VAL A 172 -6.75 -33.06 -3.42
N HIS A 173 -5.50 -32.67 -3.17
CA HIS A 173 -4.40 -33.39 -3.81
C HIS A 173 -4.44 -34.86 -3.43
N ARG A 174 -4.73 -35.17 -2.17
CA ARG A 174 -4.81 -36.55 -1.72
C ARG A 174 -5.97 -37.28 -2.38
N LEU A 175 -7.12 -36.61 -2.54
CA LEU A 175 -8.25 -37.22 -3.25
C LEU A 175 -7.91 -37.53 -4.70
N LEU A 176 -7.28 -36.57 -5.38
CA LEU A 176 -6.93 -36.78 -6.79
C LEU A 176 -5.95 -37.94 -6.94
N ASP A 177 -4.98 -38.05 -6.03
CA ASP A 177 -4.06 -39.20 -6.08
CA ASP A 177 -4.06 -39.20 -6.08
C ASP A 177 -4.82 -40.50 -5.90
N MET A 178 -5.77 -40.54 -4.96
CA MET A 178 -6.55 -41.76 -4.76
C MET A 178 -7.37 -42.09 -6.00
N LEU A 179 -8.04 -41.08 -6.56
CA LEU A 179 -8.81 -41.28 -7.78
C LEU A 179 -7.93 -41.86 -8.89
N LYS A 180 -6.72 -41.29 -9.07
CA LYS A 180 -5.88 -41.80 -10.15
C LYS A 180 -5.40 -43.23 -9.86
N ASN A 181 -5.26 -43.61 -8.59
CA ASN A 181 -4.83 -44.95 -8.24
C ASN A 181 -5.98 -45.95 -8.08
N GLY A 182 -7.23 -45.52 -8.27
CA GLY A 182 -8.35 -46.42 -8.13
C GLY A 182 -8.68 -46.79 -6.70
N THR A 183 -8.24 -46.01 -5.73
CA THR A 183 -8.51 -46.33 -4.33
C THR A 183 -9.57 -45.43 -3.68
N LEU A 184 -10.04 -44.38 -4.36
CA LEU A 184 -11.16 -43.60 -3.83
C LEU A 184 -12.46 -44.40 -3.98
N LYS A 185 -13.20 -44.54 -2.87
CA LYS A 185 -14.39 -45.39 -2.83
C LYS A 185 -15.71 -44.64 -2.96
N VAL A 186 -15.71 -43.31 -2.82
CA VAL A 186 -16.94 -42.51 -2.95
C VAL A 186 -16.62 -41.22 -3.66
N PRO A 187 -17.62 -40.61 -4.31
CA PRO A 187 -17.38 -39.34 -5.00
C PRO A 187 -17.10 -38.21 -4.03
N ALA A 188 -16.46 -37.16 -4.53
CA ALA A 188 -16.07 -36.03 -3.72
C ALA A 188 -16.35 -34.74 -4.49
N ILE A 189 -16.62 -33.69 -3.73
CA ILE A 189 -16.58 -32.32 -4.24
C ILE A 189 -15.37 -31.60 -3.67
N ASN A 190 -14.58 -31.04 -4.58
CA ASN A 190 -13.45 -30.15 -4.26
C ASN A 190 -14.04 -28.79 -3.95
N VAL A 191 -14.24 -28.50 -2.66
CA VAL A 191 -14.76 -27.20 -2.28
C VAL A 191 -13.66 -26.14 -2.38
N ASN A 192 -12.40 -26.55 -2.25
CA ASN A 192 -11.29 -25.62 -2.29
C ASN A 192 -11.31 -24.75 -3.54
N ASP A 193 -11.65 -25.34 -4.71
CA ASP A 193 -11.45 -24.58 -5.93
C ASP A 193 -12.68 -23.80 -6.41
N SER A 194 -13.72 -23.65 -5.59
CA SER A 194 -14.61 -22.50 -5.81
C SER A 194 -13.80 -21.23 -5.69
N VAL A 195 -14.11 -20.21 -6.50
CA VAL A 195 -13.38 -18.97 -6.39
C VAL A 195 -13.67 -18.32 -5.04
N THR A 196 -14.93 -18.43 -4.55
CA THR A 196 -15.28 -17.89 -3.24
C THR A 196 -14.72 -18.71 -2.11
N LYS A 197 -13.95 -19.74 -2.43
CA LYS A 197 -13.14 -20.44 -1.43
C LYS A 197 -11.68 -20.11 -1.69
N SER A 198 -11.07 -20.69 -2.72
CA SER A 198 -9.64 -20.56 -2.99
C SER A 198 -9.16 -19.11 -3.00
N LYS A 199 -9.87 -18.23 -3.71
CA LYS A 199 -9.37 -16.87 -3.92
C LYS A 199 -9.96 -15.89 -2.90
N ASN A 200 -10.49 -16.42 -1.81
CA ASN A 200 -11.06 -15.67 -0.71
C ASN A 200 -10.37 -16.14 0.57
N ASP A 201 -10.72 -17.36 0.98
CA ASP A 201 -10.16 -18.02 2.17
C ASP A 201 -8.64 -18.17 2.06
N ASN A 202 -8.16 -18.88 1.03
CA ASN A 202 -6.73 -19.22 1.03
C ASN A 202 -5.87 -17.97 1.01
N LYS A 203 -6.28 -16.96 0.25
CA LYS A 203 -5.51 -15.73 0.08
C LYS A 203 -5.84 -14.71 1.16
N TYR A 204 -7.06 -14.16 1.11
CA TYR A 204 -7.43 -13.10 2.04
C TYR A 204 -7.47 -13.59 3.47
N GLY A 205 -7.82 -14.86 3.70
CA GLY A 205 -7.82 -15.36 5.06
C GLY A 205 -6.44 -15.29 5.70
N CYS A 206 -5.41 -15.72 4.94
CA CYS A 206 -4.05 -15.66 5.47
C CYS A 206 -3.56 -14.21 5.60
N ARG A 207 -4.00 -13.33 4.70
N ARG A 207 -4.01 -13.33 4.72
CA ARG A 207 -3.67 -11.93 4.84
CA ARG A 207 -3.65 -11.92 4.84
C ARG A 207 -4.11 -11.40 6.19
C ARG A 207 -4.13 -11.38 6.18
N HIS A 208 -5.32 -11.78 6.61
CA HIS A 208 -5.86 -11.30 7.88
C HIS A 208 -5.16 -11.97 9.05
N SER A 209 -4.92 -13.27 8.96
CA SER A 209 -4.61 -14.06 10.16
C SER A 209 -3.12 -14.39 10.35
N LEU A 210 -2.26 -14.23 9.35
CA LEU A 210 -0.85 -14.52 9.58
C LEU A 210 -0.23 -13.47 10.50
N ASN A 211 -0.32 -12.18 10.16
CA ASN A 211 0.28 -11.19 11.05
CA ASN A 211 0.26 -11.16 11.04
C ASN A 211 -0.44 -11.17 12.39
N ASP A 212 -1.73 -11.54 12.42
CA ASP A 212 -2.46 -11.69 13.69
C ASP A 212 -1.77 -12.69 14.60
N ALA A 213 -1.48 -13.89 14.08
CA ALA A 213 -0.87 -14.95 14.88
C ALA A 213 0.54 -14.57 15.33
N ILE A 214 1.33 -13.95 14.45
CA ILE A 214 2.68 -13.57 14.85
C ILE A 214 2.63 -12.56 15.97
N LYS A 215 1.75 -11.57 15.85
CA LYS A 215 1.61 -10.58 16.92
C LYS A 215 1.17 -11.23 18.22
N ARG A 216 0.20 -12.16 18.17
CA ARG A 216 -0.25 -12.74 19.43
C ARG A 216 0.83 -13.59 20.07
N GLY A 217 1.60 -14.32 19.26
CA GLY A 217 2.62 -15.20 19.81
C GLY A 217 3.84 -14.46 20.36
N THR A 218 4.29 -13.41 19.68
CA THR A 218 5.56 -12.75 19.98
C THR A 218 5.43 -11.30 20.37
N ASP A 219 4.35 -10.64 19.95
CA ASP A 219 4.23 -9.19 20.02
C ASP A 219 5.45 -8.49 19.40
N HIS A 220 6.08 -9.12 18.41
CA HIS A 220 7.16 -8.46 17.70
C HIS A 220 6.67 -7.36 16.75
N LEU A 221 7.36 -6.22 16.78
CA LEU A 221 7.30 -5.30 15.65
C LEU A 221 7.68 -6.05 14.37
N LEU A 222 6.86 -5.88 13.33
CA LEU A 222 7.19 -6.45 12.02
C LEU A 222 7.78 -5.41 11.07
N SER A 223 7.31 -4.17 11.15
CA SER A 223 7.78 -3.08 10.30
C SER A 223 9.30 -3.00 10.31
N GLY A 224 9.90 -2.89 9.12
CA GLY A 224 11.35 -2.70 9.00
C GLY A 224 12.20 -3.95 9.08
N LYS A 225 11.61 -5.10 9.42
CA LYS A 225 12.34 -6.36 9.52
C LYS A 225 12.23 -7.14 8.21
N GLN A 226 13.08 -8.17 8.07
CA GLN A 226 13.17 -8.95 6.83
C GLN A 226 12.43 -10.26 6.98
N ALA A 227 11.56 -10.57 6.02
CA ALA A 227 10.85 -11.83 6.03
C ALA A 227 11.19 -12.60 4.77
N LEU A 228 11.16 -13.93 4.87
CA LEU A 228 11.22 -14.80 3.69
C LEU A 228 9.96 -15.65 3.69
N VAL A 229 9.14 -15.51 2.65
CA VAL A 229 7.96 -16.35 2.46
C VAL A 229 8.29 -17.43 1.43
N ILE A 230 8.18 -18.68 1.86
CA ILE A 230 8.42 -19.82 0.98
C ILE A 230 7.09 -20.19 0.34
N GLY A 231 6.98 -19.97 -0.96
CA GLY A 231 5.77 -20.22 -1.70
C GLY A 231 5.03 -18.93 -2.05
N TYR A 232 4.40 -18.92 -3.22
CA TYR A 232 3.60 -17.77 -3.66
C TYR A 232 2.36 -18.26 -4.42
N GLY A 233 1.73 -19.33 -3.92
CA GLY A 233 0.40 -19.72 -4.35
C GLY A 233 -0.64 -18.85 -3.66
N ASP A 234 -1.85 -19.39 -3.46
CA ASP A 234 -2.87 -18.54 -2.84
C ASP A 234 -2.48 -18.17 -1.41
N VAL A 235 -2.01 -19.14 -0.63
CA VAL A 235 -1.62 -18.87 0.76
C VAL A 235 -0.37 -18.00 0.81
N GLY A 236 0.60 -18.26 -0.08
CA GLY A 236 1.80 -17.45 -0.12
C GLY A 236 1.53 -16.02 -0.54
N LYS A 237 0.59 -15.85 -1.48
CA LYS A 237 0.19 -14.50 -1.88
C LYS A 237 -0.39 -13.74 -0.70
N GLY A 238 -1.34 -14.36 -0.01
CA GLY A 238 -1.97 -13.72 1.15
C GLY A 238 -1.00 -13.48 2.28
N SER A 239 -0.12 -14.46 2.54
CA SER A 239 0.87 -14.32 3.60
C SER A 239 1.84 -13.18 3.32
N SER A 240 2.35 -13.12 2.08
CA SER A 240 3.27 -12.04 1.70
C SER A 240 2.61 -10.69 1.91
N GLN A 241 1.33 -10.57 1.58
CA GLN A 241 0.63 -9.30 1.77
C GLN A 241 0.46 -9.01 3.25
N SER A 242 0.15 -10.06 4.04
CA SER A 242 -0.03 -9.88 5.49
C SER A 242 1.19 -9.21 6.08
N LEU A 243 2.39 -9.57 5.60
CA LEU A 243 3.64 -9.05 6.13
C LEU A 243 4.04 -7.72 5.50
N ARG A 244 3.92 -7.62 4.17
CA ARG A 244 4.27 -6.37 3.49
C ARG A 244 3.41 -5.21 3.96
N GLN A 245 2.13 -5.47 4.23
CA GLN A 245 1.28 -4.36 4.63
C GLN A 245 1.62 -3.84 6.02
N GLU A 246 2.32 -4.64 6.83
CA GLU A 246 2.83 -4.19 8.13
C GLU A 246 4.19 -3.48 8.01
N GLY A 247 4.76 -3.44 6.81
CA GLY A 247 6.04 -2.78 6.58
C GLY A 247 7.24 -3.71 6.59
N MET A 248 7.02 -5.02 6.49
CA MET A 248 8.16 -5.93 6.40
C MET A 248 8.79 -5.77 5.02
N ILE A 249 10.09 -6.02 4.96
CA ILE A 249 10.79 -6.17 3.68
C ILE A 249 10.69 -7.66 3.36
N VAL A 250 9.86 -8.01 2.38
CA VAL A 250 9.47 -9.40 2.12
C VAL A 250 10.17 -9.89 0.86
N LYS A 251 10.87 -11.01 0.99
CA LYS A 251 11.43 -11.77 -0.12
C LYS A 251 10.64 -13.06 -0.28
N VAL A 252 10.53 -13.55 -1.52
CA VAL A 252 9.63 -14.66 -1.82
C VAL A 252 10.45 -15.73 -2.53
N ALA A 253 10.31 -16.99 -2.09
CA ALA A 253 10.86 -18.11 -2.85
C ALA A 253 9.75 -18.88 -3.56
N GLU A 254 10.07 -19.37 -4.76
CA GLU A 254 9.11 -20.22 -5.48
C GLU A 254 9.86 -21.21 -6.35
N VAL A 255 9.20 -22.34 -6.61
CA VAL A 255 9.63 -23.26 -7.65
C VAL A 255 8.84 -23.05 -8.95
N ASP A 256 7.68 -22.38 -8.89
CA ASP A 256 6.84 -22.20 -10.07
C ASP A 256 7.17 -20.85 -10.68
N PRO A 257 7.75 -20.79 -11.89
CA PRO A 257 8.14 -19.48 -12.44
C PRO A 257 6.96 -18.55 -12.67
N ILE A 258 5.76 -19.09 -12.96
CA ILE A 258 4.61 -18.20 -13.11
C ILE A 258 4.30 -17.49 -11.80
N CYS A 259 4.24 -18.24 -10.70
CA CYS A 259 4.00 -17.61 -9.41
C CYS A 259 5.14 -16.67 -9.05
N ALA A 260 6.37 -17.02 -9.42
CA ALA A 260 7.49 -16.11 -9.17
C ALA A 260 7.32 -14.82 -9.97
N MET A 261 6.87 -14.93 -11.23
N MET A 261 6.87 -14.92 -11.23
CA MET A 261 6.62 -13.72 -12.01
CA MET A 261 6.63 -13.71 -12.01
C MET A 261 5.63 -12.81 -11.30
C MET A 261 5.62 -12.80 -11.31
N GLN A 262 4.56 -13.38 -10.75
CA GLN A 262 3.57 -12.57 -10.04
C GLN A 262 4.20 -11.87 -8.85
N ALA A 263 5.05 -12.59 -8.11
CA ALA A 263 5.69 -11.97 -6.94
C ALA A 263 6.56 -10.78 -7.36
N CYS A 264 7.34 -10.94 -8.43
CA CYS A 264 8.14 -9.82 -8.93
C CYS A 264 7.24 -8.64 -9.24
N MET A 265 6.20 -8.87 -10.03
CA MET A 265 5.33 -7.77 -10.42
C MET A 265 4.60 -7.18 -9.24
N ASP A 266 4.35 -7.98 -8.20
CA ASP A 266 3.72 -7.49 -6.98
C ASP A 266 4.68 -6.72 -6.09
N GLY A 267 5.93 -6.53 -6.53
CA GLY A 267 6.89 -5.73 -5.79
C GLY A 267 7.80 -6.48 -4.84
N PHE A 268 7.96 -7.79 -5.01
CA PHE A 268 8.81 -8.58 -4.13
C PHE A 268 10.06 -9.01 -4.86
N GLU A 269 11.15 -9.13 -4.10
CA GLU A 269 12.36 -9.75 -4.61
C GLU A 269 12.27 -11.28 -4.48
N VAL A 270 12.51 -12.01 -5.56
CA VAL A 270 12.45 -13.48 -5.55
C VAL A 270 13.84 -14.06 -5.36
N VAL A 271 13.98 -14.89 -4.32
CA VAL A 271 15.26 -15.43 -3.88
C VAL A 271 15.10 -16.89 -3.56
N SER A 272 16.22 -17.59 -3.53
CA SER A 272 16.18 -18.98 -3.12
C SER A 272 17.05 -19.19 -1.88
N PRO A 273 16.61 -20.03 -0.93
CA PRO A 273 17.52 -20.39 0.17
C PRO A 273 18.81 -21.05 -0.29
N TYR A 274 18.84 -21.61 -1.50
CA TYR A 274 20.01 -22.31 -2.02
C TYR A 274 20.66 -21.49 -3.12
N LYS A 275 22.00 -21.53 -3.15
CA LYS A 275 22.76 -20.84 -4.19
C LYS A 275 22.33 -21.35 -5.56
N ASN A 276 21.92 -20.43 -6.42
CA ASN A 276 21.44 -20.73 -7.76
C ASN A 276 20.21 -21.61 -7.76
N GLY A 277 19.55 -21.68 -6.60
CA GLY A 277 18.35 -22.49 -6.45
C GLY A 277 18.57 -23.97 -6.32
N ILE A 278 19.80 -24.45 -6.19
CA ILE A 278 20.10 -25.88 -6.23
C ILE A 278 20.46 -26.38 -4.84
N ASN A 279 19.67 -27.30 -4.31
CA ASN A 279 20.02 -27.97 -3.05
C ASN A 279 20.79 -29.26 -3.36
N ASP A 280 22.08 -29.28 -3.03
CA ASP A 280 22.91 -30.43 -3.37
C ASP A 280 23.17 -31.31 -2.15
N GLY A 281 22.40 -31.12 -1.08
CA GLY A 281 22.53 -31.92 0.11
C GLY A 281 23.54 -31.44 1.13
N THR A 282 24.26 -30.35 0.85
CA THR A 282 25.37 -29.94 1.69
C THR A 282 25.12 -28.54 2.21
N GLU A 283 25.76 -28.23 3.34
CA GLU A 283 25.63 -26.89 3.89
C GLU A 283 26.16 -25.83 2.93
N ALA A 284 27.15 -26.20 2.10
CA ALA A 284 27.75 -25.22 1.20
C ALA A 284 26.77 -24.69 0.17
N SER A 285 25.68 -25.42 -0.11
CA SER A 285 24.73 -24.88 -1.07
C SER A 285 23.73 -23.91 -0.43
N ILE A 286 23.71 -23.79 0.90
CA ILE A 286 22.87 -22.79 1.55
C ILE A 286 23.42 -21.40 1.31
N ASP A 287 22.54 -20.46 0.97
CA ASP A 287 22.92 -19.07 0.85
C ASP A 287 22.92 -18.48 2.26
N ALA A 288 24.04 -18.66 2.95
CA ALA A 288 24.13 -18.24 4.35
C ALA A 288 24.04 -16.73 4.51
N ALA A 289 24.58 -15.96 3.56
CA ALA A 289 24.44 -14.50 3.67
C ALA A 289 22.99 -14.07 3.65
N LEU A 290 22.18 -14.69 2.78
CA LEU A 290 20.76 -14.37 2.73
C LEU A 290 20.05 -14.79 4.02
N LEU A 291 20.23 -16.04 4.44
CA LEU A 291 19.47 -16.52 5.59
C LEU A 291 19.92 -15.80 6.85
N GLY A 292 21.17 -15.34 6.90
CA GLY A 292 21.66 -14.63 8.07
C GLY A 292 21.04 -13.27 8.28
N LYS A 293 20.24 -12.78 7.33
CA LYS A 293 19.61 -11.48 7.46
C LYS A 293 18.10 -11.57 7.64
N ILE A 294 17.54 -12.78 7.67
CA ILE A 294 16.09 -12.99 7.73
C ILE A 294 15.61 -13.03 9.17
N ASP A 295 14.62 -12.18 9.50
CA ASP A 295 14.02 -12.14 10.83
C ASP A 295 12.81 -13.06 10.99
N LEU A 296 12.22 -13.50 9.88
CA LEU A 296 10.97 -14.25 9.91
C LEU A 296 10.92 -15.10 8.66
N ILE A 297 10.69 -16.39 8.83
CA ILE A 297 10.44 -17.28 7.69
C ILE A 297 9.08 -17.93 7.87
N VAL A 298 8.30 -17.96 6.78
CA VAL A 298 6.94 -18.51 6.80
C VAL A 298 6.83 -19.49 5.66
N THR A 299 6.42 -20.72 5.94
CA THR A 299 6.26 -21.70 4.85
C THR A 299 4.79 -21.76 4.44
N THR A 300 4.53 -21.84 3.12
CA THR A 300 3.16 -21.76 2.60
C THR A 300 2.89 -22.75 1.48
N THR A 301 3.64 -23.83 1.39
CA THR A 301 3.72 -24.56 0.12
C THR A 301 2.79 -25.78 0.01
N GLY A 302 2.44 -26.44 1.11
CA GLY A 302 1.85 -27.76 0.98
C GLY A 302 2.83 -28.84 0.60
N ASN A 303 4.11 -28.53 0.61
CA ASN A 303 5.17 -29.45 0.21
C ASN A 303 5.93 -29.85 1.46
N VAL A 304 6.96 -30.67 1.28
CA VAL A 304 7.69 -31.26 2.40
C VAL A 304 9.09 -30.69 2.47
N ASN A 305 9.52 -30.33 3.69
CA ASN A 305 10.90 -29.97 4.00
C ASN A 305 11.37 -28.76 3.19
N VAL A 306 10.51 -27.73 3.11
CA VAL A 306 10.90 -26.51 2.39
C VAL A 306 11.61 -25.51 3.29
N CYS A 307 11.60 -25.71 4.60
CA CYS A 307 12.47 -24.97 5.54
C CYS A 307 13.23 -26.09 6.24
N ASP A 308 14.42 -26.43 5.71
CA ASP A 308 15.10 -27.66 6.11
C ASP A 308 16.15 -27.41 7.18
N ALA A 309 16.78 -28.49 7.63
CA ALA A 309 17.70 -28.37 8.77
C ALA A 309 18.83 -27.39 8.49
N ASN A 310 19.39 -27.45 7.28
CA ASN A 310 20.51 -26.58 6.97
C ASN A 310 20.09 -25.12 6.91
N MET A 311 18.86 -24.86 6.45
CA MET A 311 18.32 -23.52 6.50
C MET A 311 18.17 -23.05 7.94
N LEU A 312 17.66 -23.92 8.80
CA LEU A 312 17.46 -23.55 10.21
C LEU A 312 18.79 -23.25 10.89
N LYS A 313 19.85 -23.98 10.52
CA LYS A 313 21.17 -23.72 11.07
C LYS A 313 21.72 -22.37 10.64
N ALA A 314 21.33 -21.90 9.47
CA ALA A 314 21.86 -20.67 8.90
C ALA A 314 21.04 -19.43 9.25
N LEU A 315 19.80 -19.58 9.75
CA LEU A 315 18.97 -18.41 9.98
C LEU A 315 19.63 -17.47 10.98
N LYS A 316 19.33 -16.18 10.83
CA LYS A 316 19.73 -15.16 11.78
C LYS A 316 19.31 -15.53 13.21
N LYS A 317 20.18 -15.24 14.17
CA LYS A 317 19.83 -15.39 15.59
C LYS A 317 18.49 -14.72 15.90
N ARG A 318 17.63 -15.45 16.62
CA ARG A 318 16.35 -14.95 17.14
C ARG A 318 15.32 -14.74 16.05
N ALA A 319 15.53 -15.31 14.85
CA ALA A 319 14.47 -15.33 13.84
C ALA A 319 13.25 -16.13 14.32
N VAL A 320 12.08 -15.74 13.83
CA VAL A 320 10.83 -16.46 14.03
C VAL A 320 10.64 -17.42 12.85
N VAL A 321 10.26 -18.67 13.16
CA VAL A 321 9.99 -19.70 12.16
C VAL A 321 8.54 -20.13 12.34
N CYS A 322 7.78 -20.18 11.23
CA CYS A 322 6.40 -20.67 11.32
C CYS A 322 5.95 -21.20 9.97
N ASN A 323 4.86 -21.96 10.05
CA ASN A 323 4.26 -22.64 8.90
C ASN A 323 2.78 -22.34 8.87
N ILE A 324 2.27 -21.95 7.70
CA ILE A 324 0.83 -21.75 7.54
C ILE A 324 0.27 -22.69 6.47
N GLY A 325 1.08 -23.60 5.97
CA GLY A 325 0.57 -24.73 5.21
C GLY A 325 -0.15 -25.74 6.10
N HIS A 326 -0.84 -26.70 5.46
CA HIS A 326 -1.72 -27.58 6.24
C HIS A 326 -0.96 -28.44 7.25
N PHE A 327 0.23 -28.94 6.90
CA PHE A 327 0.91 -29.95 7.71
C PHE A 327 2.25 -29.43 8.18
N ASP A 328 2.70 -29.89 9.37
CA ASP A 328 3.90 -29.32 9.99
C ASP A 328 5.19 -29.77 9.31
N ASN A 329 5.16 -30.78 8.44
CA ASN A 329 6.43 -31.22 7.86
C ASN A 329 6.98 -30.28 6.79
N GLU A 330 6.37 -29.11 6.57
CA GLU A 330 7.03 -28.08 5.77
C GLU A 330 8.35 -27.68 6.39
N ILE A 331 8.45 -27.70 7.72
CA ILE A 331 9.65 -27.33 8.48
C ILE A 331 10.21 -28.60 9.10
N ASP A 332 11.55 -28.74 9.10
CA ASP A 332 12.15 -29.88 9.80
C ASP A 332 12.22 -29.61 11.31
N THR A 333 11.04 -29.66 11.96
CA THR A 333 11.01 -29.60 13.42
C THR A 333 11.61 -30.85 14.07
N ALA A 334 11.51 -32.01 13.43
CA ALA A 334 12.13 -33.20 14.01
C ALA A 334 13.64 -33.00 14.21
N PHE A 335 14.32 -32.41 13.23
CA PHE A 335 15.73 -32.10 13.42
C PHE A 335 15.92 -31.25 14.67
N MET A 336 15.09 -30.22 14.84
CA MET A 336 15.25 -29.35 16.01
C MET A 336 14.93 -30.09 17.32
N ARG A 337 13.98 -31.02 17.30
CA ARG A 337 13.72 -31.79 18.51
C ARG A 337 14.91 -32.66 18.85
N LYS A 338 15.52 -33.24 17.82
CA LYS A 338 16.67 -34.13 18.02
C LYS A 338 17.86 -33.40 18.60
N ASN A 339 18.10 -32.16 18.19
CA ASN A 339 19.41 -31.56 18.32
C ASN A 339 19.48 -30.35 19.24
N TRP A 340 18.36 -29.67 19.47
CA TRP A 340 18.35 -28.36 20.11
C TRP A 340 17.37 -28.37 21.28
N ALA A 341 17.65 -27.51 22.26
CA ALA A 341 16.88 -27.48 23.51
C ALA A 341 15.68 -26.53 23.38
N TRP A 342 14.50 -27.01 23.74
CA TRP A 342 13.28 -26.22 23.56
C TRP A 342 12.90 -25.59 24.89
N GLU A 343 12.66 -24.28 24.87
CA GLU A 343 12.21 -23.53 26.05
C GLU A 343 10.81 -23.01 25.74
N GLU A 344 9.81 -23.49 26.45
CA GLU A 344 8.46 -22.97 26.23
C GLU A 344 8.36 -21.54 26.77
N VAL A 345 8.01 -20.59 25.91
CA VAL A 345 7.72 -19.23 26.39
C VAL A 345 6.32 -19.17 26.99
N LYS A 346 5.34 -19.62 26.25
CA LYS A 346 3.96 -19.77 26.64
C LYS A 346 3.39 -20.80 25.66
N PRO A 347 2.14 -21.23 25.81
CA PRO A 347 1.63 -22.27 24.91
C PRO A 347 1.82 -21.87 23.46
N GLN A 348 2.23 -22.85 22.64
CA GLN A 348 2.48 -22.68 21.20
C GLN A 348 3.54 -21.61 20.88
N VAL A 349 4.47 -21.33 21.81
CA VAL A 349 5.60 -20.44 21.50
C VAL A 349 6.83 -21.03 22.17
N HIS A 350 7.82 -21.45 21.37
CA HIS A 350 9.01 -22.08 21.92
C HIS A 350 10.25 -21.36 21.42
N LYS A 351 11.19 -21.11 22.33
CA LYS A 351 12.54 -20.75 21.92
C LYS A 351 13.31 -22.03 21.70
N ILE A 352 14.01 -22.11 20.59
CA ILE A 352 14.77 -23.30 20.26
C ILE A 352 16.24 -22.91 20.27
N HIS A 353 16.97 -23.47 21.22
CA HIS A 353 18.31 -22.99 21.55
C HIS A 353 19.31 -23.81 20.75
N ARG A 354 20.04 -23.14 19.86
CA ARG A 354 20.93 -23.80 18.92
C ARG A 354 22.28 -24.13 19.55
N THR A 355 22.41 -23.94 20.86
CA THR A 355 23.65 -24.21 21.58
C THR A 355 23.83 -25.67 21.94
N GLY A 356 22.82 -26.50 21.83
CA GLY A 356 22.99 -27.87 22.26
C GLY A 356 21.66 -28.49 22.62
N LYS A 357 21.71 -29.79 22.89
CA LYS A 357 20.48 -30.54 23.07
C LYS A 357 20.03 -30.58 24.53
N ASP A 358 20.97 -30.66 25.46
CA ASP A 358 20.55 -31.00 26.81
C ASP A 358 19.99 -29.78 27.53
N GLY A 359 20.86 -28.91 28.05
CA GLY A 359 20.41 -27.72 28.72
C GLY A 359 20.34 -26.53 27.78
N PHE A 360 19.94 -25.40 28.35
CA PHE A 360 20.16 -24.11 27.71
C PHE A 360 20.43 -23.07 28.78
N ASP A 361 21.19 -22.04 28.40
CA ASP A 361 21.37 -20.84 29.21
C ASP A 361 20.14 -19.95 29.07
N ALA A 362 19.52 -19.58 30.20
CA ALA A 362 18.32 -18.76 30.15
C ALA A 362 18.51 -17.46 29.38
N HIS A 363 19.75 -16.97 29.32
CA HIS A 363 20.07 -15.72 28.63
C HIS A 363 20.81 -15.96 27.32
N ASN A 364 20.76 -17.19 26.80
CA ASN A 364 21.42 -17.48 25.52
C ASN A 364 20.83 -16.59 24.43
N ASP A 365 21.70 -16.04 23.59
CA ASP A 365 21.22 -15.20 22.49
C ASP A 365 21.00 -15.97 21.20
N ASP A 366 21.43 -17.23 21.13
CA ASP A 366 21.39 -18.02 19.88
C ASP A 366 20.23 -19.00 19.92
N TYR A 367 19.04 -18.49 19.65
CA TYR A 367 17.84 -19.30 19.61
C TYR A 367 17.00 -18.85 18.44
N LEU A 368 16.09 -19.72 18.00
CA LEU A 368 15.00 -19.32 17.13
C LEU A 368 13.69 -19.38 17.92
N ILE A 369 12.69 -18.62 17.46
CA ILE A 369 11.34 -18.74 18.02
C ILE A 369 10.45 -19.50 17.04
N LEU A 370 9.95 -20.65 17.47
CA LEU A 370 9.05 -21.48 16.66
C LEU A 370 7.62 -21.30 17.17
N LEU A 371 6.69 -21.03 16.25
CA LEU A 371 5.28 -20.88 16.62
C LEU A 371 4.49 -22.14 16.31
N ALA A 372 3.57 -22.48 17.22
CA ALA A 372 2.64 -23.60 17.11
C ALA A 372 3.36 -24.91 16.79
N GLU A 373 4.61 -25.04 17.23
CA GLU A 373 5.41 -26.24 16.96
C GLU A 373 5.37 -26.60 15.47
N GLY A 374 5.27 -25.59 14.62
CA GLY A 374 5.30 -25.81 13.17
C GLY A 374 3.96 -26.14 12.56
N ARG A 375 2.90 -26.25 13.36
CA ARG A 375 1.55 -26.49 12.86
C ARG A 375 0.95 -25.17 12.39
N LEU A 376 -0.15 -25.26 11.63
CA LEU A 376 -0.72 -24.06 11.01
C LEU A 376 -0.77 -22.92 11.99
N VAL A 377 -0.04 -21.84 11.68
CA VAL A 377 0.23 -20.83 12.72
C VAL A 377 -0.98 -19.93 12.92
N ASN A 378 -1.76 -19.69 11.86
CA ASN A 378 -2.85 -18.75 12.02
C ASN A 378 -3.89 -19.30 12.99
N LEU A 379 -4.14 -20.60 12.90
CA LEU A 379 -5.07 -21.26 13.82
C LEU A 379 -4.40 -21.60 15.15
N GLY A 380 -3.09 -21.87 15.15
CA GLY A 380 -2.40 -22.29 16.36
C GLY A 380 -2.17 -21.16 17.35
N ASN A 381 -1.81 -19.97 16.83
CA ASN A 381 -1.47 -18.83 17.68
C ASN A 381 -2.52 -17.72 17.63
N ALA A 382 -3.53 -17.82 16.78
CA ALA A 382 -4.61 -16.86 16.78
C ALA A 382 -5.92 -17.63 16.58
N THR A 383 -6.85 -17.16 15.75
CA THR A 383 -8.12 -17.85 15.60
C THR A 383 -8.41 -18.18 14.14
N GLY A 384 -7.37 -18.28 13.30
CA GLY A 384 -7.60 -18.56 11.91
C GLY A 384 -8.34 -17.43 11.19
N HIS A 385 -8.96 -17.78 10.08
CA HIS A 385 -9.61 -16.75 9.27
C HIS A 385 -10.81 -16.18 9.99
N PRO A 386 -11.20 -14.94 9.68
CA PRO A 386 -12.38 -14.33 10.29
C PRO A 386 -13.68 -14.87 9.69
N SER A 387 -14.74 -14.74 10.47
CA SER A 387 -16.05 -15.27 10.04
C SER A 387 -16.46 -14.77 8.65
N ARG A 388 -16.27 -13.48 8.35
CA ARG A 388 -16.82 -13.00 7.08
C ARG A 388 -16.11 -13.64 5.89
N ILE A 389 -14.89 -14.12 6.07
CA ILE A 389 -14.20 -14.85 5.02
C ILE A 389 -14.64 -16.31 5.01
N MET A 390 -14.71 -16.94 6.20
CA MET A 390 -15.12 -18.36 6.26
C MET A 390 -16.55 -18.55 5.76
N ASP A 391 -17.34 -17.47 5.74
CA ASP A 391 -18.67 -17.50 5.16
C ASP A 391 -18.67 -18.09 3.76
N GLY A 392 -17.78 -17.58 2.91
CA GLY A 392 -17.73 -18.09 1.54
C GLY A 392 -17.41 -19.57 1.51
N SER A 393 -16.34 -19.98 2.19
CA SER A 393 -15.94 -21.38 2.20
C SER A 393 -17.07 -22.27 2.69
N PHE A 394 -17.71 -21.87 3.79
CA PHE A 394 -18.67 -22.77 4.41
C PHE A 394 -20.04 -22.74 3.74
N ALA A 395 -20.40 -21.64 3.06
CA ALA A 395 -21.56 -21.72 2.17
C ALA A 395 -21.33 -22.75 1.06
N ASN A 396 -20.13 -22.78 0.49
CA ASN A 396 -19.81 -23.81 -0.50
C ASN A 396 -19.90 -25.21 0.10
N GLN A 397 -19.44 -25.39 1.35
CA GLN A 397 -19.52 -26.71 2.00
C GLN A 397 -20.97 -27.17 2.12
N VAL A 398 -21.84 -26.28 2.55
CA VAL A 398 -23.24 -26.67 2.70
C VAL A 398 -23.84 -27.08 1.35
N LEU A 399 -23.55 -26.30 0.32
CA LEU A 399 -24.08 -26.62 -1.02
C LEU A 399 -23.55 -27.96 -1.50
N ALA A 400 -22.26 -28.23 -1.25
CA ALA A 400 -21.66 -29.50 -1.65
C ALA A 400 -22.26 -30.68 -0.90
N GLN A 401 -22.47 -30.53 0.40
CA GLN A 401 -23.13 -31.58 1.19
C GLN A 401 -24.53 -31.84 0.64
N ILE A 402 -25.29 -30.78 0.39
CA ILE A 402 -26.65 -30.98 -0.12
C ILE A 402 -26.60 -31.74 -1.44
N HIS A 403 -25.69 -31.35 -2.32
CA HIS A 403 -25.67 -31.96 -3.65
C HIS A 403 -25.32 -33.44 -3.58
N LEU A 404 -24.25 -33.79 -2.86
CA LEU A 404 -23.84 -35.20 -2.82
C LEU A 404 -24.83 -36.06 -2.05
N PHE A 405 -25.39 -35.52 -0.96
CA PHE A 405 -26.38 -36.28 -0.21
C PHE A 405 -27.62 -36.57 -1.05
N GLU A 406 -28.05 -35.58 -1.85
CA GLU A 406 -29.23 -35.79 -2.67
C GLU A 406 -28.94 -36.76 -3.82
N GLN A 407 -27.69 -36.82 -4.28
CA GLN A 407 -27.32 -37.74 -5.36
C GLN A 407 -27.35 -39.21 -4.92
N LYS A 408 -27.20 -39.49 -3.63
CA LYS A 408 -27.34 -40.85 -3.07
C LYS A 408 -26.47 -41.88 -3.79
N TYR A 409 -25.17 -41.57 -3.91
CA TYR A 409 -24.25 -42.48 -4.62
C TYR A 409 -24.24 -43.88 -4.01
N ALA A 410 -24.30 -43.99 -2.68
CA ALA A 410 -24.22 -45.31 -2.07
C ALA A 410 -25.39 -46.22 -2.44
N ASP A 411 -26.50 -45.67 -2.90
CA ASP A 411 -27.68 -46.45 -3.28
C ASP A 411 -27.71 -46.82 -4.75
N LEU A 412 -26.70 -46.47 -5.50
CA LEU A 412 -26.76 -46.83 -6.91
C LEU A 412 -26.23 -48.23 -7.15
N PRO A 413 -26.68 -48.87 -8.22
CA PRO A 413 -26.10 -50.16 -8.60
C PRO A 413 -24.65 -49.99 -9.06
N ALA A 414 -23.87 -51.06 -8.90
CA ALA A 414 -22.43 -50.97 -9.11
C ALA A 414 -22.09 -50.31 -10.43
N ALA A 415 -22.86 -50.60 -11.48
CA ALA A 415 -22.60 -50.00 -12.79
C ALA A 415 -22.73 -48.49 -12.72
N GLU A 416 -23.87 -47.99 -12.25
CA GLU A 416 -24.04 -46.54 -12.14
C GLU A 416 -23.00 -45.90 -11.24
N LYS A 417 -22.42 -46.66 -10.30
CA LYS A 417 -21.43 -46.07 -9.40
C LYS A 417 -20.15 -45.74 -10.14
N ALA A 418 -19.67 -46.65 -11.00
CA ALA A 418 -18.46 -46.36 -11.77
C ALA A 418 -18.58 -45.06 -12.55
N LYS A 419 -19.79 -44.73 -13.00
CA LYS A 419 -19.98 -43.55 -13.83
C LYS A 419 -19.88 -42.26 -13.03
N ARG A 420 -20.24 -42.28 -11.74
CA ARG A 420 -20.27 -41.07 -10.94
C ARG A 420 -19.13 -41.00 -9.93
N LEU A 421 -18.18 -41.93 -9.98
CA LEU A 421 -17.04 -41.87 -9.08
C LEU A 421 -16.05 -40.80 -9.56
N SER A 422 -16.19 -39.58 -9.07
CA SER A 422 -15.42 -38.45 -9.57
C SER A 422 -15.06 -37.47 -8.45
N VAL A 423 -14.11 -36.59 -8.75
CA VAL A 423 -13.86 -35.41 -7.95
C VAL A 423 -14.27 -34.20 -8.79
N GLU A 424 -15.30 -33.48 -8.33
CA GLU A 424 -15.90 -32.40 -9.09
CA GLU A 424 -15.88 -32.39 -9.10
C GLU A 424 -15.89 -31.12 -8.27
N VAL A 425 -16.07 -30.00 -8.95
CA VAL A 425 -16.27 -28.71 -8.30
C VAL A 425 -17.74 -28.32 -8.44
N LEU A 426 -18.13 -27.31 -7.66
CA LEU A 426 -19.46 -26.73 -7.78
C LEU A 426 -19.60 -25.88 -9.04
N PRO A 427 -20.79 -25.83 -9.63
CA PRO A 427 -20.95 -25.03 -10.85
C PRO A 427 -20.74 -23.54 -10.57
N LYS A 428 -20.26 -22.84 -11.60
CA LYS A 428 -19.94 -21.42 -11.44
C LYS A 428 -21.15 -20.61 -11.01
N LYS A 429 -22.36 -20.99 -11.44
CA LYS A 429 -23.53 -20.24 -11.02
C LYS A 429 -23.66 -20.20 -9.50
N LEU A 430 -23.41 -21.33 -8.83
CA LEU A 430 -23.49 -21.34 -7.38
C LEU A 430 -22.36 -20.52 -6.76
N ASP A 431 -21.16 -20.61 -7.32
CA ASP A 431 -20.02 -19.78 -6.89
C ASP A 431 -20.40 -18.30 -6.92
N GLU A 432 -21.03 -17.86 -8.02
CA GLU A 432 -21.48 -16.47 -8.17
C GLU A 432 -22.54 -16.11 -7.13
N GLU A 433 -23.48 -17.03 -6.87
CA GLU A 433 -24.53 -16.72 -5.89
C GLU A 433 -23.95 -16.57 -4.49
N VAL A 434 -22.96 -17.40 -4.15
CA VAL A 434 -22.27 -17.21 -2.87
C VAL A 434 -21.58 -15.85 -2.84
N ALA A 435 -20.85 -15.51 -3.89
CA ALA A 435 -20.15 -14.22 -3.95
C ALA A 435 -21.11 -13.06 -3.79
N LEU A 436 -22.30 -13.17 -4.40
CA LEU A 436 -23.26 -12.07 -4.34
C LEU A 436 -23.71 -11.81 -2.91
N GLU A 437 -23.92 -12.88 -2.14
CA GLU A 437 -24.31 -12.69 -0.75
C GLU A 437 -23.17 -12.05 0.04
N MET A 438 -21.93 -12.43 -0.28
CA MET A 438 -20.77 -11.83 0.39
C MET A 438 -20.70 -10.34 0.09
N VAL A 439 -20.86 -9.98 -1.19
CA VAL A 439 -20.81 -8.57 -1.58
C VAL A 439 -21.90 -7.78 -0.87
N LYS A 440 -23.13 -8.31 -0.87
CA LYS A 440 -24.20 -7.65 -0.14
C LYS A 440 -23.85 -7.46 1.34
N GLY A 441 -23.08 -8.40 1.92
CA GLY A 441 -22.74 -8.27 3.33
C GLY A 441 -21.84 -7.08 3.61
N PHE A 442 -21.04 -6.69 2.64
CA PHE A 442 -20.25 -5.45 2.73
C PHE A 442 -21.08 -4.21 2.37
N GLY A 443 -22.34 -4.36 1.97
CA GLY A 443 -23.16 -3.27 1.46
C GLY A 443 -22.82 -2.91 0.01
N GLY A 444 -22.11 -3.79 -0.70
CA GLY A 444 -21.80 -3.52 -2.09
C GLY A 444 -23.02 -3.72 -3.00
N VAL A 445 -23.04 -2.97 -4.09
CA VAL A 445 -24.18 -3.01 -5.02
C VAL A 445 -23.66 -3.48 -6.38
N VAL A 446 -24.09 -4.68 -6.79
CA VAL A 446 -23.74 -5.25 -8.09
C VAL A 446 -24.66 -4.67 -9.14
N THR A 447 -24.10 -4.24 -10.27
CA THR A 447 -24.90 -3.73 -11.39
C THR A 447 -25.51 -4.88 -12.18
N GLN A 448 -26.73 -4.65 -12.67
CA GLN A 448 -27.42 -5.60 -13.53
C GLN A 448 -27.21 -5.24 -15.00
N LEU A 449 -26.76 -6.21 -15.80
CA LEU A 449 -26.63 -5.97 -17.23
C LEU A 449 -27.97 -5.65 -17.85
N THR A 450 -27.96 -4.77 -18.86
CA THR A 450 -29.12 -4.65 -19.72
C THR A 450 -29.16 -5.86 -20.65
N PRO A 451 -30.33 -6.13 -21.23
CA PRO A 451 -30.38 -7.19 -22.24
C PRO A 451 -29.40 -6.95 -23.38
N LYS A 452 -29.31 -5.71 -23.89
CA LYS A 452 -28.38 -5.44 -24.99
C LYS A 452 -26.93 -5.67 -24.56
N GLN A 453 -26.59 -5.32 -23.32
CA GLN A 453 -25.24 -5.55 -22.83
C GLN A 453 -24.95 -7.04 -22.69
N ALA A 454 -25.92 -7.80 -22.15
CA ALA A 454 -25.68 -9.23 -21.95
C ALA A 454 -25.53 -9.93 -23.29
N GLU A 455 -26.31 -9.51 -24.28
CA GLU A 455 -26.13 -10.06 -25.63
C GLU A 455 -24.76 -9.70 -26.17
N TYR A 456 -24.28 -8.48 -25.89
CA TYR A 456 -23.05 -8.00 -26.51
C TYR A 456 -21.85 -8.85 -26.08
N ILE A 457 -21.80 -9.24 -24.80
CA ILE A 457 -20.70 -10.05 -24.30
C ILE A 457 -21.04 -11.54 -24.24
N GLY A 458 -22.22 -11.92 -24.70
CA GLY A 458 -22.61 -13.32 -24.77
C GLY A 458 -22.90 -14.01 -23.46
N VAL A 459 -23.59 -13.33 -22.52
CA VAL A 459 -23.99 -13.95 -21.26
C VAL A 459 -25.49 -13.74 -21.04
N SER A 460 -26.05 -14.57 -20.17
CA SER A 460 -27.38 -14.29 -19.63
C SER A 460 -27.29 -13.17 -18.59
N VAL A 461 -28.38 -12.41 -18.48
CA VAL A 461 -28.38 -11.33 -17.49
C VAL A 461 -28.18 -11.86 -16.09
N GLU A 462 -28.59 -13.10 -15.84
CA GLU A 462 -28.48 -13.71 -14.53
C GLU A 462 -27.17 -14.47 -14.32
N GLY A 463 -26.28 -14.48 -15.32
CA GLY A 463 -25.06 -15.25 -15.24
C GLY A 463 -25.29 -16.70 -15.62
N PRO A 464 -24.20 -17.50 -15.64
CA PRO A 464 -22.86 -17.06 -15.24
C PRO A 464 -22.24 -16.05 -16.20
N PHE A 465 -21.27 -15.29 -15.68
CA PHE A 465 -20.71 -14.14 -16.38
C PHE A 465 -19.38 -14.43 -17.04
N LYS A 466 -18.76 -15.56 -16.75
CA LYS A 466 -17.44 -15.94 -17.22
C LYS A 466 -17.44 -17.38 -17.73
N PRO A 467 -16.59 -17.69 -18.71
CA PRO A 467 -16.42 -19.09 -19.10
C PRO A 467 -15.70 -19.85 -17.99
N ASP A 468 -15.83 -21.17 -18.03
CA ASP A 468 -15.23 -21.97 -16.97
C ASP A 468 -13.70 -21.85 -16.96
N THR A 469 -13.10 -21.43 -18.07
CA THR A 469 -11.65 -21.25 -18.11
C THR A 469 -11.17 -19.99 -17.41
N TYR A 470 -12.06 -19.10 -16.98
CA TYR A 470 -11.62 -17.81 -16.47
C TYR A 470 -10.92 -17.96 -15.12
N ARG A 471 -9.83 -17.20 -14.94
CA ARG A 471 -8.99 -17.38 -13.76
C ARG A 471 -9.17 -16.32 -12.68
N TYR A 472 -9.88 -15.22 -12.97
CA TYR A 472 -10.11 -14.12 -12.01
C TYR A 472 -8.79 -13.53 -11.50
N GLY B 12 11.14 -12.61 51.94
CA GLY B 12 9.93 -12.15 52.62
C GLY B 12 9.39 -10.82 52.10
N PHE B 13 9.68 -10.51 50.84
CA PHE B 13 9.26 -9.23 50.25
C PHE B 13 7.75 -9.23 50.05
N THR B 14 7.07 -8.23 50.62
CA THR B 14 5.61 -8.16 50.55
C THR B 14 5.09 -6.81 50.04
N ASP B 15 5.97 -5.90 49.62
CA ASP B 15 5.60 -4.50 49.36
C ASP B 15 5.15 -4.36 47.91
N TYR B 16 4.03 -5.00 47.59
CA TYR B 16 3.53 -5.02 46.22
C TYR B 16 2.09 -5.52 46.24
N LYS B 17 1.41 -5.36 45.09
CA LYS B 17 0.11 -6.03 44.89
C LYS B 17 -0.11 -6.25 43.41
N VAL B 18 -0.19 -7.52 43.02
CA VAL B 18 -0.34 -7.94 41.64
C VAL B 18 -1.40 -9.04 41.60
N ALA B 19 -1.84 -9.40 40.39
CA ALA B 19 -2.91 -10.39 40.27
C ALA B 19 -2.47 -11.77 40.74
N ASP B 20 -1.25 -12.18 40.37
CA ASP B 20 -0.85 -13.56 40.57
C ASP B 20 0.66 -13.63 40.47
N ILE B 21 1.32 -13.72 41.62
CA ILE B 21 2.78 -13.71 41.62
C ILE B 21 3.35 -14.93 40.89
N THR B 22 2.59 -16.02 40.77
CA THR B 22 3.12 -17.20 40.10
C THR B 22 3.27 -17.01 38.59
N LEU B 23 2.82 -15.88 38.05
CA LEU B 23 3.09 -15.58 36.64
C LEU B 23 4.49 -15.03 36.42
N ALA B 24 5.29 -14.88 37.48
CA ALA B 24 6.57 -14.20 37.40
C ALA B 24 7.52 -14.88 36.39
N ALA B 25 7.59 -16.21 36.40
CA ALA B 25 8.55 -16.87 35.51
C ALA B 25 8.20 -16.62 34.06
N TRP B 26 6.91 -16.66 33.72
CA TRP B 26 6.48 -16.34 32.38
C TRP B 26 6.82 -14.89 32.04
N GLY B 27 6.54 -13.97 32.97
CA GLY B 27 6.95 -12.59 32.73
C GLY B 27 8.44 -12.45 32.48
N ARG B 28 9.27 -13.20 33.23
CA ARG B 28 10.72 -13.09 33.06
C ARG B 28 11.16 -13.59 31.69
N ARG B 29 10.53 -14.67 31.20
CA ARG B 29 10.88 -15.13 29.85
C ARG B 29 10.59 -14.04 28.83
N GLU B 30 9.46 -13.37 29.00
CA GLU B 30 9.10 -12.31 28.05
C GLU B 30 9.97 -11.06 28.21
N LEU B 31 10.38 -10.71 29.43
CA LEU B 31 11.35 -9.63 29.61
C LEU B 31 12.66 -9.92 28.86
N ILE B 32 13.12 -11.17 28.91
CA ILE B 32 14.41 -11.52 28.30
C ILE B 32 14.33 -11.40 26.78
N ILE B 33 13.18 -11.82 26.20
CA ILE B 33 12.94 -11.56 24.79
C ILE B 33 12.91 -10.06 24.51
N ALA B 34 12.12 -9.31 25.31
CA ALA B 34 11.99 -7.87 25.08
C ALA B 34 13.34 -7.16 25.12
N GLU B 35 14.24 -7.56 26.03
CA GLU B 35 15.57 -6.95 26.06
C GLU B 35 16.25 -7.02 24.69
N SER B 36 16.11 -8.16 23.99
CA SER B 36 16.71 -8.32 22.67
C SER B 36 16.05 -7.45 21.62
N GLU B 37 14.84 -6.98 21.87
CA GLU B 37 14.12 -6.10 20.96
C GLU B 37 14.30 -4.63 21.28
N MET B 38 15.07 -4.28 22.32
CA MET B 38 15.16 -2.91 22.80
C MET B 38 16.62 -2.48 22.91
N PRO B 39 17.29 -2.33 21.77
CA PRO B 39 18.74 -2.05 21.80
C PRO B 39 19.09 -0.66 22.31
N ALA B 40 18.25 0.35 22.08
CA ALA B 40 18.59 1.68 22.59
C ALA B 40 18.54 1.68 24.10
N LEU B 41 17.49 1.09 24.65
CA LEU B 41 17.32 1.07 26.09
C LEU B 41 18.37 0.17 26.74
N MET B 42 18.62 -1.01 26.17
CA MET B 42 19.67 -1.85 26.74
C MET B 42 21.06 -1.26 26.52
N GLY B 43 21.25 -0.53 25.42
CA GLY B 43 22.50 0.18 25.23
C GLY B 43 22.78 1.14 26.37
N LEU B 44 21.76 1.89 26.78
CA LEU B 44 21.93 2.79 27.93
C LEU B 44 22.24 2.00 29.20
N ARG B 45 21.52 0.91 29.40
CA ARG B 45 21.79 0.06 30.56
C ARG B 45 23.26 -0.30 30.62
N ARG B 46 23.83 -0.73 29.48
CA ARG B 46 25.23 -1.12 29.46
C ARG B 46 26.16 0.08 29.57
N LYS B 47 25.79 1.20 28.96
CA LYS B 47 26.69 2.34 28.92
C LYS B 47 26.81 3.00 30.29
N TYR B 48 25.73 3.03 31.06
CA TYR B 48 25.70 3.81 32.29
C TYR B 48 25.78 2.96 33.54
N ALA B 49 25.75 1.63 33.42
CA ALA B 49 25.69 0.80 34.62
C ALA B 49 26.85 1.08 35.57
N GLY B 50 28.07 1.22 35.06
CA GLY B 50 29.21 1.44 35.93
C GLY B 50 29.17 2.78 36.63
N GLN B 51 28.68 3.82 35.96
CA GLN B 51 28.63 5.16 36.53
C GLN B 51 27.51 5.32 37.55
N GLN B 52 26.45 4.52 37.46
CA GLN B 52 25.32 4.61 38.38
C GLN B 52 24.80 6.04 38.47
N PRO B 53 24.38 6.64 37.35
CA PRO B 53 23.93 8.04 37.35
C PRO B 53 22.64 8.27 38.13
N LEU B 54 21.89 7.22 38.44
CA LEU B 54 20.66 7.35 39.19
C LEU B 54 20.80 6.85 40.61
N LYS B 55 22.03 6.62 41.07
CA LYS B 55 22.24 6.30 42.48
C LYS B 55 21.67 7.41 43.34
N GLY B 56 20.77 7.06 44.27
CA GLY B 56 20.13 8.05 45.11
C GLY B 56 18.80 8.54 44.57
N ALA B 57 18.47 8.25 43.32
CA ALA B 57 17.17 8.59 42.77
C ALA B 57 16.11 7.67 43.34
N LYS B 58 14.94 8.23 43.64
CA LYS B 58 13.83 7.47 44.19
CA LYS B 58 13.83 7.48 44.20
C LYS B 58 12.60 7.90 43.39
N ILE B 59 12.19 7.05 42.44
CA ILE B 59 11.29 7.44 41.36
C ILE B 59 9.90 6.90 41.64
N LEU B 60 8.92 7.80 41.67
CA LEU B 60 7.53 7.39 41.61
C LEU B 60 7.18 7.24 40.14
N GLY B 61 6.77 6.03 39.73
CA GLY B 61 6.45 5.79 38.32
C GLY B 61 5.00 5.37 38.14
N CYS B 62 4.30 6.02 37.20
CA CYS B 62 2.91 5.69 36.85
C CYS B 62 2.81 5.55 35.33
N ILE B 63 2.84 4.33 34.82
CA ILE B 63 2.72 4.07 33.38
C ILE B 63 2.40 2.60 33.21
N HIS B 64 1.52 2.30 32.24
CA HIS B 64 1.11 0.96 31.84
C HIS B 64 2.14 -0.10 32.21
N MET B 65 1.74 -1.06 33.06
CA MET B 65 2.67 -2.05 33.61
C MET B 65 2.71 -3.24 32.66
N THR B 66 3.30 -2.95 31.51
CA THR B 66 3.53 -3.91 30.44
C THR B 66 4.92 -4.52 30.56
N ILE B 67 5.17 -5.48 29.68
CA ILE B 67 6.51 -6.05 29.58
C ILE B 67 7.50 -4.96 29.22
N GLN B 68 7.11 -4.03 28.34
CA GLN B 68 8.02 -2.97 27.92
C GLN B 68 8.37 -2.05 29.09
N THR B 69 7.37 -1.71 29.89
CA THR B 69 7.62 -0.92 31.09
C THR B 69 8.53 -1.68 32.05
N GLY B 70 8.38 -3.00 32.13
CA GLY B 70 9.30 -3.81 32.93
C GLY B 70 10.76 -3.60 32.54
N VAL B 71 11.06 -3.56 31.24
CA VAL B 71 12.44 -3.33 30.83
C VAL B 71 12.88 -1.92 31.22
N LEU B 72 11.99 -0.94 31.08
CA LEU B 72 12.29 0.42 31.54
C LEU B 72 12.61 0.45 33.04
N ILE B 73 11.74 -0.16 33.85
CA ILE B 73 11.93 -0.18 35.30
C ILE B 73 13.29 -0.77 35.66
N GLU B 74 13.59 -1.93 35.09
CA GLU B 74 14.84 -2.59 35.42
C GLU B 74 16.05 -1.85 34.87
N THR B 75 15.87 -1.02 33.84
CA THR B 75 16.98 -0.17 33.43
C THR B 75 17.22 0.95 34.44
N LEU B 76 16.15 1.58 34.93
CA LEU B 76 16.31 2.60 35.97
C LEU B 76 16.97 2.01 37.20
N VAL B 77 16.54 0.82 37.63
CA VAL B 77 17.13 0.16 38.80
C VAL B 77 18.60 -0.22 38.55
N ALA B 78 18.90 -0.74 37.36
CA ALA B 78 20.29 -1.08 37.03
C ALA B 78 21.20 0.14 37.06
N LEU B 79 20.67 1.32 36.79
CA LEU B 79 21.47 2.55 36.83
C LEU B 79 21.49 3.19 38.21
N GLY B 80 20.89 2.55 39.21
CA GLY B 80 21.00 2.96 40.61
C GLY B 80 19.71 3.39 41.27
N ALA B 81 18.61 3.53 40.53
CA ALA B 81 17.41 4.08 41.13
C ALA B 81 16.68 3.06 42.00
N GLU B 82 15.91 3.58 42.96
CA GLU B 82 14.81 2.83 43.57
C GLU B 82 13.52 3.39 43.01
N VAL B 83 12.51 2.54 42.88
CA VAL B 83 11.23 2.94 42.28
C VAL B 83 10.09 2.34 43.08
N ARG B 84 8.92 2.97 42.95
CA ARG B 84 7.64 2.44 43.43
C ARG B 84 6.66 2.69 42.30
N TRP B 85 5.99 1.64 41.82
CA TRP B 85 5.36 1.71 40.50
C TRP B 85 3.87 1.41 40.53
N SER B 86 3.13 2.11 39.66
CA SER B 86 1.73 1.76 39.41
C SER B 86 1.43 1.93 37.92
N SER B 87 0.33 1.35 37.48
CA SER B 87 -0.13 1.52 36.10
C SER B 87 -0.90 2.84 35.95
N CYS B 88 -0.85 3.43 34.75
CA CYS B 88 -1.68 4.61 34.51
C CYS B 88 -3.00 4.29 33.79
N ASN B 89 -3.40 3.03 33.74
CA ASN B 89 -4.72 2.70 33.20
C ASN B 89 -5.19 1.39 33.82
N ILE B 90 -6.51 1.29 34.06
CA ILE B 90 -7.07 0.15 34.79
C ILE B 90 -6.99 -1.15 33.99
N PHE B 91 -6.88 -1.09 32.66
CA PHE B 91 -6.86 -2.30 31.83
C PHE B 91 -5.52 -2.56 31.14
N SER B 92 -4.47 -1.75 31.36
CA SER B 92 -3.29 -1.84 30.50
C SER B 92 -2.18 -2.74 31.05
N THR B 93 -2.23 -3.09 32.32
CA THR B 93 -1.23 -3.98 32.90
C THR B 93 -1.24 -5.36 32.23
N GLN B 94 -0.05 -5.88 31.95
CA GLN B 94 0.14 -7.30 31.67
C GLN B 94 0.51 -7.95 32.99
N ASP B 95 -0.37 -8.84 33.48
CA ASP B 95 -0.17 -9.40 34.80
C ASP B 95 1.14 -10.17 34.92
N GLN B 96 1.64 -10.80 33.83
CA GLN B 96 2.92 -11.49 33.97
C GLN B 96 4.09 -10.49 34.11
N ALA B 97 3.96 -9.30 33.52
CA ALA B 97 4.98 -8.28 33.70
C ALA B 97 4.99 -7.76 35.13
N ALA B 98 3.81 -7.47 35.67
CA ALA B 98 3.74 -7.01 37.06
C ALA B 98 4.30 -8.05 38.02
N ALA B 99 3.96 -9.32 37.80
CA ALA B 99 4.47 -10.39 38.66
C ALA B 99 6.01 -10.47 38.58
N ALA B 100 6.57 -10.40 37.37
CA ALA B 100 8.02 -10.47 37.26
C ALA B 100 8.69 -9.32 38.01
N ILE B 101 8.13 -8.11 37.94
CA ILE B 101 8.72 -6.97 38.64
C ILE B 101 8.62 -7.15 40.15
N ALA B 102 7.44 -7.54 40.64
CA ALA B 102 7.28 -7.79 42.07
C ALA B 102 8.22 -8.90 42.56
N ALA B 103 8.36 -9.98 41.77
CA ALA B 103 9.22 -11.07 42.20
C ALA B 103 10.69 -10.66 42.20
N ALA B 104 11.04 -9.58 41.51
CA ALA B 104 12.38 -9.04 41.55
C ALA B 104 12.60 -8.15 42.74
N GLY B 105 11.59 -7.94 43.59
CA GLY B 105 11.79 -7.14 44.78
C GLY B 105 11.49 -5.66 44.60
N ILE B 106 10.73 -5.32 43.57
CA ILE B 106 10.44 -3.95 43.19
C ILE B 106 8.98 -3.65 43.56
N PRO B 107 8.70 -2.63 44.37
CA PRO B 107 7.29 -2.36 44.70
C PRO B 107 6.50 -1.96 43.46
N VAL B 108 5.45 -2.74 43.17
CA VAL B 108 4.56 -2.47 42.04
C VAL B 108 3.15 -2.79 42.48
N PHE B 109 2.21 -1.90 42.17
CA PHE B 109 0.80 -2.07 42.54
C PHE B 109 0.00 -1.93 41.25
N ALA B 110 -0.38 -3.07 40.64
CA ALA B 110 -0.96 -2.99 39.30
C ALA B 110 -1.50 -4.36 38.89
N TRP B 111 -2.69 -4.36 38.32
CA TRP B 111 -3.22 -5.58 37.70
C TRP B 111 -4.19 -5.17 36.60
N LYS B 112 -4.40 -6.10 35.67
CA LYS B 112 -5.34 -5.85 34.60
C LYS B 112 -6.76 -5.98 35.13
N GLY B 113 -7.58 -4.97 34.89
CA GLY B 113 -8.95 -5.01 35.36
C GLY B 113 -9.22 -4.35 36.69
N GLU B 114 -8.49 -3.27 37.03
CA GLU B 114 -8.73 -2.56 38.29
C GLU B 114 -10.06 -1.83 38.24
N THR B 115 -10.67 -1.62 39.42
CA THR B 115 -11.73 -0.63 39.49
C THR B 115 -11.10 0.75 39.63
N GLU B 116 -11.92 1.78 39.48
CA GLU B 116 -11.39 3.13 39.65
C GLU B 116 -10.86 3.33 41.07
N GLU B 117 -11.55 2.77 42.07
CA GLU B 117 -11.07 2.89 43.45
C GLU B 117 -9.70 2.19 43.61
N GLU B 118 -9.56 0.99 43.03
CA GLU B 118 -8.29 0.27 43.13
C GLU B 118 -7.18 1.03 42.41
N TYR B 119 -7.51 1.65 41.27
CA TYR B 119 -6.53 2.45 40.53
C TYR B 119 -5.97 3.56 41.39
N GLU B 120 -6.84 4.27 42.10
CA GLU B 120 -6.42 5.34 42.97
C GLU B 120 -5.60 4.79 44.14
N TRP B 121 -6.04 3.67 44.71
CA TRP B 121 -5.29 3.04 45.79
C TRP B 121 -3.88 2.65 45.34
N CYS B 122 -3.76 2.12 44.11
CA CYS B 122 -2.42 1.73 43.65
C CYS B 122 -1.48 2.93 43.57
N ILE B 123 -1.94 4.05 43.04
CA ILE B 123 -1.05 5.21 42.99
C ILE B 123 -0.66 5.62 44.41
N GLU B 124 -1.63 5.63 45.31
CA GLU B 124 -1.36 6.01 46.68
C GLU B 124 -0.36 5.06 47.33
N GLN B 125 -0.36 3.78 46.94
CA GLN B 125 0.64 2.87 47.50
C GLN B 125 2.05 3.16 47.00
N THR B 126 2.21 3.83 45.85
CA THR B 126 3.57 4.22 45.48
C THR B 126 3.99 5.46 46.26
N ILE B 127 3.04 6.36 46.51
CA ILE B 127 3.32 7.64 47.17
C ILE B 127 3.68 7.42 48.63
N LEU B 128 2.98 6.52 49.30
CA LEU B 128 3.17 6.27 50.72
C LEU B 128 4.00 5.00 50.90
N LYS B 129 4.89 5.01 51.87
CA LYS B 129 5.55 3.77 52.28
C LYS B 129 5.38 3.62 53.77
N ASP B 130 4.86 2.48 54.21
CA ASP B 130 4.57 2.28 55.62
C ASP B 130 3.71 3.40 56.16
N GLY B 131 2.74 3.84 55.36
CA GLY B 131 1.76 4.80 55.81
C GLY B 131 2.24 6.23 55.90
N GLN B 132 3.43 6.54 55.40
CA GLN B 132 3.96 7.89 55.42
C GLN B 132 4.55 8.19 54.05
N PRO B 133 4.66 9.46 53.68
CA PRO B 133 5.23 9.80 52.38
C PRO B 133 6.57 9.13 52.16
N TRP B 134 6.74 8.51 50.99
CA TRP B 134 8.03 7.96 50.62
C TRP B 134 9.02 9.10 50.41
N ASP B 135 10.30 8.80 50.54
CA ASP B 135 11.29 9.87 50.29
C ASP B 135 11.56 10.01 48.78
N ALA B 136 10.48 10.24 48.03
CA ALA B 136 10.58 10.36 46.57
C ALA B 136 11.38 11.59 46.18
N ASN B 137 12.10 11.50 45.04
CA ASN B 137 12.72 12.71 44.53
C ASN B 137 12.66 12.80 43.01
N MET B 138 11.95 11.90 42.34
CA MET B 138 11.74 11.98 40.89
C MET B 138 10.38 11.41 40.55
N VAL B 139 9.79 11.85 39.43
CA VAL B 139 8.48 11.37 38.99
C VAL B 139 8.57 10.96 37.53
N LEU B 140 8.00 9.80 37.19
CA LEU B 140 7.86 9.37 35.80
C LEU B 140 6.37 9.10 35.60
N ASP B 141 5.75 9.83 34.68
CA ASP B 141 4.29 9.81 34.57
C ASP B 141 3.89 9.63 33.11
N ASP B 142 2.67 9.11 32.93
CA ASP B 142 2.09 8.88 31.61
C ASP B 142 0.64 9.31 31.74
N GLY B 143 0.36 10.56 31.37
CA GLY B 143 -0.98 11.09 31.34
C GLY B 143 -1.28 12.09 32.42
N GLY B 144 -0.42 12.20 33.43
CA GLY B 144 -0.57 13.24 34.42
C GLY B 144 -1.37 12.92 35.69
N ASP B 145 -1.90 11.69 35.85
CA ASP B 145 -2.70 11.42 37.05
C ASP B 145 -1.85 11.46 38.32
N LEU B 146 -0.69 10.81 38.31
CA LEU B 146 0.19 10.85 39.47
C LEU B 146 0.65 12.30 39.74
N THR B 147 0.99 13.04 38.68
CA THR B 147 1.40 14.44 38.83
C THR B 147 0.30 15.29 39.48
N GLU B 148 -0.95 15.07 39.07
CA GLU B 148 -2.06 15.81 39.63
C GLU B 148 -2.24 15.52 41.12
N ILE B 149 -2.21 14.23 41.49
CA ILE B 149 -2.37 13.82 42.89
C ILE B 149 -1.29 14.45 43.77
N LEU B 150 -0.05 14.49 43.28
CA LEU B 150 1.03 15.09 44.08
C LEU B 150 0.78 16.58 44.29
N HIS B 151 0.39 17.31 43.25
CA HIS B 151 0.17 18.74 43.39
C HIS B 151 -1.03 19.03 44.27
N LYS B 152 -2.09 18.22 44.17
CA LYS B 152 -3.30 18.50 44.93
C LYS B 152 -3.17 18.08 46.40
N LYS B 153 -2.53 16.95 46.64
CA LYS B 153 -2.60 16.28 47.93
C LYS B 153 -1.26 16.19 48.66
N TYR B 154 -0.12 16.20 47.95
CA TYR B 154 1.20 16.00 48.58
C TYR B 154 2.20 17.10 48.19
N PRO B 155 1.82 18.37 48.36
CA PRO B 155 2.77 19.44 48.03
C PRO B 155 4.09 19.36 48.79
N GLN B 156 4.07 18.94 50.07
CA GLN B 156 5.33 18.86 50.81
C GLN B 156 6.28 17.84 50.17
N MET B 157 5.73 16.80 49.51
CA MET B 157 6.58 15.88 48.77
C MET B 157 7.20 16.56 47.54
N LEU B 158 6.43 17.39 46.84
CA LEU B 158 6.98 18.04 45.65
C LEU B 158 8.18 18.94 45.97
N GLU B 159 8.26 19.49 47.20
CA GLU B 159 9.41 20.31 47.57
C GLU B 159 10.73 19.58 47.39
N ARG B 160 10.72 18.26 47.54
CA ARG B 160 11.93 17.46 47.52
C ARG B 160 12.10 16.70 46.19
N ILE B 161 11.25 16.95 45.22
CA ILE B 161 11.30 16.23 43.94
C ILE B 161 11.98 17.12 42.91
N HIS B 162 12.91 16.53 42.16
CA HIS B 162 13.74 17.28 41.22
C HIS B 162 13.09 17.45 39.86
N GLY B 163 12.12 16.62 39.51
CA GLY B 163 11.56 16.74 38.18
C GLY B 163 10.55 15.66 37.89
N ILE B 164 9.80 15.90 36.81
CA ILE B 164 8.80 15.00 36.24
C ILE B 164 9.25 14.71 34.80
N THR B 165 9.23 13.44 34.40
CA THR B 165 9.39 13.11 32.97
C THR B 165 8.07 12.50 32.49
N GLU B 166 7.40 13.20 31.57
CA GLU B 166 6.03 12.89 31.17
C GLU B 166 6.01 12.29 29.77
N GLU B 167 5.27 11.19 29.64
CA GLU B 167 5.34 10.32 28.48
C GLU B 167 4.49 10.83 27.29
N THR B 168 3.32 11.43 27.55
CA THR B 168 2.30 11.42 26.50
C THR B 168 1.69 12.80 26.30
N THR B 169 1.13 12.98 25.09
CA THR B 169 0.56 14.26 24.69
C THR B 169 -0.39 14.84 25.76
N THR B 170 -1.32 14.03 26.24
CA THR B 170 -2.30 14.53 27.21
C THR B 170 -1.64 15.02 28.49
N GLY B 171 -0.64 14.30 28.98
CA GLY B 171 0.02 14.72 30.21
C GLY B 171 0.84 15.98 30.02
N VAL B 172 1.47 16.12 28.85
CA VAL B 172 2.19 17.37 28.57
C VAL B 172 1.23 18.54 28.57
N HIS B 173 0.06 18.37 27.94
CA HIS B 173 -0.92 19.46 27.98
C HIS B 173 -1.26 19.83 29.41
N ARG B 174 -1.39 18.84 30.29
CA ARG B 174 -1.73 19.13 31.68
C ARG B 174 -0.59 19.86 32.36
N LEU B 175 0.66 19.48 32.06
CA LEU B 175 1.79 20.21 32.61
C LEU B 175 1.80 21.65 32.13
N LEU B 176 1.52 21.88 30.84
CA LEU B 176 1.61 23.24 30.33
C LEU B 176 0.51 24.12 30.90
N ASP B 177 -0.65 23.54 31.21
CA ASP B 177 -1.70 24.28 31.89
C ASP B 177 -1.22 24.73 33.28
N MET B 178 -0.60 23.80 34.02
CA MET B 178 -0.08 24.17 35.34
C MET B 178 0.98 25.26 35.23
N LEU B 179 1.87 25.13 34.24
CA LEU B 179 2.91 26.15 34.07
C LEU B 179 2.30 27.51 33.78
N LYS B 180 1.32 27.54 32.87
CA LYS B 180 0.59 28.76 32.56
C LYS B 180 -0.06 29.35 33.81
N ASN B 181 -0.69 28.50 34.61
CA ASN B 181 -1.40 28.96 35.80
C ASN B 181 -0.49 29.29 36.96
N GLY B 182 0.80 29.01 36.85
CA GLY B 182 1.65 29.23 38.02
C GLY B 182 1.53 28.20 39.11
N THR B 183 0.92 27.03 38.82
CA THR B 183 0.73 25.99 39.81
C THR B 183 1.73 24.82 39.69
N LEU B 184 2.57 24.79 38.66
CA LEU B 184 3.50 23.67 38.52
C LEU B 184 4.67 23.87 39.49
N LYS B 185 5.00 22.84 40.27
CA LYS B 185 5.92 22.96 41.40
C LYS B 185 7.34 22.48 41.09
N VAL B 186 7.54 21.66 40.07
CA VAL B 186 8.85 21.14 39.71
C VAL B 186 8.96 21.15 38.20
N PRO B 187 10.19 21.20 37.67
CA PRO B 187 10.36 21.24 36.21
C PRO B 187 10.02 19.89 35.60
N ALA B 188 9.82 19.91 34.29
CA ALA B 188 9.46 18.67 33.61
C ALA B 188 10.18 18.56 32.27
N ILE B 189 10.42 17.32 31.85
CA ILE B 189 10.81 17.03 30.47
C ILE B 189 9.61 16.41 29.77
N ASN B 190 9.23 17.02 28.65
CA ASN B 190 8.25 16.53 27.68
C ASN B 190 8.97 15.47 26.87
N VAL B 191 8.82 14.21 27.28
CA VAL B 191 9.41 13.09 26.56
C VAL B 191 8.64 12.85 25.27
N ASN B 192 7.34 13.17 25.26
CA ASN B 192 6.51 12.90 24.10
C ASN B 192 7.11 13.51 22.83
N ASP B 193 7.68 14.70 22.94
CA ASP B 193 7.99 15.43 21.71
C ASP B 193 9.39 15.18 21.17
N SER B 194 10.13 14.21 21.72
CA SER B 194 11.26 13.67 20.97
C SER B 194 10.72 13.04 19.69
N VAL B 195 11.50 13.14 18.59
CA VAL B 195 11.00 12.54 17.34
C VAL B 195 10.96 11.02 17.47
N THR B 196 11.95 10.44 18.16
CA THR B 196 11.98 9.02 18.48
C THR B 196 10.92 8.61 19.50
N LYS B 197 10.06 9.53 19.95
CA LYS B 197 8.86 9.19 20.71
C LYS B 197 7.62 9.52 19.87
N SER B 198 7.32 10.81 19.70
CA SER B 198 6.08 11.23 19.02
C SER B 198 5.90 10.61 17.63
N LYS B 199 6.95 10.64 16.80
CA LYS B 199 6.83 10.15 15.44
CA LYS B 199 6.82 10.15 15.43
C LYS B 199 7.30 8.71 15.30
N ASN B 200 7.32 7.98 16.39
CA ASN B 200 7.69 6.57 16.45
C ASN B 200 6.56 5.84 17.18
N ASP B 201 6.49 6.10 18.47
CA ASP B 201 5.47 5.53 19.36
C ASP B 201 4.07 5.97 18.96
N ASN B 202 3.80 7.28 18.93
CA ASN B 202 2.40 7.70 18.79
C ASN B 202 1.85 7.24 17.46
N LYS B 203 2.68 7.31 16.41
CA LYS B 203 2.24 6.98 15.05
C LYS B 203 2.42 5.50 14.74
N TYR B 204 3.66 5.04 14.64
CA TYR B 204 3.88 3.63 14.25
C TYR B 204 3.43 2.65 15.32
N GLY B 205 3.47 3.04 16.59
CA GLY B 205 2.97 2.13 17.61
C GLY B 205 1.49 1.85 17.43
N CYS B 206 0.71 2.89 17.14
CA CYS B 206 -0.72 2.68 16.91
C CYS B 206 -0.95 1.95 15.59
N ARG B 207 -0.08 2.15 14.60
CA ARG B 207 -0.18 1.36 13.37
CA ARG B 207 -0.20 1.36 13.38
C ARG B 207 -0.11 -0.13 13.69
N HIS B 208 0.87 -0.52 14.52
CA HIS B 208 1.00 -1.92 14.89
C HIS B 208 -0.17 -2.40 15.73
N SER B 209 -0.57 -1.62 16.74
CA SER B 209 -1.38 -2.21 17.79
C SER B 209 -2.88 -1.91 17.70
N LEU B 210 -3.33 -0.99 16.83
CA LEU B 210 -4.77 -0.77 16.75
C LEU B 210 -5.48 -1.96 16.09
N ASN B 211 -5.07 -2.31 14.85
CA ASN B 211 -5.73 -3.46 14.25
CA ASN B 211 -5.70 -3.47 14.23
C ASN B 211 -5.49 -4.73 15.07
N ASP B 212 -4.35 -4.81 15.76
CA ASP B 212 -4.06 -5.93 16.66
C ASP B 212 -5.17 -6.06 17.72
N ALA B 213 -5.47 -4.97 18.42
CA ALA B 213 -6.47 -5.05 19.49
C ALA B 213 -7.87 -5.31 18.95
N ILE B 214 -8.21 -4.74 17.79
CA ILE B 214 -9.54 -5.01 17.24
C ILE B 214 -9.67 -6.48 16.89
N LYS B 215 -8.62 -7.08 16.28
CA LYS B 215 -8.68 -8.51 15.97
C LYS B 215 -8.82 -9.35 17.22
N ARG B 216 -8.07 -9.02 18.26
CA ARG B 216 -8.13 -9.87 19.46
C ARG B 216 -9.50 -9.75 20.14
N GLY B 217 -10.11 -8.57 20.09
CA GLY B 217 -11.39 -8.37 20.76
C GLY B 217 -12.55 -9.00 20.00
N THR B 218 -12.55 -8.83 18.67
CA THR B 218 -13.71 -9.21 17.86
C THR B 218 -13.44 -10.29 16.85
N ASP B 219 -12.18 -10.49 16.45
CA ASP B 219 -11.82 -11.33 15.29
C ASP B 219 -12.59 -10.93 14.02
N HIS B 220 -13.00 -9.67 13.93
CA HIS B 220 -13.68 -9.20 12.72
C HIS B 220 -12.73 -9.06 11.54
N LEU B 221 -13.18 -9.52 10.36
CA LEU B 221 -12.59 -9.06 9.10
C LEU B 221 -12.67 -7.55 9.02
N LEU B 222 -11.54 -6.90 8.68
CA LEU B 222 -11.55 -5.46 8.46
C LEU B 222 -11.56 -5.08 6.98
N SER B 223 -10.90 -5.87 6.11
CA SER B 223 -10.92 -5.63 4.67
C SER B 223 -12.34 -5.42 4.16
N GLY B 224 -12.53 -4.34 3.41
CA GLY B 224 -13.77 -4.06 2.69
C GLY B 224 -14.81 -3.31 3.50
N LYS B 225 -14.56 -3.11 4.79
CA LYS B 225 -15.52 -2.43 5.66
C LYS B 225 -15.16 -0.95 5.78
N GLN B 226 -16.09 -0.17 6.32
CA GLN B 226 -15.97 1.28 6.42
CA GLN B 226 -15.94 1.27 6.41
C GLN B 226 -15.57 1.69 7.82
N ALA B 227 -14.52 2.50 7.93
CA ALA B 227 -14.04 3.03 9.20
C ALA B 227 -14.11 4.54 9.19
N LEU B 228 -14.32 5.11 10.39
CA LEU B 228 -14.20 6.54 10.60
C LEU B 228 -13.23 6.74 11.74
N VAL B 229 -12.14 7.45 11.46
CA VAL B 229 -11.11 7.77 12.44
C VAL B 229 -11.29 9.23 12.80
N ILE B 230 -11.57 9.50 14.06
CA ILE B 230 -11.72 10.87 14.55
C ILE B 230 -10.34 11.36 14.97
N GLY B 231 -9.75 12.25 14.17
CA GLY B 231 -8.45 12.84 14.44
C GLY B 231 -7.38 12.29 13.51
N TYR B 232 -6.37 13.13 13.26
CA TYR B 232 -5.30 12.81 12.30
C TYR B 232 -4.03 13.50 12.74
N GLY B 233 -3.81 13.56 14.06
CA GLY B 233 -2.51 13.87 14.63
C GLY B 233 -1.63 12.65 14.54
N ASP B 234 -0.68 12.51 15.46
CA ASP B 234 0.23 11.37 15.33
C ASP B 234 -0.51 10.04 15.53
N VAL B 235 -1.36 9.96 16.55
CA VAL B 235 -2.12 8.72 16.78
C VAL B 235 -3.12 8.49 15.66
N GLY B 236 -3.84 9.53 15.21
CA GLY B 236 -4.79 9.35 14.11
C GLY B 236 -4.14 8.97 12.79
N LYS B 237 -2.97 9.54 12.50
CA LYS B 237 -2.19 9.08 11.34
C LYS B 237 -1.88 7.59 11.44
N GLY B 238 -1.34 7.17 12.58
CA GLY B 238 -0.95 5.76 12.71
C GLY B 238 -2.15 4.84 12.71
N SER B 239 -3.24 5.27 13.35
CA SER B 239 -4.45 4.45 13.40
C SER B 239 -5.07 4.33 12.01
N SER B 240 -5.15 5.44 11.27
CA SER B 240 -5.70 5.40 9.92
C SER B 240 -4.92 4.43 9.04
N GLN B 241 -3.59 4.44 9.18
CA GLN B 241 -2.78 3.50 8.42
C GLN B 241 -3.00 2.06 8.91
N SER B 242 -3.15 1.87 10.24
CA SER B 242 -3.44 0.54 10.77
C SER B 242 -4.64 -0.09 10.10
N LEU B 243 -5.67 0.72 9.84
CA LEU B 243 -6.89 0.20 9.23
C LEU B 243 -6.79 0.15 7.71
N ARG B 244 -6.25 1.20 7.07
CA ARG B 244 -6.15 1.18 5.61
C ARG B 244 -5.27 0.02 5.12
N GLN B 245 -4.19 -0.30 5.84
CA GLN B 245 -3.29 -1.36 5.37
C GLN B 245 -3.97 -2.74 5.45
N GLU B 246 -5.00 -2.87 6.28
CA GLU B 246 -5.83 -4.07 6.32
C GLU B 246 -6.88 -4.09 5.21
N GLY B 247 -6.98 -3.02 4.42
CA GLY B 247 -8.03 -2.95 3.42
C GLY B 247 -9.33 -2.29 3.84
N MET B 248 -9.38 -1.64 5.00
CA MET B 248 -10.58 -0.88 5.28
C MET B 248 -10.68 0.33 4.34
N ILE B 249 -11.90 0.78 4.14
CA ILE B 249 -12.17 2.06 3.50
C ILE B 249 -12.27 3.08 4.64
N VAL B 250 -11.28 3.94 4.77
CA VAL B 250 -11.11 4.79 5.94
C VAL B 250 -11.50 6.22 5.59
N LYS B 251 -12.39 6.81 6.39
CA LYS B 251 -12.68 8.24 6.36
C LYS B 251 -12.12 8.87 7.62
N VAL B 252 -11.76 10.15 7.55
CA VAL B 252 -11.03 10.83 8.61
C VAL B 252 -11.76 12.12 8.94
N ALA B 253 -11.94 12.38 10.24
CA ALA B 253 -12.50 13.65 10.69
C ALA B 253 -11.40 14.45 11.39
N GLU B 254 -11.42 15.78 11.21
CA GLU B 254 -10.40 16.62 11.84
C GLU B 254 -10.99 17.99 12.09
N VAL B 255 -10.49 18.66 13.13
CA VAL B 255 -10.76 20.08 13.31
C VAL B 255 -9.60 20.95 12.84
N ASP B 256 -8.41 20.37 12.64
CA ASP B 256 -7.22 21.10 12.23
C ASP B 256 -7.07 21.00 10.73
N PRO B 257 -7.24 22.09 9.98
CA PRO B 257 -7.22 21.94 8.52
C PRO B 257 -5.88 21.52 7.94
N ILE B 258 -4.77 21.72 8.66
CA ILE B 258 -3.49 21.25 8.16
C ILE B 258 -3.42 19.73 8.27
N CYS B 259 -3.84 19.19 9.41
CA CYS B 259 -3.94 17.74 9.54
C CYS B 259 -4.94 17.17 8.53
N ALA B 260 -6.07 17.86 8.31
CA ALA B 260 -7.02 17.38 7.30
C ALA B 260 -6.38 17.37 5.91
N MET B 261 -5.61 18.41 5.58
N MET B 261 -5.60 18.40 5.57
CA MET B 261 -4.91 18.44 4.29
CA MET B 261 -4.92 18.41 4.28
C MET B 261 -4.01 17.21 4.13
C MET B 261 -4.02 17.20 4.13
N GLN B 262 -3.27 16.85 5.19
CA GLN B 262 -2.44 15.67 5.12
C GLN B 262 -3.28 14.43 4.85
N ALA B 263 -4.42 14.31 5.53
CA ALA B 263 -5.29 13.14 5.34
C ALA B 263 -5.72 13.03 3.88
N CYS B 264 -6.09 14.15 3.26
CA CYS B 264 -6.49 14.08 1.86
C CYS B 264 -5.33 13.62 1.00
N MET B 265 -4.17 14.26 1.18
CA MET B 265 -3.00 13.95 0.37
C MET B 265 -2.54 12.51 0.58
N ASP B 266 -2.76 11.96 1.77
CA ASP B 266 -2.49 10.56 2.07
C ASP B 266 -3.55 9.62 1.51
N GLY B 267 -4.58 10.14 0.86
CA GLY B 267 -5.52 9.28 0.16
C GLY B 267 -6.76 8.92 0.95
N PHE B 268 -7.15 9.74 1.92
CA PHE B 268 -8.35 9.52 2.72
C PHE B 268 -9.38 10.57 2.38
N GLU B 269 -10.64 10.17 2.42
CA GLU B 269 -11.76 11.11 2.34
C GLU B 269 -11.95 11.74 3.72
N VAL B 270 -12.01 13.07 3.77
CA VAL B 270 -12.16 13.79 5.04
C VAL B 270 -13.63 14.19 5.19
N VAL B 271 -14.25 13.76 6.28
CA VAL B 271 -15.67 13.94 6.49
C VAL B 271 -15.87 14.43 7.92
N SER B 272 -17.06 14.98 8.17
CA SER B 272 -17.44 15.32 9.52
C SER B 272 -18.67 14.52 9.97
N PRO B 273 -18.75 14.12 11.24
CA PRO B 273 -19.99 13.50 11.73
C PRO B 273 -21.18 14.41 11.63
N TYR B 274 -20.94 15.73 11.54
CA TYR B 274 -21.98 16.74 11.58
C TYR B 274 -22.12 17.40 10.22
N LYS B 275 -23.36 17.70 9.85
CA LYS B 275 -23.59 18.38 8.59
C LYS B 275 -22.84 19.71 8.55
N ASN B 276 -22.09 19.93 7.48
CA ASN B 276 -21.23 21.11 7.33
C ASN B 276 -20.25 21.28 8.48
N GLY B 277 -19.98 20.21 9.24
CA GLY B 277 -19.04 20.29 10.34
C GLY B 277 -19.52 21.02 11.58
N ILE B 278 -20.79 21.42 11.66
CA ILE B 278 -21.29 22.25 12.75
C ILE B 278 -21.88 21.36 13.84
N ASN B 279 -21.22 21.33 15.00
CA ASN B 279 -21.63 20.44 16.10
C ASN B 279 -22.46 21.28 17.10
N ASP B 280 -23.75 21.41 16.79
CA ASP B 280 -24.63 22.26 17.57
C ASP B 280 -25.40 21.49 18.64
N GLY B 281 -25.14 20.20 18.82
CA GLY B 281 -25.75 19.42 19.87
C GLY B 281 -27.08 18.79 19.54
N THR B 282 -27.61 18.99 18.33
CA THR B 282 -28.90 18.46 17.95
C THR B 282 -28.73 17.13 17.20
N GLU B 283 -29.72 16.25 17.34
CA GLU B 283 -29.71 15.04 16.51
C GLU B 283 -29.78 15.38 15.03
N ALA B 284 -30.50 16.45 14.69
CA ALA B 284 -30.63 16.84 13.30
C ALA B 284 -29.28 17.17 12.69
N SER B 285 -28.30 17.53 13.52
CA SER B 285 -26.99 17.91 12.97
C SER B 285 -26.17 16.71 12.52
N ILE B 286 -26.54 15.50 12.90
CA ILE B 286 -25.76 14.31 12.59
C ILE B 286 -25.99 13.94 11.13
N ASP B 287 -24.90 13.70 10.41
CA ASP B 287 -24.99 13.13 9.06
C ASP B 287 -25.39 11.66 9.19
N ALA B 288 -26.69 11.39 9.22
CA ALA B 288 -27.14 10.02 9.51
C ALA B 288 -26.75 9.06 8.40
N ALA B 289 -26.75 9.53 7.15
CA ALA B 289 -26.35 8.68 6.03
C ALA B 289 -24.92 8.20 6.20
N LEU B 290 -24.02 9.11 6.57
CA LEU B 290 -22.63 8.73 6.82
C LEU B 290 -22.52 7.73 7.97
N LEU B 291 -23.05 8.08 9.14
CA LEU B 291 -22.82 7.23 10.31
C LEU B 291 -23.46 5.87 10.13
N GLY B 292 -24.55 5.79 9.36
CA GLY B 292 -25.24 4.53 9.12
C GLY B 292 -24.47 3.59 8.21
N LYS B 293 -23.36 4.04 7.63
CA LYS B 293 -22.50 3.21 6.78
C LYS B 293 -21.21 2.78 7.48
N ILE B 294 -20.95 3.25 8.70
CA ILE B 294 -19.66 3.07 9.36
C ILE B 294 -19.70 1.79 10.17
N ASP B 295 -18.74 0.92 9.93
CA ASP B 295 -18.58 -0.33 10.66
C ASP B 295 -17.68 -0.21 11.88
N LEU B 296 -16.86 0.82 11.97
CA LEU B 296 -15.84 0.92 13.00
C LEU B 296 -15.53 2.39 13.18
N ILE B 297 -15.65 2.90 14.41
CA ILE B 297 -15.20 4.26 14.71
C ILE B 297 -14.10 4.18 15.75
N VAL B 298 -13.03 4.97 15.54
CA VAL B 298 -11.88 5.00 16.45
C VAL B 298 -11.62 6.46 16.77
N THR B 299 -11.55 6.80 18.07
CA THR B 299 -11.22 8.16 18.49
C THR B 299 -9.74 8.24 18.85
N THR B 300 -9.08 9.34 18.42
CA THR B 300 -7.63 9.49 18.56
C THR B 300 -7.22 10.88 19.03
N THR B 301 -8.11 11.63 19.69
CA THR B 301 -7.95 13.08 19.72
C THR B 301 -7.30 13.63 20.99
N GLY B 302 -7.39 12.93 22.12
CA GLY B 302 -7.13 13.58 23.40
C GLY B 302 -8.15 14.63 23.80
N ASN B 303 -9.27 14.73 23.08
CA ASN B 303 -10.31 15.71 23.34
C ASN B 303 -11.48 15.03 24.03
N VAL B 304 -12.56 15.78 24.28
CA VAL B 304 -13.69 15.26 25.05
C VAL B 304 -14.89 15.10 24.13
N ASN B 305 -15.55 13.95 24.21
CA ASN B 305 -16.88 13.76 23.59
C ASN B 305 -16.86 13.93 22.08
N VAL B 306 -15.87 13.31 21.43
CA VAL B 306 -15.78 13.40 19.99
C VAL B 306 -16.50 12.23 19.32
N CYS B 307 -16.95 11.24 20.09
CA CYS B 307 -17.90 10.23 19.61
C CYS B 307 -19.07 10.35 20.57
N ASP B 308 -20.03 11.22 20.24
CA ASP B 308 -21.03 11.64 21.23
C ASP B 308 -22.29 10.79 21.15
N ALA B 309 -23.25 11.09 22.03
CA ALA B 309 -24.45 10.25 22.13
C ALA B 309 -25.23 10.24 20.82
N ASN B 310 -25.33 11.38 20.14
CA ASN B 310 -26.08 11.42 18.89
C ASN B 310 -25.38 10.65 17.77
N MET B 311 -24.04 10.64 17.76
CA MET B 311 -23.32 9.75 16.84
C MET B 311 -23.56 8.28 17.20
N LEU B 312 -23.50 7.96 18.49
CA LEU B 312 -23.73 6.58 18.91
C LEU B 312 -25.12 6.09 18.52
N LYS B 313 -26.13 6.96 18.61
CA LYS B 313 -27.48 6.61 18.18
C LYS B 313 -27.57 6.37 16.69
N ALA B 314 -26.77 7.08 15.88
CA ALA B 314 -26.88 7.02 14.43
C ALA B 314 -26.01 5.94 13.82
N LEU B 315 -25.08 5.36 14.56
CA LEU B 315 -24.16 4.40 13.96
C LEU B 315 -24.90 3.21 13.40
N LYS B 316 -24.28 2.61 12.38
CA LYS B 316 -24.78 1.38 11.79
C LYS B 316 -24.90 0.30 12.85
N LYS B 317 -25.95 -0.53 12.73
CA LYS B 317 -26.07 -1.64 13.67
C LYS B 317 -24.79 -2.47 13.64
N ARG B 318 -24.35 -2.90 14.83
CA ARG B 318 -23.24 -3.82 15.04
C ARG B 318 -21.88 -3.19 14.76
N ALA B 319 -21.81 -1.85 14.63
CA ALA B 319 -20.53 -1.18 14.50
C ALA B 319 -19.68 -1.38 15.75
N VAL B 320 -18.36 -1.38 15.56
CA VAL B 320 -17.40 -1.39 16.67
C VAL B 320 -17.01 0.04 16.99
N VAL B 321 -16.96 0.34 18.30
CA VAL B 321 -16.60 1.65 18.85
C VAL B 321 -15.38 1.47 19.77
N CYS B 322 -14.34 2.27 19.54
CA CYS B 322 -13.20 2.15 20.44
C CYS B 322 -12.45 3.47 20.45
N ASN B 323 -11.58 3.58 21.45
CA ASN B 323 -10.83 4.80 21.68
C ASN B 323 -9.36 4.42 21.85
N ILE B 324 -8.45 5.14 21.21
CA ILE B 324 -7.02 4.91 21.38
C ILE B 324 -6.32 6.17 21.92
N GLY B 325 -7.10 7.23 22.25
CA GLY B 325 -6.57 8.35 23.01
C GLY B 325 -6.40 7.99 24.48
N HIS B 326 -5.76 8.89 25.24
CA HIS B 326 -5.40 8.52 26.59
C HIS B 326 -6.60 8.22 27.50
N PHE B 327 -7.68 9.01 27.42
CA PHE B 327 -8.76 8.90 28.40
C PHE B 327 -10.06 8.45 27.71
N ASP B 328 -10.95 7.80 28.48
CA ASP B 328 -12.17 7.23 27.88
C ASP B 328 -13.24 8.27 27.58
N ASN B 329 -13.12 9.49 28.07
CA ASN B 329 -14.18 10.46 27.80
C ASN B 329 -14.22 10.93 26.35
N GLU B 330 -13.35 10.40 25.48
CA GLU B 330 -13.50 10.70 24.06
C GLU B 330 -14.84 10.20 23.55
N ILE B 331 -15.34 9.10 24.10
CA ILE B 331 -16.63 8.49 23.76
C ILE B 331 -17.57 8.75 24.93
N ASP B 332 -18.82 9.09 24.63
CA ASP B 332 -19.82 9.26 25.69
C ASP B 332 -20.32 7.89 26.16
N THR B 333 -19.45 7.17 26.88
CA THR B 333 -19.89 5.90 27.46
C THR B 333 -20.86 6.11 28.60
N ALA B 334 -20.80 7.27 29.28
CA ALA B 334 -21.76 7.55 30.34
C ALA B 334 -23.18 7.49 29.81
N PHE B 335 -23.42 8.11 28.66
CA PHE B 335 -24.72 8.02 28.00
C PHE B 335 -25.13 6.57 27.81
N MET B 336 -24.20 5.75 27.29
CA MET B 336 -24.53 4.35 27.04
C MET B 336 -24.84 3.61 28.34
N ARG B 337 -24.12 3.91 29.42
CA ARG B 337 -24.43 3.24 30.68
C ARG B 337 -25.81 3.60 31.19
N LYS B 338 -26.25 4.83 30.93
CA LYS B 338 -27.51 5.31 31.49
C LYS B 338 -28.72 4.79 30.72
N ASN B 339 -28.55 4.49 29.44
CA ASN B 339 -29.66 4.30 28.54
C ASN B 339 -29.74 2.91 27.92
N TRP B 340 -28.64 2.20 27.80
CA TRP B 340 -28.61 0.96 27.02
C TRP B 340 -28.09 -0.19 27.88
N ALA B 341 -28.44 -1.41 27.48
CA ALA B 341 -28.10 -2.61 28.25
C ALA B 341 -26.75 -3.16 27.77
N TRP B 342 -25.85 -3.44 28.71
CA TRP B 342 -24.52 -3.95 28.39
C TRP B 342 -24.47 -5.46 28.56
N GLU B 343 -23.97 -6.16 27.54
CA GLU B 343 -23.79 -7.60 27.57
C GLU B 343 -22.30 -7.87 27.41
N GLU B 344 -21.65 -8.38 28.45
CA GLU B 344 -20.24 -8.73 28.28
C GLU B 344 -20.08 -9.95 27.35
N VAL B 345 -19.28 -9.80 26.32
CA VAL B 345 -18.93 -10.94 25.45
C VAL B 345 -17.81 -11.75 26.10
N LYS B 346 -16.76 -11.06 26.50
CA LYS B 346 -15.59 -11.57 27.20
C LYS B 346 -14.89 -10.34 27.78
N PRO B 347 -13.84 -10.47 28.58
CA PRO B 347 -13.28 -9.28 29.22
C PRO B 347 -12.94 -8.21 28.18
N GLN B 348 -13.28 -6.96 28.50
CA GLN B 348 -13.01 -5.80 27.65
C GLN B 348 -13.72 -5.86 26.29
N VAL B 349 -14.80 -6.64 26.18
CA VAL B 349 -15.64 -6.64 24.98
C VAL B 349 -17.09 -6.67 25.40
N HIS B 350 -17.85 -5.61 25.10
CA HIS B 350 -19.26 -5.54 25.50
C HIS B 350 -20.13 -5.23 24.29
N LYS B 351 -21.24 -5.95 24.14
CA LYS B 351 -22.31 -5.50 23.26
C LYS B 351 -23.21 -4.53 24.02
N ILE B 352 -23.50 -3.38 23.38
CA ILE B 352 -24.36 -2.35 23.96
C ILE B 352 -25.67 -2.36 23.17
N HIS B 353 -26.74 -2.82 23.81
CA HIS B 353 -28.02 -3.05 23.16
C HIS B 353 -28.83 -1.75 23.19
N ARG B 354 -29.06 -1.17 22.01
CA ARG B 354 -29.74 0.11 21.90
C ARG B 354 -31.25 -0.03 21.99
N THR B 355 -31.76 -1.21 22.35
CA THR B 355 -33.18 -1.45 22.50
C THR B 355 -33.71 -0.99 23.84
N GLY B 356 -32.85 -0.63 24.78
CA GLY B 356 -33.31 -0.13 26.06
C GLY B 356 -32.33 -0.47 27.15
N LYS B 357 -32.69 -0.06 28.38
CA LYS B 357 -31.80 -0.25 29.52
C LYS B 357 -32.10 -1.54 30.29
N ASP B 358 -33.36 -1.94 30.36
CA ASP B 358 -33.79 -3.04 31.23
C ASP B 358 -33.66 -4.34 30.45
N GLY B 359 -32.48 -4.94 30.48
CA GLY B 359 -32.26 -6.22 29.85
C GLY B 359 -32.25 -6.14 28.34
N PHE B 360 -31.93 -7.25 27.68
CA PHE B 360 -31.75 -7.31 26.25
C PHE B 360 -32.17 -8.69 25.76
N ASP B 361 -32.56 -8.77 24.48
CA ASP B 361 -32.75 -10.06 23.83
C ASP B 361 -31.38 -10.59 23.40
N ALA B 362 -31.09 -11.85 23.77
CA ALA B 362 -29.77 -12.40 23.43
C ALA B 362 -29.52 -12.39 21.92
N HIS B 363 -30.58 -12.36 21.11
CA HIS B 363 -30.50 -12.38 19.65
C HIS B 363 -30.86 -11.03 19.03
N ASN B 364 -30.89 -9.97 19.84
CA ASN B 364 -31.10 -8.63 19.32
C ASN B 364 -30.04 -8.30 18.27
N ASP B 365 -30.49 -7.67 17.18
CA ASP B 365 -29.54 -7.26 16.14
C ASP B 365 -29.07 -5.83 16.30
N ASP B 366 -29.70 -5.04 17.18
CA ASP B 366 -29.41 -3.61 17.28
C ASP B 366 -28.51 -3.35 18.48
N TYR B 367 -27.21 -3.57 18.28
CA TYR B 367 -26.22 -3.36 19.32
C TYR B 367 -24.96 -2.76 18.71
N LEU B 368 -24.17 -2.11 19.55
CA LEU B 368 -22.80 -1.73 19.19
C LEU B 368 -21.84 -2.63 19.95
N ILE B 369 -20.61 -2.75 19.46
CA ILE B 369 -19.56 -3.45 20.20
C ILE B 369 -18.56 -2.42 20.69
N LEU B 370 -18.46 -2.26 22.02
CA LEU B 370 -17.51 -1.36 22.65
C LEU B 370 -16.31 -2.16 23.15
N LEU B 371 -15.10 -1.70 22.82
CA LEU B 371 -13.88 -2.35 23.28
C LEU B 371 -13.30 -1.61 24.47
N ALA B 372 -12.84 -2.37 25.48
CA ALA B 372 -12.11 -1.85 26.65
C ALA B 372 -12.91 -0.78 27.40
N GLU B 373 -14.25 -0.84 27.31
CA GLU B 373 -15.13 0.13 27.98
C GLU B 373 -14.70 1.56 27.64
N GLY B 374 -14.18 1.74 26.42
CA GLY B 374 -13.76 3.05 25.93
C GLY B 374 -12.38 3.49 26.38
N ARG B 375 -11.67 2.67 27.14
CA ARG B 375 -10.30 2.96 27.55
C ARG B 375 -9.34 2.60 26.43
N LEU B 376 -8.10 3.07 26.54
CA LEU B 376 -7.13 2.91 25.45
C LEU B 376 -7.15 1.48 24.91
N VAL B 377 -7.53 1.33 23.63
CA VAL B 377 -7.92 0.00 23.15
C VAL B 377 -6.71 -0.88 22.85
N ASN B 378 -5.61 -0.29 22.39
CA ASN B 378 -4.45 -1.12 22.06
C ASN B 378 -3.90 -1.80 23.31
N LEU B 379 -3.88 -1.10 24.45
CA LEU B 379 -3.42 -1.70 25.70
C LEU B 379 -4.52 -2.51 26.38
N GLY B 380 -5.77 -2.11 26.21
CA GLY B 380 -6.86 -2.83 26.90
C GLY B 380 -7.20 -4.17 26.29
N ASN B 381 -7.14 -4.27 24.96
CA ASN B 381 -7.53 -5.48 24.24
C ASN B 381 -6.35 -6.20 23.61
N ALA B 382 -5.15 -5.59 23.62
CA ALA B 382 -3.96 -6.33 23.21
C ALA B 382 -2.81 -6.02 24.18
N THR B 383 -1.60 -5.75 23.69
CA THR B 383 -0.47 -5.47 24.59
C THR B 383 0.17 -4.12 24.32
N GLY B 384 -0.60 -3.18 23.74
CA GLY B 384 0.03 -1.93 23.43
C GLY B 384 1.10 -2.05 22.36
N HIS B 385 1.97 -1.04 22.35
CA HIS B 385 3.01 -0.96 21.33
C HIS B 385 4.03 -2.08 21.53
N PRO B 386 4.72 -2.50 20.46
CA PRO B 386 5.73 -3.55 20.59
C PRO B 386 7.03 -3.03 21.18
N SER B 387 7.78 -3.98 21.75
CA SER B 387 9.04 -3.64 22.41
C SER B 387 9.95 -2.78 21.54
N ARG B 388 10.10 -3.13 20.25
CA ARG B 388 11.11 -2.43 19.47
C ARG B 388 10.70 -0.98 19.22
N ILE B 389 9.41 -0.67 19.30
CA ILE B 389 8.97 0.72 19.23
C ILE B 389 9.11 1.42 20.59
N MET B 390 8.69 0.75 21.68
CA MET B 390 8.82 1.36 23.01
C MET B 390 10.26 1.61 23.39
N ASP B 391 11.18 0.88 22.78
CA ASP B 391 12.60 1.11 22.93
C ASP B 391 12.93 2.60 22.84
N GLY B 392 12.38 3.27 21.81
CA GLY B 392 12.67 4.67 21.61
C GLY B 392 12.09 5.55 22.70
N SER B 393 10.80 5.37 23.01
CA SER B 393 10.20 6.17 24.07
C SER B 393 10.96 5.98 25.38
N PHE B 394 11.34 4.74 25.70
CA PHE B 394 11.87 4.49 27.03
C PHE B 394 13.36 4.78 27.15
N ALA B 395 14.13 4.71 26.06
CA ALA B 395 15.45 5.31 26.05
C ALA B 395 15.36 6.81 26.38
N ASN B 396 14.39 7.50 25.79
CA ASN B 396 14.21 8.92 26.11
C ASN B 396 13.85 9.12 27.59
N GLN B 397 12.93 8.31 28.13
CA GLN B 397 12.59 8.40 29.56
C GLN B 397 13.83 8.29 30.44
N VAL B 398 14.68 7.30 30.17
CA VAL B 398 15.87 7.10 30.99
C VAL B 398 16.78 8.33 30.94
N LEU B 399 17.03 8.82 29.72
CA LEU B 399 17.85 10.03 29.55
C LEU B 399 17.24 11.23 30.27
N ALA B 400 15.90 11.40 30.18
CA ALA B 400 15.22 12.50 30.85
C ALA B 400 15.36 12.40 32.36
N GLN B 401 15.19 11.19 32.90
CA GLN B 401 15.36 10.99 34.34
C GLN B 401 16.79 11.34 34.77
N ILE B 402 17.79 10.86 34.04
CA ILE B 402 19.17 11.21 34.37
C ILE B 402 19.35 12.73 34.39
N HIS B 403 18.85 13.40 33.34
CA HIS B 403 19.07 14.84 33.25
C HIS B 403 18.46 15.57 34.43
N LEU B 404 17.17 15.36 34.69
CA LEU B 404 16.56 16.11 35.79
C LEU B 404 17.12 15.70 37.14
N PHE B 405 17.42 14.42 37.33
CA PHE B 405 18.00 14.03 38.61
C PHE B 405 19.34 14.72 38.82
N GLU B 406 20.18 14.78 37.78
CA GLU B 406 21.48 15.43 37.94
C GLU B 406 21.35 16.94 38.16
N GLN B 407 20.28 17.55 37.67
CA GLN B 407 20.11 19.00 37.84
CA GLN B 407 20.12 19.00 37.83
C GLN B 407 19.78 19.36 39.28
N LYS B 408 19.15 18.45 40.01
CA LYS B 408 18.89 18.67 41.44
C LYS B 408 18.08 19.94 41.72
N TYR B 409 17.00 20.14 40.97
CA TYR B 409 16.18 21.35 41.16
C TYR B 409 15.76 21.54 42.62
N ALA B 410 15.40 20.46 43.32
CA ALA B 410 14.89 20.66 44.68
C ALA B 410 15.91 21.28 45.62
N ASP B 411 17.20 21.17 45.33
CA ASP B 411 18.22 21.74 46.20
C ASP B 411 18.64 23.15 45.81
N LEU B 412 18.10 23.69 44.72
CA LEU B 412 18.48 25.03 44.29
C LEU B 412 17.87 26.09 45.20
N PRO B 413 18.53 27.25 45.35
CA PRO B 413 17.87 28.40 45.99
C PRO B 413 16.61 28.82 45.24
N ALA B 414 15.76 29.56 45.96
CA ALA B 414 14.49 30.02 45.40
C ALA B 414 14.71 30.79 44.10
N ALA B 415 15.68 31.72 44.09
CA ALA B 415 15.91 32.52 42.88
C ALA B 415 16.31 31.67 41.69
N GLU B 416 17.06 30.59 41.93
CA GLU B 416 17.49 29.75 40.83
C GLU B 416 16.40 28.79 40.39
N LYS B 417 15.55 28.35 41.30
CA LYS B 417 14.41 27.55 40.89
C LYS B 417 13.55 28.31 39.89
N ALA B 418 13.30 29.59 40.18
CA ALA B 418 12.47 30.39 39.31
C ALA B 418 13.02 30.41 37.88
N LYS B 419 14.35 30.35 37.73
CA LYS B 419 14.95 30.36 36.41
C LYS B 419 14.87 29.02 35.71
N ARG B 420 14.59 27.94 36.45
CA ARG B 420 14.64 26.59 35.90
C ARG B 420 13.28 25.93 35.82
N LEU B 421 12.22 26.57 36.31
CA LEU B 421 10.88 25.99 36.32
C LEU B 421 10.32 26.08 34.91
N SER B 422 10.34 24.97 34.19
CA SER B 422 9.96 24.97 32.79
C SER B 422 9.57 23.55 32.39
N VAL B 423 8.96 23.44 31.21
CA VAL B 423 8.69 22.16 30.54
C VAL B 423 9.55 22.18 29.27
N GLU B 424 10.53 21.29 29.20
CA GLU B 424 11.49 21.29 28.10
C GLU B 424 11.50 19.92 27.42
N VAL B 425 12.12 19.88 26.24
CA VAL B 425 12.32 18.64 25.53
C VAL B 425 13.81 18.27 25.63
N LEU B 426 14.13 17.02 25.26
CA LEU B 426 15.53 16.63 25.20
C LEU B 426 16.20 17.24 23.98
N PRO B 427 17.52 17.51 24.05
CA PRO B 427 18.25 18.07 22.90
C PRO B 427 18.23 17.14 21.70
N LYS B 428 18.38 17.73 20.51
CA LYS B 428 18.33 16.95 19.29
C LYS B 428 19.43 15.90 19.21
N LYS B 429 20.62 16.17 19.76
CA LYS B 429 21.70 15.19 19.70
C LYS B 429 21.31 13.87 20.37
N LEU B 430 20.61 13.94 21.51
CA LEU B 430 20.13 12.71 22.16
C LEU B 430 19.09 12.01 21.29
N ASP B 431 18.12 12.78 20.75
CA ASP B 431 17.09 12.21 19.87
C ASP B 431 17.75 11.45 18.73
N GLU B 432 18.81 12.03 18.17
CA GLU B 432 19.51 11.38 17.06
C GLU B 432 20.23 10.12 17.52
N GLU B 433 20.85 10.15 18.69
CA GLU B 433 21.60 8.98 19.16
C GLU B 433 20.65 7.82 19.49
N VAL B 434 19.48 8.13 20.05
CA VAL B 434 18.44 7.10 20.22
C VAL B 434 18.06 6.50 18.87
N ALA B 435 17.79 7.37 17.89
CA ALA B 435 17.40 6.88 16.57
C ALA B 435 18.46 5.98 15.97
N LEU B 436 19.74 6.35 16.14
CA LEU B 436 20.81 5.56 15.56
C LEU B 436 20.82 4.14 16.13
N GLU B 437 20.62 4.00 17.45
CA GLU B 437 20.57 2.67 18.04
C GLU B 437 19.36 1.91 17.49
N MET B 438 18.24 2.59 17.26
CA MET B 438 17.07 1.91 16.68
C MET B 438 17.38 1.44 15.27
N VAL B 439 18.04 2.28 14.47
CA VAL B 439 18.35 1.88 13.09
C VAL B 439 19.29 0.69 13.07
N LYS B 440 20.32 0.70 13.93
CA LYS B 440 21.22 -0.44 14.01
C LYS B 440 20.48 -1.70 14.42
N GLY B 441 19.43 -1.56 15.24
CA GLY B 441 18.65 -2.72 15.61
C GLY B 441 17.96 -3.40 14.45
N PHE B 442 17.61 -2.63 13.42
CA PHE B 442 17.08 -3.19 12.16
C PHE B 442 18.16 -3.70 11.22
N GLY B 443 19.45 -3.52 11.57
CA GLY B 443 20.54 -3.77 10.64
C GLY B 443 20.77 -2.65 9.64
N GLY B 444 20.14 -1.49 9.82
CA GLY B 444 20.36 -0.39 8.92
C GLY B 444 21.74 0.21 9.06
N VAL B 445 22.25 0.75 7.96
CA VAL B 445 23.60 1.34 7.91
C VAL B 445 23.48 2.82 7.54
N VAL B 446 23.78 3.70 8.52
CA VAL B 446 23.74 5.13 8.28
C VAL B 446 25.05 5.56 7.61
N THR B 447 24.95 6.47 6.64
CA THR B 447 26.12 6.98 5.94
C THR B 447 26.78 8.09 6.76
N GLN B 448 28.10 8.18 6.69
CA GLN B 448 28.83 9.27 7.34
C GLN B 448 29.17 10.34 6.30
N LEU B 449 28.81 11.59 6.58
CA LEU B 449 29.20 12.71 5.74
C LEU B 449 30.72 12.82 5.63
N THR B 450 31.21 13.16 4.44
CA THR B 450 32.59 13.61 4.32
C THR B 450 32.72 15.02 4.90
N PRO B 451 33.95 15.43 5.25
CA PRO B 451 34.16 16.84 5.67
C PRO B 451 33.61 17.84 4.67
N LYS B 452 33.83 17.62 3.37
CA LYS B 452 33.32 18.54 2.35
C LYS B 452 31.80 18.62 2.37
N GLN B 453 31.13 17.48 2.51
CA GLN B 453 29.68 17.48 2.51
C GLN B 453 29.12 18.12 3.77
N ALA B 454 29.75 17.86 4.91
CA ALA B 454 29.32 18.50 6.15
C ALA B 454 29.42 20.01 6.04
N GLU B 455 30.54 20.50 5.52
CA GLU B 455 30.70 21.94 5.27
C GLU B 455 29.65 22.45 4.29
N TYR B 456 29.33 21.65 3.26
CA TYR B 456 28.43 22.12 2.21
C TYR B 456 27.03 22.39 2.75
N ILE B 457 26.53 21.54 3.66
CA ILE B 457 25.19 21.75 4.21
C ILE B 457 25.24 22.41 5.57
N GLY B 458 26.42 22.70 6.08
CA GLY B 458 26.55 23.46 7.32
C GLY B 458 26.23 22.69 8.59
N VAL B 459 26.68 21.45 8.70
CA VAL B 459 26.49 20.64 9.89
C VAL B 459 27.83 20.00 10.28
N SER B 460 27.90 19.58 11.55
CA SER B 460 29.00 18.76 12.02
C SER B 460 28.82 17.32 11.53
N VAL B 461 29.94 16.63 11.30
CA VAL B 461 29.84 15.25 10.82
C VAL B 461 29.08 14.36 11.81
N GLU B 462 29.18 14.66 13.12
CA GLU B 462 28.47 13.88 14.13
C GLU B 462 27.05 14.37 14.40
N GLY B 463 26.60 15.44 13.75
CA GLY B 463 25.30 16.00 14.05
C GLY B 463 25.39 17.04 15.15
N PRO B 464 24.26 17.69 15.47
CA PRO B 464 22.95 17.37 14.89
C PRO B 464 22.85 17.74 13.40
N PHE B 465 21.94 17.08 12.69
CA PHE B 465 21.89 17.22 11.24
C PHE B 465 20.80 18.18 10.77
N LYS B 466 19.92 18.63 11.65
CA LYS B 466 18.75 19.43 11.31
C LYS B 466 18.66 20.58 12.31
N PRO B 467 18.15 21.73 11.88
CA PRO B 467 17.81 22.79 12.83
C PRO B 467 16.66 22.36 13.72
N ASP B 468 16.56 23.00 14.87
CA ASP B 468 15.51 22.65 15.81
C ASP B 468 14.11 22.86 15.23
N THR B 469 13.98 23.76 14.25
CA THR B 469 12.70 23.99 13.57
C THR B 469 12.28 22.83 12.66
N TYR B 470 13.13 21.84 12.42
CA TYR B 470 12.81 20.82 11.41
C TYR B 470 11.70 19.89 11.89
N ARG B 471 10.79 19.53 10.99
CA ARG B 471 9.59 18.80 11.40
C ARG B 471 9.61 17.32 11.02
N TYR B 472 10.55 16.90 10.19
CA TYR B 472 10.65 15.49 9.76
C TYR B 472 9.35 15.04 9.11
N PHE C 13 4.05 44.85 -27.82
CA PHE C 13 4.81 44.27 -26.72
C PHE C 13 5.93 43.35 -27.20
N THR C 14 7.17 43.66 -26.83
CA THR C 14 8.32 42.87 -27.24
C THR C 14 9.26 42.56 -26.08
N ASP C 15 8.87 42.84 -24.83
CA ASP C 15 9.77 42.79 -23.69
C ASP C 15 9.72 41.39 -23.07
N TYR C 16 10.20 40.43 -23.84
CA TYR C 16 10.14 39.02 -23.43
C TYR C 16 11.03 38.21 -24.34
N LYS C 17 11.29 36.97 -23.96
CA LYS C 17 11.88 36.02 -24.89
C LYS C 17 11.47 34.61 -24.51
N VAL C 18 10.76 33.94 -25.41
CA VAL C 18 10.22 32.61 -25.19
C VAL C 18 10.49 31.78 -26.45
N ALA C 19 10.29 30.45 -26.33
CA ALA C 19 10.63 29.58 -27.45
C ALA C 19 9.72 29.82 -28.66
N ASP C 20 8.42 30.00 -28.42
CA ASP C 20 7.45 30.05 -29.51
C ASP C 20 6.17 30.71 -28.99
N ILE C 21 6.01 31.99 -29.29
CA ILE C 21 4.84 32.75 -28.85
C ILE C 21 3.54 32.12 -29.36
N THR C 22 3.58 31.36 -30.47
CA THR C 22 2.32 30.80 -30.96
C THR C 22 1.76 29.72 -30.06
N LEU C 23 2.52 29.24 -29.08
CA LEU C 23 1.98 28.30 -28.10
C LEU C 23 1.08 28.98 -27.08
N ALA C 24 0.84 30.29 -27.20
CA ALA C 24 0.13 31.06 -26.16
C ALA C 24 -1.28 30.54 -25.92
N ALA C 25 -2.03 30.28 -27.00
CA ALA C 25 -3.41 29.83 -26.83
C ALA C 25 -3.47 28.49 -26.12
N TRP C 26 -2.58 27.56 -26.46
CA TRP C 26 -2.50 26.29 -25.74
C TRP C 26 -2.21 26.53 -24.26
N GLY C 27 -1.19 27.34 -23.97
CA GLY C 27 -0.89 27.63 -22.58
C GLY C 27 -2.06 28.25 -21.84
N ARG C 28 -2.81 29.13 -22.53
CA ARG C 28 -3.96 29.76 -21.88
C ARG C 28 -5.05 28.74 -21.59
N ARG C 29 -5.25 27.76 -22.48
CA ARG C 29 -6.20 26.71 -22.16
C ARG C 29 -5.77 25.96 -20.92
N GLU C 30 -4.47 25.67 -20.79
CA GLU C 30 -4.00 24.93 -19.62
C GLU C 30 -4.01 25.79 -18.37
N LEU C 31 -3.84 27.11 -18.52
CA LEU C 31 -3.96 28.00 -17.35
C LEU C 31 -5.40 28.02 -16.83
N ILE C 32 -6.38 28.01 -17.73
CA ILE C 32 -7.77 28.01 -17.29
C ILE C 32 -8.10 26.72 -16.53
N ILE C 33 -7.59 25.58 -17.00
CA ILE C 33 -7.75 24.33 -16.25
C ILE C 33 -7.05 24.43 -14.89
N ALA C 34 -5.81 24.94 -14.89
CA ALA C 34 -5.05 25.00 -13.65
C ALA C 34 -5.77 25.84 -12.60
N GLU C 35 -6.39 26.95 -13.03
CA GLU C 35 -7.11 27.78 -12.06
C GLU C 35 -8.16 26.97 -11.32
N SER C 36 -8.84 26.05 -12.01
CA SER C 36 -9.84 25.22 -11.35
C SER C 36 -9.21 24.20 -10.41
N GLU C 37 -7.90 23.98 -10.51
CA GLU C 37 -7.17 23.07 -9.64
C GLU C 37 -6.46 23.79 -8.49
N MET C 38 -6.55 25.12 -8.39
CA MET C 38 -5.79 25.92 -7.43
C MET C 38 -6.74 26.79 -6.60
N PRO C 39 -7.57 26.17 -5.76
CA PRO C 39 -8.59 26.94 -5.02
C PRO C 39 -8.01 27.93 -4.02
N ALA C 40 -6.89 27.60 -3.36
CA ALA C 40 -6.34 28.54 -2.39
C ALA C 40 -5.82 29.79 -3.09
N LEU C 41 -5.15 29.60 -4.22
CA LEU C 41 -4.60 30.74 -4.96
C LEU C 41 -5.71 31.55 -5.61
N MET C 42 -6.68 30.88 -6.24
N MET C 42 -6.71 30.89 -6.20
CA MET C 42 -7.85 31.57 -6.75
CA MET C 42 -7.82 31.66 -6.75
C MET C 42 -8.55 32.34 -5.64
C MET C 42 -8.65 32.32 -5.66
N GLY C 43 -8.76 31.69 -4.49
CA GLY C 43 -9.43 32.36 -3.38
C GLY C 43 -8.74 33.67 -3.00
N LEU C 44 -7.41 33.71 -3.13
CA LEU C 44 -6.68 34.95 -2.82
C LEU C 44 -6.99 36.03 -3.85
N ARG C 45 -7.12 35.65 -5.12
CA ARG C 45 -7.57 36.61 -6.13
C ARG C 45 -8.90 37.22 -5.74
N ARG C 46 -9.88 36.38 -5.39
CA ARG C 46 -11.20 36.90 -5.12
C ARG C 46 -11.19 37.83 -3.90
N LYS C 47 -10.41 37.48 -2.89
CA LYS C 47 -10.56 38.16 -1.62
C LYS C 47 -9.68 39.41 -1.50
N TYR C 48 -8.58 39.49 -2.26
CA TYR C 48 -7.72 40.67 -2.20
C TYR C 48 -7.79 41.53 -3.44
N ALA C 49 -8.52 41.09 -4.47
CA ALA C 49 -8.70 41.92 -5.67
C ALA C 49 -9.18 43.32 -5.33
N GLY C 50 -10.14 43.42 -4.40
CA GLY C 50 -10.64 44.74 -4.02
C GLY C 50 -9.57 45.61 -3.39
N GLN C 51 -8.79 45.04 -2.46
CA GLN C 51 -7.81 45.84 -1.75
C GLN C 51 -6.61 46.23 -2.63
N GLN C 52 -6.27 45.43 -3.64
CA GLN C 52 -5.06 45.63 -4.41
C GLN C 52 -3.83 45.78 -3.50
N PRO C 53 -3.56 44.79 -2.65
CA PRO C 53 -2.45 44.95 -1.67
C PRO C 53 -1.08 45.03 -2.32
N LEU C 54 -0.93 44.63 -3.57
CA LEU C 54 0.36 44.68 -4.25
C LEU C 54 0.47 45.85 -5.22
N LYS C 55 -0.49 46.77 -5.21
CA LYS C 55 -0.39 47.96 -6.05
C LYS C 55 0.89 48.74 -5.73
N GLY C 56 1.75 48.92 -6.72
CA GLY C 56 3.04 49.54 -6.52
C GLY C 56 4.18 48.56 -6.36
N ALA C 57 3.89 47.28 -6.14
CA ALA C 57 4.94 46.27 -6.10
C ALA C 57 5.50 46.03 -7.48
N LYS C 58 6.83 45.93 -7.55
CA LYS C 58 7.54 45.63 -8.79
C LYS C 58 8.43 44.44 -8.46
N ILE C 59 7.98 43.26 -8.85
CA ILE C 59 8.52 42.00 -8.33
C ILE C 59 9.44 41.41 -9.37
N LEU C 60 10.69 41.15 -8.97
CA LEU C 60 11.57 40.28 -9.76
C LEU C 60 11.30 38.83 -9.33
N GLY C 61 10.93 37.98 -10.26
CA GLY C 61 10.61 36.59 -9.97
C GLY C 61 11.51 35.62 -10.71
N CYS C 62 11.99 34.61 -9.99
CA CYS C 62 12.86 33.57 -10.56
C CYS C 62 12.39 32.20 -10.05
N ILE C 63 11.54 31.55 -10.84
CA ILE C 63 11.04 30.24 -10.46
C ILE C 63 10.53 29.57 -11.72
N HIS C 64 10.75 28.26 -11.79
CA HIS C 64 10.31 27.37 -12.87
C HIS C 64 9.11 27.92 -13.62
N MET C 65 9.26 28.22 -14.91
CA MET C 65 8.19 28.88 -15.67
C MET C 65 7.21 27.82 -16.19
N THR C 66 6.42 27.28 -15.25
CA THR C 66 5.41 26.27 -15.53
C THR C 66 4.03 26.91 -15.62
N ILE C 67 3.05 26.07 -15.98
CA ILE C 67 1.65 26.48 -15.91
C ILE C 67 1.31 26.94 -14.50
N GLN C 68 1.82 26.23 -13.49
CA GLN C 68 1.53 26.56 -12.10
C GLN C 68 2.10 27.93 -11.75
N THR C 69 3.31 28.20 -12.19
CA THR C 69 3.88 29.53 -11.97
C THR C 69 3.10 30.60 -12.72
N GLY C 70 2.53 30.24 -13.86
CA GLY C 70 1.70 31.19 -14.57
C GLY C 70 0.50 31.63 -13.73
N VAL C 71 -0.11 30.70 -12.99
CA VAL C 71 -1.26 31.09 -12.18
C VAL C 71 -0.79 31.96 -11.01
N LEU C 72 0.38 31.65 -10.44
CA LEU C 72 0.98 32.52 -9.43
C LEU C 72 1.24 33.92 -9.99
N ILE C 73 1.88 33.99 -11.16
CA ILE C 73 2.21 35.29 -11.72
C ILE C 73 0.97 36.12 -11.91
N GLU C 74 -0.06 35.52 -12.50
CA GLU C 74 -1.28 36.28 -12.78
C GLU C 74 -2.05 36.63 -11.51
N THR C 75 -1.86 35.88 -10.42
CA THR C 75 -2.43 36.29 -9.15
C THR C 75 -1.74 37.53 -8.63
N LEU C 76 -0.39 37.54 -8.65
CA LEU C 76 0.34 38.73 -8.20
C LEU C 76 -0.09 39.95 -8.99
N VAL C 77 -0.19 39.80 -10.32
CA VAL C 77 -0.64 40.88 -11.18
C VAL C 77 -2.07 41.29 -10.84
N ALA C 78 -2.95 40.31 -10.61
CA ALA C 78 -4.34 40.63 -10.31
C ALA C 78 -4.46 41.44 -9.02
N LEU C 79 -3.50 41.30 -8.10
CA LEU C 79 -3.52 42.03 -6.83
C LEU C 79 -2.78 43.38 -6.91
N GLY C 80 -2.31 43.75 -8.09
CA GLY C 80 -1.71 45.07 -8.29
C GLY C 80 -0.25 45.06 -8.73
N ALA C 81 0.46 43.95 -8.67
CA ALA C 81 1.89 43.97 -8.94
C ALA C 81 2.21 44.10 -10.43
N GLU C 82 3.39 44.67 -10.69
CA GLU C 82 4.16 44.46 -11.93
C GLU C 82 5.26 43.45 -11.63
N VAL C 83 5.62 42.64 -12.64
CA VAL C 83 6.63 41.61 -12.47
C VAL C 83 7.54 41.55 -13.71
N ARG C 84 8.75 41.01 -13.51
CA ARG C 84 9.62 40.59 -14.60
C ARG C 84 10.15 39.22 -14.21
N TRP C 85 10.07 38.23 -15.11
CA TRP C 85 10.13 36.83 -14.69
C TRP C 85 11.17 36.02 -15.44
N SER C 86 11.75 35.04 -14.75
CA SER C 86 12.66 34.07 -15.40
C SER C 86 12.49 32.73 -14.70
N SER C 87 12.95 31.66 -15.35
CA SER C 87 12.93 30.36 -14.70
C SER C 87 14.17 30.16 -13.83
N CYS C 88 14.03 29.33 -12.81
CA CYS C 88 15.18 29.01 -11.96
C CYS C 88 15.85 27.69 -12.35
N ASN C 89 15.53 27.14 -13.53
CA ASN C 89 16.24 25.97 -14.02
C ASN C 89 16.21 25.93 -15.55
N ILE C 90 17.31 25.47 -16.15
CA ILE C 90 17.41 25.51 -17.60
C ILE C 90 16.41 24.58 -18.28
N PHE C 91 15.87 23.57 -17.58
CA PHE C 91 14.99 22.57 -18.23
C PHE C 91 13.56 22.57 -17.71
N SER C 92 13.19 23.46 -16.78
CA SER C 92 11.91 23.34 -16.11
C SER C 92 10.79 24.12 -16.78
N THR C 93 11.11 25.06 -17.65
CA THR C 93 10.07 25.86 -18.29
C THR C 93 9.15 24.98 -19.14
N GLN C 94 7.84 25.26 -19.07
CA GLN C 94 6.88 24.74 -20.04
C GLN C 94 6.66 25.83 -21.08
N ASP C 95 7.03 25.55 -22.32
CA ASP C 95 7.07 26.63 -23.28
C ASP C 95 5.69 27.22 -23.54
N GLN C 96 4.63 26.43 -23.35
CA GLN C 96 3.31 27.00 -23.59
C GLN C 96 2.89 27.94 -22.46
N ALA C 97 3.39 27.71 -21.25
CA ALA C 97 3.10 28.63 -20.13
C ALA C 97 3.84 29.96 -20.31
N ALA C 98 5.12 29.91 -20.64
CA ALA C 98 5.86 31.13 -20.93
C ALA C 98 5.21 31.94 -22.05
N ALA C 99 4.78 31.26 -23.11
CA ALA C 99 4.12 31.96 -24.22
C ALA C 99 2.86 32.67 -23.74
N ALA C 100 2.01 31.98 -22.97
CA ALA C 100 0.79 32.61 -22.49
C ALA C 100 1.10 33.83 -21.63
N ILE C 101 2.12 33.73 -20.78
CA ILE C 101 2.45 34.86 -19.92
C ILE C 101 2.97 36.03 -20.77
N ALA C 102 3.84 35.74 -21.75
CA ALA C 102 4.32 36.79 -22.64
C ALA C 102 3.19 37.40 -23.46
N ALA C 103 2.28 36.55 -23.94
CA ALA C 103 1.16 37.06 -24.73
C ALA C 103 0.23 37.92 -23.91
N ALA C 104 0.25 37.77 -22.59
CA ALA C 104 -0.54 38.63 -21.73
C ALA C 104 0.15 39.97 -21.45
N GLY C 105 1.30 40.23 -22.09
CA GLY C 105 2.00 41.49 -21.86
C GLY C 105 2.85 41.54 -20.62
N ILE C 106 3.27 40.39 -20.12
CA ILE C 106 4.08 40.27 -18.91
C ILE C 106 5.49 39.90 -19.32
N PRO C 107 6.51 40.68 -18.95
CA PRO C 107 7.88 40.32 -19.33
C PRO C 107 8.29 39.00 -18.70
N VAL C 108 8.70 38.06 -19.55
CA VAL C 108 9.19 36.75 -19.11
C VAL C 108 10.31 36.33 -20.05
N PHE C 109 11.37 35.74 -19.50
CA PHE C 109 12.52 35.29 -20.28
C PHE C 109 12.83 33.87 -19.83
N ALA C 110 12.40 32.89 -20.63
CA ALA C 110 12.38 31.50 -20.17
C ALA C 110 12.02 30.56 -21.31
N TRP C 111 12.80 29.49 -21.50
CA TRP C 111 12.38 28.41 -22.39
C TRP C 111 13.00 27.11 -21.91
N LYS C 112 12.39 26.00 -22.34
CA LYS C 112 12.94 24.70 -22.00
C LYS C 112 14.18 24.46 -22.84
N GLY C 113 15.26 24.06 -22.18
CA GLY C 113 16.49 23.79 -22.91
C GLY C 113 17.44 24.97 -23.03
N GLU C 114 17.44 25.87 -22.06
CA GLU C 114 18.45 26.93 -22.02
C GLU C 114 19.85 26.36 -21.82
N THR C 115 20.87 27.07 -22.36
CA THR C 115 22.23 26.84 -21.90
C THR C 115 22.46 27.57 -20.57
N GLU C 116 23.57 27.25 -19.90
CA GLU C 116 23.92 27.99 -18.69
C GLU C 116 24.02 29.48 -18.97
N GLU C 117 24.65 29.83 -20.09
CA GLU C 117 24.84 31.25 -20.42
C GLU C 117 23.50 31.93 -20.65
N GLU C 118 22.57 31.23 -21.32
CA GLU C 118 21.26 31.80 -21.58
C GLU C 118 20.46 31.96 -20.31
N TYR C 119 20.63 31.01 -19.39
CA TYR C 119 19.98 31.06 -18.08
C TYR C 119 20.34 32.36 -17.36
N GLU C 120 21.63 32.67 -17.31
CA GLU C 120 22.08 33.88 -16.65
C GLU C 120 21.60 35.12 -17.40
N TRP C 121 21.60 35.06 -18.72
CA TRP C 121 21.07 36.18 -19.52
C TRP C 121 19.61 36.42 -19.19
N CYS C 122 18.83 35.35 -18.99
CA CYS C 122 17.42 35.51 -18.69
C CYS C 122 17.20 36.24 -17.38
N ILE C 123 17.93 35.84 -16.32
CA ILE C 123 17.79 36.54 -15.05
C ILE C 123 18.17 38.01 -15.24
N GLU C 124 19.20 38.28 -16.04
CA GLU C 124 19.66 39.65 -16.26
CA GLU C 124 19.64 39.65 -16.25
C GLU C 124 18.60 40.48 -16.98
N GLN C 125 17.80 39.86 -17.84
CA GLN C 125 16.75 40.60 -18.54
C GLN C 125 15.59 40.98 -17.61
N THR C 126 15.39 40.23 -16.53
CA THR C 126 14.43 40.70 -15.54
C THR C 126 15.01 41.85 -14.72
N ILE C 127 16.31 41.77 -14.39
CA ILE C 127 16.94 42.79 -13.57
C ILE C 127 17.02 44.12 -14.30
N LEU C 128 17.29 44.08 -15.60
CA LEU C 128 17.43 45.27 -16.43
C LEU C 128 16.19 45.49 -17.28
N LYS C 129 15.81 46.76 -17.44
CA LYS C 129 14.78 47.14 -18.40
C LYS C 129 15.35 48.30 -19.21
N ASP C 130 15.41 48.12 -20.53
CA ASP C 130 15.98 49.13 -21.41
C ASP C 130 17.40 49.49 -20.95
N GLY C 131 18.17 48.49 -20.56
CA GLY C 131 19.59 48.65 -20.32
C GLY C 131 19.95 49.25 -18.98
N GLN C 132 18.98 49.52 -18.12
CA GLN C 132 19.24 50.04 -16.79
C GLN C 132 18.50 49.19 -15.78
N PRO C 133 18.96 49.18 -14.53
CA PRO C 133 18.22 48.47 -13.49
C PRO C 133 16.75 48.89 -13.49
N TRP C 134 15.87 47.90 -13.59
CA TRP C 134 14.46 48.12 -13.27
C TRP C 134 14.36 48.65 -11.83
N ASP C 135 13.30 49.44 -11.57
CA ASP C 135 13.02 49.91 -10.21
C ASP C 135 12.25 48.84 -9.41
N ALA C 136 12.89 47.67 -9.31
CA ALA C 136 12.31 46.59 -8.53
C ALA C 136 12.25 46.96 -7.06
N ASN C 137 11.28 46.37 -6.35
CA ASN C 137 11.21 46.56 -4.91
C ASN C 137 10.77 45.31 -4.16
N MET C 138 10.60 44.18 -4.85
CA MET C 138 10.29 42.90 -4.23
C MET C 138 11.00 41.78 -5.01
N VAL C 139 11.35 40.71 -4.31
CA VAL C 139 12.03 39.57 -4.94
C VAL C 139 11.29 38.29 -4.58
N LEU C 140 11.00 37.47 -5.59
CA LEU C 140 10.47 36.13 -5.39
C LEU C 140 11.45 35.15 -6.02
N ASP C 141 11.97 34.21 -5.24
CA ASP C 141 13.11 33.40 -5.67
C ASP C 141 12.87 31.94 -5.32
N ASP C 142 13.48 31.04 -6.10
CA ASP C 142 13.38 29.58 -5.90
C ASP C 142 14.80 29.02 -6.09
N GLY C 143 15.52 28.85 -4.97
CA GLY C 143 16.87 28.32 -5.03
C GLY C 143 17.97 29.33 -4.75
N GLY C 144 17.67 30.63 -4.76
CA GLY C 144 18.62 31.65 -4.35
C GLY C 144 19.50 32.23 -5.45
N ASP C 145 19.33 31.79 -6.70
CA ASP C 145 20.21 32.29 -7.75
C ASP C 145 20.01 33.79 -7.98
N LEU C 146 18.75 34.23 -8.09
CA LEU C 146 18.50 35.66 -8.30
C LEU C 146 18.94 36.47 -7.10
N THR C 147 18.65 35.97 -5.89
CA THR C 147 19.09 36.61 -4.65
C THR C 147 20.60 36.83 -4.67
N GLU C 148 21.35 35.79 -5.04
CA GLU C 148 22.81 35.90 -5.07
C GLU C 148 23.27 36.94 -6.10
N ILE C 149 22.69 36.92 -7.30
CA ILE C 149 23.10 37.87 -8.33
C ILE C 149 22.86 39.31 -7.88
N LEU C 150 21.72 39.56 -7.23
CA LEU C 150 21.45 40.91 -6.72
C LEU C 150 22.49 41.35 -5.71
N HIS C 151 22.78 40.50 -4.71
CA HIS C 151 23.77 40.88 -3.70
C HIS C 151 25.17 41.04 -4.30
N LYS C 152 25.55 40.17 -5.23
CA LYS C 152 26.93 40.21 -5.70
C LYS C 152 27.15 41.25 -6.78
N LYS C 153 26.23 41.36 -7.74
CA LYS C 153 26.42 42.19 -8.92
C LYS C 153 25.60 43.47 -8.91
N TYR C 154 24.46 43.50 -8.24
CA TYR C 154 23.58 44.67 -8.26
C TYR C 154 23.22 45.09 -6.83
N PRO C 155 24.22 45.25 -5.97
CA PRO C 155 23.91 45.57 -4.56
C PRO C 155 23.11 46.85 -4.37
N GLN C 156 23.32 47.87 -5.21
CA GLN C 156 22.56 49.10 -5.04
C GLN C 156 21.07 48.87 -5.25
N MET C 157 20.69 47.90 -6.09
CA MET C 157 19.27 47.65 -6.27
C MET C 157 18.59 47.20 -4.98
N LEU C 158 19.34 46.54 -4.09
CA LEU C 158 18.75 46.04 -2.85
C LEU C 158 18.37 47.17 -1.91
N GLU C 159 18.92 48.37 -2.12
CA GLU C 159 18.52 49.51 -1.31
C GLU C 159 17.05 49.86 -1.47
N ARG C 160 16.41 49.39 -2.53
CA ARG C 160 15.01 49.73 -2.81
C ARG C 160 14.06 48.56 -2.64
N ILE C 161 14.56 47.37 -2.28
CA ILE C 161 13.74 46.17 -2.21
C ILE C 161 13.30 45.95 -0.77
N HIS C 162 12.00 45.74 -0.58
CA HIS C 162 11.43 45.55 0.75
C HIS C 162 11.60 44.12 1.26
N GLY C 163 11.82 43.14 0.40
CA GLY C 163 11.97 41.78 0.91
C GLY C 163 12.13 40.76 -0.20
N ILE C 164 12.52 39.56 0.22
CA ILE C 164 12.67 38.35 -0.59
C ILE C 164 11.72 37.31 -0.04
N THR C 165 11.02 36.59 -0.92
CA THR C 165 10.27 35.40 -0.52
C THR C 165 10.89 34.20 -1.23
N GLU C 166 11.41 33.25 -0.45
CA GLU C 166 12.19 32.14 -0.99
C GLU C 166 11.38 30.84 -0.89
N GLU C 167 11.36 30.10 -2.01
CA GLU C 167 10.49 28.93 -2.19
C GLU C 167 11.03 27.64 -1.56
N THR C 168 12.34 27.38 -1.62
CA THR C 168 12.80 26.01 -1.49
C THR C 168 13.90 25.85 -0.44
N THR C 169 14.07 24.59 -0.02
CA THR C 169 14.99 24.30 1.09
C THR C 169 16.40 24.82 0.80
N THR C 170 16.92 24.53 -0.39
CA THR C 170 18.26 25.00 -0.74
C THR C 170 18.38 26.52 -0.68
N GLY C 171 17.36 27.22 -1.19
CA GLY C 171 17.44 28.69 -1.14
C GLY C 171 17.44 29.21 0.28
N VAL C 172 16.63 28.58 1.16
CA VAL C 172 16.58 29.03 2.54
C VAL C 172 17.91 28.83 3.23
N HIS C 173 18.53 27.67 3.03
CA HIS C 173 19.89 27.49 3.54
C HIS C 173 20.78 28.64 3.11
N ARG C 174 20.75 29.02 1.83
CA ARG C 174 21.64 30.09 1.38
C ARG C 174 21.30 31.41 2.06
N LEU C 175 20.01 31.67 2.26
CA LEU C 175 19.58 32.87 2.98
C LEU C 175 20.16 32.89 4.39
N LEU C 176 20.07 31.74 5.08
CA LEU C 176 20.54 31.69 6.46
C LEU C 176 22.05 31.86 6.53
N ASP C 177 22.78 31.32 5.56
CA ASP C 177 24.24 31.53 5.54
CA ASP C 177 24.23 31.54 5.57
C ASP C 177 24.56 33.02 5.42
N MET C 178 23.81 33.74 4.57
CA MET C 178 24.04 35.17 4.43
C MET C 178 23.65 35.91 5.71
N LEU C 179 22.53 35.52 6.33
CA LEU C 179 22.14 36.17 7.57
C LEU C 179 23.23 36.00 8.62
N LYS C 180 23.72 34.77 8.76
CA LYS C 180 24.77 34.47 9.73
C LYS C 180 26.04 35.26 9.42
N ASN C 181 26.33 35.47 8.13
CA ASN C 181 27.53 36.17 7.70
C ASN C 181 27.39 37.69 7.70
N GLY C 182 26.20 38.21 8.02
CA GLY C 182 25.98 39.64 7.96
C GLY C 182 25.96 40.21 6.56
N THR C 183 25.68 39.39 5.54
CA THR C 183 25.68 39.83 4.16
C THR C 183 24.28 39.91 3.53
N LEU C 184 23.25 39.40 4.22
CA LEU C 184 21.87 39.61 3.79
C LEU C 184 21.47 41.08 3.92
N LYS C 185 20.97 41.68 2.84
CA LYS C 185 20.67 43.11 2.83
C LYS C 185 19.21 43.44 3.00
N VAL C 186 18.30 42.48 2.83
CA VAL C 186 16.87 42.76 3.00
C VAL C 186 16.23 41.59 3.70
N PRO C 187 15.11 41.83 4.39
CA PRO C 187 14.44 40.73 5.09
C PRO C 187 13.81 39.74 4.12
N ALA C 188 13.56 38.54 4.63
CA ALA C 188 13.07 37.46 3.80
C ALA C 188 12.04 36.65 4.56
N ILE C 189 11.11 36.05 3.82
CA ILE C 189 10.22 35.04 4.37
C ILE C 189 10.62 33.70 3.79
N ASN C 190 10.81 32.73 4.69
CA ASN C 190 11.02 31.33 4.35
C ASN C 190 9.65 30.72 4.07
N VAL C 191 9.27 30.67 2.78
CA VAL C 191 8.00 30.08 2.37
C VAL C 191 8.06 28.56 2.47
N ASN C 192 9.27 27.99 2.31
CA ASN C 192 9.43 26.55 2.32
C ASN C 192 8.84 25.91 3.57
N ASP C 193 9.03 26.54 4.73
CA ASP C 193 8.64 25.87 5.97
C ASP C 193 7.24 26.18 6.47
N SER C 194 6.37 26.82 5.69
CA SER C 194 4.95 26.65 5.96
C SER C 194 4.64 25.16 5.84
N VAL C 195 3.74 24.66 6.69
CA VAL C 195 3.41 23.24 6.55
C VAL C 195 2.74 22.97 5.22
N THR C 196 1.89 23.90 4.76
CA THR C 196 1.22 23.70 3.48
C THR C 196 2.17 23.85 2.30
N LYS C 197 3.46 24.11 2.55
CA LYS C 197 4.46 24.05 1.50
C LYS C 197 5.34 22.82 1.71
N SER C 198 6.19 22.84 2.72
CA SER C 198 7.15 21.76 2.95
C SER C 198 6.51 20.38 2.99
N LYS C 199 5.41 20.23 3.74
CA LYS C 199 4.84 18.90 3.96
C LYS C 199 3.73 18.59 2.98
N ASN C 200 3.70 19.29 1.85
CA ASN C 200 2.72 19.13 0.80
C ASN C 200 3.52 19.00 -0.49
N ASP C 201 4.06 20.12 -0.94
CA ASP C 201 4.97 20.25 -2.08
C ASP C 201 6.17 19.29 -2.02
N ASN C 202 7.08 19.51 -1.06
CA ASN C 202 8.36 18.78 -1.07
C ASN C 202 8.14 17.28 -1.04
N LYS C 203 7.11 16.85 -0.31
CA LYS C 203 6.85 15.41 -0.15
C LYS C 203 5.86 14.91 -1.19
N TYR C 204 4.59 15.34 -1.12
CA TYR C 204 3.58 14.77 -2.02
C TYR C 204 3.82 15.17 -3.48
N GLY C 205 4.41 16.34 -3.72
CA GLY C 205 4.71 16.74 -5.09
C GLY C 205 5.67 15.79 -5.76
N CYS C 206 6.73 15.39 -5.05
CA CYS C 206 7.68 14.43 -5.60
C CYS C 206 7.06 13.05 -5.71
N ARG C 207 6.14 12.71 -4.81
CA ARG C 207 5.44 11.43 -4.94
CA ARG C 207 5.45 11.43 -4.93
C ARG C 207 4.68 11.36 -6.24
N HIS C 208 4.02 12.46 -6.62
CA HIS C 208 3.31 12.50 -7.89
C HIS C 208 4.27 12.51 -9.07
N SER C 209 5.34 13.29 -8.99
CA SER C 209 6.06 13.65 -10.21
C SER C 209 7.35 12.86 -10.46
N LEU C 210 7.87 12.11 -9.50
CA LEU C 210 9.12 11.39 -9.77
C LEU C 210 8.86 10.21 -10.68
N ASN C 211 7.91 9.33 -10.33
CA ASN C 211 7.66 8.22 -11.23
CA ASN C 211 7.63 8.21 -11.22
C ASN C 211 7.12 8.70 -12.58
N ASP C 212 6.40 9.83 -12.57
CA ASP C 212 5.93 10.47 -13.80
C ASP C 212 7.12 10.77 -14.73
N ALA C 213 8.15 11.42 -14.21
CA ALA C 213 9.28 11.81 -15.05
C ALA C 213 10.05 10.58 -15.54
N ILE C 214 10.23 9.58 -14.68
CA ILE C 214 10.97 8.39 -15.10
C ILE C 214 10.22 7.67 -16.22
N LYS C 215 8.90 7.54 -16.07
CA LYS C 215 8.11 6.92 -17.14
C LYS C 215 8.20 7.72 -18.43
N ARG C 216 8.05 9.04 -18.36
CA ARG C 216 8.11 9.82 -19.60
C ARG C 216 9.48 9.70 -20.27
N GLY C 217 10.55 9.67 -19.48
CA GLY C 217 11.89 9.60 -20.05
C GLY C 217 12.30 8.25 -20.63
N THR C 218 11.91 7.16 -19.96
CA THR C 218 12.38 5.83 -20.29
C THR C 218 11.27 4.86 -20.65
N ASP C 219 10.04 5.13 -20.20
CA ASP C 219 8.94 4.15 -20.26
C ASP C 219 9.32 2.80 -19.66
N HIS C 220 10.26 2.81 -18.70
CA HIS C 220 10.63 1.56 -18.02
C HIS C 220 9.53 1.11 -17.06
N LEU C 221 9.25 -0.20 -17.07
CA LEU C 221 8.59 -0.83 -15.93
C LEU C 221 9.39 -0.56 -14.67
N LEU C 222 8.71 -0.12 -13.62
CA LEU C 222 9.38 0.06 -12.32
C LEU C 222 9.13 -1.12 -11.37
N SER C 223 7.95 -1.74 -11.43
CA SER C 223 7.63 -2.85 -10.54
C SER C 223 8.68 -3.95 -10.63
N GLY C 224 9.05 -4.49 -9.47
CA GLY C 224 9.96 -5.64 -9.40
C GLY C 224 11.43 -5.28 -9.48
N LYS C 225 11.76 -4.04 -9.80
CA LYS C 225 13.14 -3.59 -9.91
C LYS C 225 13.62 -2.95 -8.62
N GLN C 226 14.94 -2.77 -8.52
CA GLN C 226 15.56 -2.30 -7.29
C GLN C 226 15.92 -0.83 -7.41
N ALA C 227 15.51 -0.02 -6.43
CA ALA C 227 15.87 1.40 -6.39
C ALA C 227 16.68 1.71 -5.14
N LEU C 228 17.54 2.71 -5.26
CA LEU C 228 18.25 3.30 -4.12
C LEU C 228 17.94 4.77 -4.12
N VAL C 229 17.26 5.25 -3.06
CA VAL C 229 16.97 6.66 -2.90
C VAL C 229 17.99 7.21 -1.90
N ILE C 230 18.76 8.21 -2.32
CA ILE C 230 19.75 8.83 -1.44
C ILE C 230 19.06 10.00 -0.76
N GLY C 231 18.81 9.86 0.52
CA GLY C 231 18.15 10.89 1.31
C GLY C 231 16.73 10.51 1.69
N TYR C 232 16.30 10.98 2.87
CA TYR C 232 14.94 10.68 3.33
C TYR C 232 14.39 11.85 4.14
N GLY C 233 14.66 13.07 3.67
CA GLY C 233 13.97 14.28 4.09
C GLY C 233 12.60 14.31 3.43
N ASP C 234 12.05 15.52 3.25
CA ASP C 234 10.71 15.56 2.66
C ASP C 234 10.73 15.08 1.22
N VAL C 235 11.73 15.48 0.45
CA VAL C 235 11.80 15.04 -0.94
C VAL C 235 12.11 13.55 -1.02
N GLY C 236 13.03 13.06 -0.17
CA GLY C 236 13.31 11.64 -0.17
C GLY C 236 12.15 10.78 0.28
N LYS C 237 11.37 11.26 1.26
CA LYS C 237 10.16 10.54 1.65
C LYS C 237 9.19 10.43 0.48
N GLY C 238 8.88 11.55 -0.18
CA GLY C 238 7.94 11.50 -1.28
C GLY C 238 8.46 10.71 -2.46
N SER C 239 9.77 10.79 -2.70
CA SER C 239 10.39 10.04 -3.80
C SER C 239 10.35 8.54 -3.55
N SER C 240 10.67 8.15 -2.32
CA SER C 240 10.63 6.73 -1.96
C SER C 240 9.23 6.16 -2.16
N GLN C 241 8.21 6.94 -1.77
CA GLN C 241 6.83 6.48 -1.93
C GLN C 241 6.44 6.42 -3.40
N SER C 242 6.90 7.38 -4.19
CA SER C 242 6.64 7.39 -5.62
C SER C 242 7.07 6.06 -6.25
N LEU C 243 8.20 5.53 -5.81
CA LEU C 243 8.74 4.30 -6.36
C LEU C 243 8.13 3.06 -5.70
N ARG C 244 7.96 3.07 -4.39
CA ARG C 244 7.43 1.90 -3.71
C ARG C 244 6.00 1.61 -4.14
N GLN C 245 5.20 2.65 -4.39
CA GLN C 245 3.81 2.44 -4.75
C GLN C 245 3.70 1.84 -6.16
N GLU C 246 4.73 2.02 -6.99
CA GLU C 246 4.83 1.35 -8.29
C GLU C 246 5.30 -0.10 -8.18
N GLY C 247 5.66 -0.56 -7.00
CA GLY C 247 6.17 -1.90 -6.84
C GLY C 247 7.69 -2.04 -6.90
N MET C 248 8.45 -0.94 -6.82
CA MET C 248 9.90 -1.09 -6.72
C MET C 248 10.28 -1.61 -5.35
N ILE C 249 11.40 -2.34 -5.29
CA ILE C 249 12.05 -2.68 -4.01
C ILE C 249 13.00 -1.52 -3.71
N VAL C 250 12.62 -0.68 -2.75
CA VAL C 250 13.32 0.56 -2.50
C VAL C 250 14.22 0.42 -1.28
N LYS C 251 15.50 0.77 -1.44
CA LYS C 251 16.43 0.95 -0.33
C LYS C 251 16.72 2.42 -0.15
N VAL C 252 17.00 2.84 1.09
CA VAL C 252 17.14 4.25 1.44
C VAL C 252 18.49 4.44 2.09
N ALA C 253 19.21 5.48 1.68
CA ALA C 253 20.44 5.90 2.34
C ALA C 253 20.19 7.22 3.06
N GLU C 254 20.82 7.38 4.23
CA GLU C 254 20.66 8.61 5.00
C GLU C 254 21.91 8.84 5.84
N VAL C 255 22.22 10.12 6.08
CA VAL C 255 23.19 10.48 7.12
C VAL C 255 22.50 10.85 8.44
N ASP C 256 21.20 11.15 8.41
CA ASP C 256 20.48 11.60 9.60
C ASP C 256 19.81 10.38 10.21
N PRO C 257 20.23 9.93 11.40
CA PRO C 257 19.62 8.69 11.93
C PRO C 257 18.14 8.80 12.26
N ILE C 258 17.61 10.00 12.56
CA ILE C 258 16.17 10.11 12.79
C ILE C 258 15.41 9.85 11.48
N CYS C 259 15.86 10.48 10.39
CA CYS C 259 15.24 10.18 9.11
C CYS C 259 15.42 8.71 8.74
N ALA C 260 16.58 8.12 9.05
CA ALA C 260 16.76 6.69 8.76
C ALA C 260 15.80 5.83 9.58
N MET C 261 15.54 6.21 10.83
N MET C 261 15.54 6.21 10.83
CA MET C 261 14.55 5.51 11.63
CA MET C 261 14.56 5.51 11.64
C MET C 261 13.18 5.53 10.97
C MET C 261 13.18 5.53 10.98
N GLN C 262 12.78 6.69 10.44
CA GLN C 262 11.50 6.79 9.77
C GLN C 262 11.46 5.85 8.57
N ALA C 263 12.56 5.78 7.81
CA ALA C 263 12.57 4.91 6.62
C ALA C 263 12.38 3.45 7.03
N CYS C 264 13.07 3.01 8.09
CA CYS C 264 12.88 1.64 8.57
C CYS C 264 11.43 1.40 8.92
N MET C 265 10.86 2.28 9.75
CA MET C 265 9.48 2.10 10.20
C MET C 265 8.50 2.16 9.03
N ASP C 266 8.83 2.95 8.01
CA ASP C 266 8.02 3.01 6.81
C ASP C 266 8.19 1.79 5.91
N GLY C 267 9.02 0.83 6.29
CA GLY C 267 9.15 -0.40 5.54
C GLY C 267 10.26 -0.46 4.53
N PHE C 268 11.30 0.34 4.69
CA PHE C 268 12.45 0.31 3.79
C PHE C 268 13.68 -0.22 4.49
N GLU C 269 14.54 -0.86 3.71
CA GLU C 269 15.86 -1.24 4.15
C GLU C 269 16.79 -0.05 4.00
N VAL C 270 17.52 0.30 5.06
CA VAL C 270 18.41 1.44 5.06
C VAL C 270 19.81 0.93 4.82
N VAL C 271 20.44 1.40 3.73
CA VAL C 271 21.76 0.93 3.34
C VAL C 271 22.65 2.14 3.05
N SER C 272 23.95 1.86 2.94
CA SER C 272 24.93 2.88 2.54
C SER C 272 25.65 2.44 1.28
N PRO C 273 25.90 3.36 0.32
CA PRO C 273 26.77 2.98 -0.80
C PRO C 273 28.16 2.55 -0.36
N TYR C 274 28.58 2.92 0.85
CA TYR C 274 29.93 2.68 1.34
C TYR C 274 29.90 1.60 2.40
N LYS C 275 30.96 0.79 2.43
CA LYS C 275 31.07 -0.22 3.47
C LYS C 275 31.10 0.44 4.85
N ASN C 276 30.20 0.03 5.72
CA ASN C 276 30.07 0.57 7.07
C ASN C 276 29.73 2.06 7.06
N GLY C 277 29.26 2.55 5.92
CA GLY C 277 28.87 3.93 5.80
C GLY C 277 30.04 4.90 5.70
N ILE C 278 31.26 4.41 5.58
CA ILE C 278 32.46 5.25 5.61
C ILE C 278 32.96 5.49 4.19
N ASN C 279 32.83 6.76 3.75
CA ASN C 279 33.14 7.26 2.40
C ASN C 279 34.56 7.83 2.49
N ASP C 280 35.56 6.96 2.36
CA ASP C 280 36.97 7.36 2.45
C ASP C 280 37.63 7.70 1.11
N GLY C 281 36.87 7.81 0.02
CA GLY C 281 37.43 8.22 -1.25
C GLY C 281 37.96 7.10 -2.14
N THR C 282 38.12 5.90 -1.61
CA THR C 282 38.67 4.82 -2.41
C THR C 282 37.56 4.00 -3.06
N GLU C 283 37.90 3.37 -4.18
CA GLU C 283 36.97 2.39 -4.74
C GLU C 283 36.73 1.25 -3.78
N ALA C 284 37.73 0.91 -2.97
CA ALA C 284 37.60 -0.18 -2.01
C ALA C 284 36.41 0.03 -1.07
N SER C 285 36.09 1.29 -0.77
CA SER C 285 35.00 1.58 0.17
C SER C 285 33.61 1.42 -0.43
N ILE C 286 33.49 1.24 -1.74
CA ILE C 286 32.18 1.11 -2.37
C ILE C 286 31.64 -0.29 -2.11
N ASP C 287 30.38 -0.39 -1.71
CA ASP C 287 29.71 -1.68 -1.58
C ASP C 287 29.30 -2.09 -2.99
N ALA C 288 30.24 -2.71 -3.70
CA ALA C 288 30.00 -3.01 -5.11
C ALA C 288 28.89 -4.03 -5.28
N ALA C 289 28.72 -4.95 -4.31
CA ALA C 289 27.65 -5.93 -4.45
C ALA C 289 26.28 -5.26 -4.38
N LEU C 290 26.11 -4.29 -3.47
CA LEU C 290 24.88 -3.54 -3.40
C LEU C 290 24.65 -2.74 -4.69
N LEU C 291 25.63 -1.94 -5.09
CA LEU C 291 25.40 -1.06 -6.24
C LEU C 291 25.19 -1.87 -7.52
N GLY C 292 25.79 -3.05 -7.62
CA GLY C 292 25.63 -3.86 -8.81
C GLY C 292 24.27 -4.51 -8.95
N LYS C 293 23.39 -4.30 -7.96
CA LYS C 293 22.01 -4.78 -8.02
C LYS C 293 21.00 -3.66 -8.21
N ILE C 294 21.43 -2.40 -8.25
CA ILE C 294 20.50 -1.27 -8.29
C ILE C 294 20.15 -0.90 -9.74
N ASP C 295 18.83 -0.83 -10.02
CA ASP C 295 18.33 -0.47 -11.35
C ASP C 295 18.05 1.02 -11.49
N LEU C 296 17.96 1.74 -10.38
CA LEU C 296 17.55 3.14 -10.39
C LEU C 296 18.12 3.78 -9.14
N ILE C 297 18.83 4.89 -9.32
CA ILE C 297 19.30 5.67 -8.19
C ILE C 297 18.72 7.07 -8.32
N VAL C 298 18.21 7.62 -7.21
CA VAL C 298 17.60 8.93 -7.20
C VAL C 298 18.22 9.69 -6.03
N THR C 299 18.78 10.86 -6.29
CA THR C 299 19.34 11.71 -5.22
C THR C 299 18.33 12.76 -4.79
N THR C 300 18.23 13.02 -3.46
CA THR C 300 17.18 13.91 -2.94
C THR C 300 17.70 14.84 -1.85
N THR C 301 19.00 15.08 -1.79
CA THR C 301 19.61 15.54 -0.53
C THR C 301 19.77 17.04 -0.41
N GLY C 302 19.95 17.75 -1.53
CA GLY C 302 20.47 19.09 -1.48
C GLY C 302 21.94 19.18 -1.08
N ASN C 303 22.65 18.05 -1.05
CA ASN C 303 24.06 17.98 -0.70
C ASN C 303 24.89 17.80 -1.98
N VAL C 304 26.22 17.69 -1.83
CA VAL C 304 27.11 17.62 -2.98
C VAL C 304 27.69 16.21 -3.11
N ASN C 305 27.68 15.68 -4.33
CA ASN C 305 28.39 14.46 -4.67
C ASN C 305 27.92 13.28 -3.83
N VAL C 306 26.61 13.10 -3.72
CA VAL C 306 26.08 11.96 -2.99
C VAL C 306 25.89 10.74 -3.90
N CYS C 307 26.01 10.91 -5.21
CA CYS C 307 26.14 9.80 -6.15
C CYS C 307 27.46 10.06 -6.89
N ASP C 308 28.55 9.50 -6.37
CA ASP C 308 29.87 9.98 -6.77
C ASP C 308 30.43 9.09 -7.87
N ALA C 309 31.65 9.43 -8.29
CA ALA C 309 32.26 8.76 -9.43
C ALA C 309 32.42 7.27 -9.17
N ASN C 310 32.83 6.89 -7.96
CA ASN C 310 33.04 5.45 -7.72
C ASN C 310 31.72 4.70 -7.65
N MET C 311 30.66 5.36 -7.15
CA MET C 311 29.33 4.74 -7.20
C MET C 311 28.89 4.54 -8.64
N LEU C 312 29.06 5.57 -9.49
CA LEU C 312 28.66 5.46 -10.88
C LEU C 312 29.40 4.34 -11.60
N LYS C 313 30.66 4.11 -11.24
CA LYS C 313 31.42 3.03 -11.87
C LYS C 313 30.91 1.66 -11.43
N ALA C 314 30.36 1.59 -10.23
CA ALA C 314 29.94 0.32 -9.65
C ALA C 314 28.49 -0.03 -9.97
N LEU C 315 27.70 0.91 -10.46
CA LEU C 315 26.28 0.65 -10.66
C LEU C 315 26.06 -0.47 -11.66
N LYS C 316 24.95 -1.20 -11.44
CA LYS C 316 24.48 -2.20 -12.40
C LYS C 316 24.40 -1.63 -13.81
N LYS C 317 24.81 -2.44 -14.80
CA LYS C 317 24.64 -2.01 -16.19
C LYS C 317 23.20 -1.60 -16.45
N ARG C 318 23.05 -0.52 -17.21
CA ARG C 318 21.76 -0.02 -17.69
C ARG C 318 20.89 0.54 -16.58
N ALA C 319 21.48 0.82 -15.41
CA ALA C 319 20.73 1.52 -14.39
C ALA C 319 20.39 2.95 -14.83
N VAL C 320 19.28 3.48 -14.28
CA VAL C 320 18.86 4.87 -14.47
C VAL C 320 19.41 5.69 -13.30
N VAL C 321 19.89 6.89 -13.61
CA VAL C 321 20.48 7.82 -12.64
C VAL C 321 19.72 9.13 -12.76
N CYS C 322 19.23 9.69 -11.63
CA CYS C 322 18.56 10.96 -11.75
C CYS C 322 18.62 11.66 -10.39
N ASN C 323 18.28 12.93 -10.42
CA ASN C 323 18.39 13.80 -9.26
C ASN C 323 17.11 14.61 -9.19
N ILE C 324 16.53 14.70 -8.00
CA ILE C 324 15.35 15.53 -7.82
C ILE C 324 15.59 16.60 -6.74
N GLY C 325 16.84 16.74 -6.28
CA GLY C 325 17.21 17.92 -5.50
C GLY C 325 17.38 19.12 -6.40
N HIS C 326 17.64 20.28 -5.77
CA HIS C 326 17.59 21.53 -6.54
C HIS C 326 18.72 21.64 -7.57
N PHE C 327 19.92 21.18 -7.26
CA PHE C 327 21.08 21.43 -8.12
C PHE C 327 21.69 20.12 -8.60
N ASP C 328 22.35 20.17 -9.78
CA ASP C 328 22.80 18.93 -10.41
C ASP C 328 24.12 18.40 -9.85
N ASN C 329 24.76 19.08 -8.92
CA ASN C 329 26.00 18.55 -8.39
C ASN C 329 25.77 17.45 -7.35
N GLU C 330 24.53 17.05 -7.11
CA GLU C 330 24.29 15.85 -6.29
C GLU C 330 24.95 14.64 -6.92
N ILE C 331 24.96 14.57 -8.26
CA ILE C 331 25.59 13.49 -9.03
C ILE C 331 26.86 14.04 -9.67
N ASP C 332 27.93 13.25 -9.68
CA ASP C 332 29.17 13.71 -10.32
C ASP C 332 29.04 13.55 -11.84
N THR C 333 28.21 14.40 -12.43
CA THR C 333 28.07 14.37 -13.89
C THR C 333 29.33 14.88 -14.59
N ALA C 334 30.12 15.72 -13.93
CA ALA C 334 31.36 16.18 -14.55
C ALA C 334 32.31 15.03 -14.79
N PHE C 335 32.40 14.10 -13.84
CA PHE C 335 33.20 12.90 -14.08
C PHE C 335 32.73 12.17 -15.32
N MET C 336 31.42 12.03 -15.49
CA MET C 336 30.92 11.32 -16.66
C MET C 336 31.15 12.09 -17.94
N ARG C 337 31.07 13.42 -17.91
CA ARG C 337 31.42 14.18 -19.12
C ARG C 337 32.89 14.00 -19.46
N LYS C 338 33.76 13.93 -18.45
CA LYS C 338 35.19 13.82 -18.69
C LYS C 338 35.57 12.47 -19.29
N ASN C 339 34.90 11.38 -18.89
CA ASN C 339 35.43 10.04 -19.06
C ASN C 339 34.61 9.12 -19.94
N TRP C 340 33.33 9.40 -20.15
CA TRP C 340 32.42 8.49 -20.81
C TRP C 340 31.72 9.18 -21.97
N ALA C 341 31.23 8.40 -22.92
CA ALA C 341 30.64 8.93 -24.15
C ALA C 341 29.13 9.06 -23.98
N TRP C 342 28.57 10.22 -24.33
CA TRP C 342 27.13 10.46 -24.14
C TRP C 342 26.39 10.27 -25.47
N GLU C 343 25.36 9.42 -25.45
CA GLU C 343 24.49 9.20 -26.59
C GLU C 343 23.11 9.76 -26.24
N GLU C 344 22.68 10.83 -26.90
CA GLU C 344 21.35 11.34 -26.65
C GLU C 344 20.31 10.36 -27.17
N VAL C 345 19.39 9.92 -26.30
CA VAL C 345 18.26 9.13 -26.76
C VAL C 345 17.20 10.04 -27.38
N LYS C 346 16.81 11.03 -26.60
CA LYS C 346 15.90 12.11 -26.96
C LYS C 346 16.16 13.22 -25.97
N PRO C 347 15.55 14.39 -26.13
CA PRO C 347 15.87 15.49 -25.19
C PRO C 347 15.74 15.04 -23.75
N GLN C 348 16.74 15.43 -22.94
CA GLN C 348 16.80 15.15 -21.50
C GLN C 348 16.90 13.66 -21.16
N VAL C 349 17.32 12.82 -22.13
CA VAL C 349 17.60 11.42 -21.88
C VAL C 349 18.90 11.07 -22.57
N HIS C 350 19.92 10.66 -21.81
CA HIS C 350 21.22 10.32 -22.39
C HIS C 350 21.65 8.94 -21.92
N LYS C 351 22.10 8.10 -22.86
CA LYS C 351 22.87 6.92 -22.47
C LYS C 351 24.30 7.33 -22.28
N ILE C 352 24.90 6.92 -21.17
CA ILE C 352 26.27 7.26 -20.87
C ILE C 352 27.07 5.96 -20.92
N HIS C 353 27.93 5.85 -21.94
CA HIS C 353 28.65 4.62 -22.25
C HIS C 353 29.94 4.55 -21.45
N ARG C 354 30.03 3.56 -20.58
CA ARG C 354 31.16 3.40 -19.68
C ARG C 354 32.34 2.72 -20.35
N THR C 355 32.26 2.49 -21.66
CA THR C 355 33.33 1.86 -22.42
C THR C 355 34.46 2.81 -22.75
N GLY C 356 34.31 4.10 -22.55
CA GLY C 356 35.34 5.03 -22.92
C GLY C 356 34.74 6.37 -23.31
N LYS C 357 35.63 7.31 -23.62
CA LYS C 357 35.24 8.70 -23.80
C LYS C 357 34.95 9.04 -25.26
N ASP C 358 35.75 8.53 -26.18
CA ASP C 358 35.72 8.95 -27.58
C ASP C 358 34.97 7.90 -28.38
N GLY C 359 33.68 8.16 -28.62
CA GLY C 359 32.85 7.26 -29.38
C GLY C 359 32.28 6.14 -28.54
N PHE C 360 31.33 5.42 -29.13
CA PHE C 360 30.65 4.32 -28.48
C PHE C 360 30.07 3.39 -29.53
N ASP C 361 29.87 2.14 -29.13
CA ASP C 361 29.16 1.16 -29.96
C ASP C 361 27.66 1.33 -29.75
N ALA C 362 26.92 1.56 -30.85
CA ALA C 362 25.46 1.73 -30.77
C ALA C 362 24.78 0.59 -30.02
N HIS C 363 25.39 -0.59 -29.99
CA HIS C 363 24.84 -1.77 -29.33
C HIS C 363 25.57 -2.14 -28.06
N ASN C 364 26.38 -1.24 -27.51
CA ASN C 364 27.03 -1.51 -26.24
C ASN C 364 25.98 -1.74 -25.15
N ASP C 365 26.23 -2.72 -24.28
CA ASP C 365 25.30 -2.99 -23.18
C ASP C 365 25.73 -2.31 -21.87
N ASP C 366 26.95 -1.79 -21.80
CA ASP C 366 27.48 -1.20 -20.57
C ASP C 366 27.30 0.32 -20.57
N TYR C 367 26.07 0.76 -20.29
CA TYR C 367 25.76 2.19 -20.22
C TYR C 367 24.83 2.44 -19.04
N LEU C 368 24.77 3.69 -18.60
CA LEU C 368 23.78 4.16 -17.64
C LEU C 368 22.85 5.11 -18.37
N ILE C 369 21.61 5.26 -17.90
CA ILE C 369 20.70 6.24 -18.46
C ILE C 369 20.59 7.39 -17.47
N LEU C 370 21.01 8.58 -17.88
CA LEU C 370 20.93 9.80 -17.07
C LEU C 370 19.75 10.62 -17.56
N LEU C 371 18.89 11.05 -16.64
CA LEU C 371 17.77 11.91 -16.99
C LEU C 371 18.08 13.37 -16.70
N ALA C 372 17.69 14.25 -17.63
CA ALA C 372 17.76 15.71 -17.49
C ALA C 372 19.17 16.20 -17.19
N GLU C 373 20.18 15.45 -17.64
CA GLU C 373 21.58 15.78 -17.38
C GLU C 373 21.83 16.03 -15.89
N GLY C 374 21.12 15.29 -15.04
CA GLY C 374 21.25 15.44 -13.60
C GLY C 374 20.52 16.62 -13.00
N ARG C 375 19.81 17.41 -13.80
CA ARG C 375 19.02 18.51 -13.25
C ARG C 375 17.70 17.96 -12.71
N LEU C 376 16.98 18.78 -11.93
CA LEU C 376 15.75 18.32 -11.29
C LEU C 376 14.89 17.49 -12.23
N VAL C 377 14.73 16.20 -11.96
CA VAL C 377 14.17 15.30 -12.97
C VAL C 377 12.66 15.51 -13.14
N ASN C 378 11.94 15.84 -12.06
CA ASN C 378 10.49 15.92 -12.19
C ASN C 378 10.11 17.06 -13.13
N LEU C 379 10.83 18.18 -13.04
CA LEU C 379 10.55 19.29 -13.93
C LEU C 379 11.22 19.12 -15.29
N GLY C 380 12.36 18.41 -15.33
CA GLY C 380 13.11 18.29 -16.57
C GLY C 380 12.53 17.27 -17.54
N ASN C 381 12.03 16.16 -17.03
CA ASN C 381 11.47 15.11 -17.88
C ASN C 381 9.96 14.99 -17.78
N ALA C 382 9.32 15.76 -16.89
CA ALA C 382 7.87 15.84 -16.87
C ALA C 382 7.42 17.28 -16.67
N THR C 383 6.44 17.54 -15.78
CA THR C 383 5.96 18.90 -15.62
C THR C 383 6.05 19.34 -14.16
N GLY C 384 6.88 18.67 -13.36
CA GLY C 384 6.96 19.01 -11.94
C GLY C 384 5.67 18.66 -11.21
N HIS C 385 5.47 19.32 -10.08
CA HIS C 385 4.32 19.03 -9.25
C HIS C 385 3.02 19.46 -9.92
N PRO C 386 1.91 18.83 -9.58
CA PRO C 386 0.62 19.19 -10.17
C PRO C 386 0.02 20.45 -9.56
N SER C 387 -0.86 21.09 -10.32
CA SER C 387 -1.46 22.35 -9.90
C SER C 387 -1.99 22.30 -8.48
N ARG C 388 -2.76 21.25 -8.14
CA ARG C 388 -3.43 21.24 -6.85
C ARG C 388 -2.44 21.17 -5.68
N ILE C 389 -1.24 20.64 -5.90
CA ILE C 389 -0.21 20.70 -4.88
C ILE C 389 0.46 22.07 -4.86
N MET C 390 0.83 22.59 -6.02
CA MET C 390 1.48 23.89 -6.06
C MET C 390 0.57 25.00 -5.54
N ASP C 391 -0.75 24.77 -5.56
CA ASP C 391 -1.70 25.69 -4.95
C ASP C 391 -1.24 26.09 -3.55
N GLY C 392 -0.82 25.10 -2.75
CA GLY C 392 -0.42 25.40 -1.38
C GLY C 392 0.81 26.29 -1.35
N SER C 393 1.87 25.89 -2.04
CA SER C 393 3.11 26.67 -2.07
C SER C 393 2.84 28.10 -2.52
N PHE C 394 2.04 28.26 -3.59
CA PHE C 394 1.96 29.56 -4.23
C PHE C 394 0.97 30.48 -3.51
N ALA C 395 -0.03 29.92 -2.82
CA ALA C 395 -0.81 30.75 -1.89
C ALA C 395 0.10 31.34 -0.81
N ASN C 396 1.02 30.54 -0.28
CA ASN C 396 1.95 31.07 0.72
C ASN C 396 2.82 32.16 0.11
N GLN C 397 3.29 31.96 -1.13
CA GLN C 397 4.12 32.97 -1.79
C GLN C 397 3.38 34.31 -1.89
N VAL C 398 2.12 34.28 -2.31
CA VAL C 398 1.35 35.51 -2.46
C VAL C 398 1.21 36.20 -1.10
N LEU C 399 0.89 35.43 -0.07
CA LEU C 399 0.71 36.02 1.27
C LEU C 399 2.03 36.61 1.77
N ALA C 400 3.14 35.90 1.53
CA ALA C 400 4.44 36.41 1.96
C ALA C 400 4.84 37.66 1.19
N GLN C 401 4.56 37.71 -0.12
CA GLN C 401 4.80 38.93 -0.89
C GLN C 401 4.00 40.09 -0.31
N ILE C 402 2.71 39.86 -0.05
CA ILE C 402 1.89 40.92 0.55
C ILE C 402 2.49 41.36 1.87
N HIS C 403 2.90 40.40 2.71
CA HIS C 403 3.32 40.79 4.05
C HIS C 403 4.59 41.64 4.01
N LEU C 404 5.59 41.23 3.23
CA LEU C 404 6.81 42.02 3.18
C LEU C 404 6.60 43.35 2.47
N PHE C 405 5.83 43.35 1.37
CA PHE C 405 5.61 44.61 0.68
C PHE C 405 4.96 45.64 1.59
N GLU C 406 3.98 45.21 2.39
CA GLU C 406 3.27 46.18 3.23
C GLU C 406 4.12 46.73 4.37
N GLN C 407 5.16 46.00 4.77
CA GLN C 407 6.03 46.48 5.85
C GLN C 407 7.06 47.50 5.37
N LYS C 408 7.31 47.56 4.06
CA LYS C 408 8.11 48.64 3.46
C LYS C 408 9.47 48.79 4.14
N TYR C 409 10.21 47.69 4.22
CA TYR C 409 11.51 47.72 4.88
C TYR C 409 12.44 48.73 4.23
N ALA C 410 12.38 48.87 2.90
CA ALA C 410 13.32 49.75 2.21
C ALA C 410 13.15 51.20 2.64
N ASP C 411 11.96 51.57 3.10
CA ASP C 411 11.67 52.93 3.51
C ASP C 411 12.00 53.22 4.97
N LEU C 412 12.45 52.23 5.73
CA LEU C 412 12.66 52.44 7.16
C LEU C 412 13.94 53.23 7.43
N PRO C 413 14.01 53.90 8.59
CA PRO C 413 15.28 54.50 9.01
C PRO C 413 16.31 53.43 9.33
N ALA C 414 17.59 53.81 9.21
CA ALA C 414 18.68 52.86 9.41
C ALA C 414 18.54 52.08 10.70
N ALA C 415 18.12 52.73 11.79
CA ALA C 415 18.02 52.05 13.08
C ALA C 415 16.91 51.01 13.06
N GLU C 416 15.74 51.36 12.52
CA GLU C 416 14.65 50.40 12.44
C GLU C 416 14.93 49.28 11.45
N LYS C 417 15.94 49.45 10.59
CA LYS C 417 16.28 48.40 9.62
C LYS C 417 17.05 47.25 10.29
N ALA C 418 17.99 47.58 11.19
CA ALA C 418 18.73 46.54 11.89
C ALA C 418 17.80 45.58 12.62
N LYS C 419 16.81 46.13 13.35
CA LYS C 419 15.83 45.30 14.04
C LYS C 419 14.93 44.53 13.08
N ARG C 420 14.80 44.99 11.84
CA ARG C 420 13.85 44.40 10.90
C ARG C 420 14.48 43.38 9.97
N LEU C 421 15.79 43.19 10.03
CA LEU C 421 16.52 42.32 9.11
C LEU C 421 16.50 40.89 9.64
N SER C 422 15.64 40.04 9.09
CA SER C 422 15.50 38.68 9.60
C SER C 422 14.95 37.77 8.51
N VAL C 423 14.93 36.47 8.81
CA VAL C 423 14.29 35.45 7.98
C VAL C 423 13.18 34.83 8.82
N GLU C 424 11.94 35.03 8.39
CA GLU C 424 10.78 34.64 9.18
C GLU C 424 9.93 33.68 8.38
N VAL C 425 9.00 33.03 9.08
CA VAL C 425 7.95 32.24 8.44
C VAL C 425 6.60 32.93 8.63
N LEU C 426 5.62 32.53 7.84
CA LEU C 426 4.28 33.06 7.99
C LEU C 426 3.63 32.52 9.27
N PRO C 427 2.71 33.26 9.88
CA PRO C 427 2.07 32.78 11.11
C PRO C 427 1.19 31.57 10.85
N LYS C 428 1.04 30.73 11.88
CA LYS C 428 0.34 29.47 11.71
C LYS C 428 -1.10 29.66 11.26
N LYS C 429 -1.76 30.73 11.69
CA LYS C 429 -3.16 30.92 11.30
C LYS C 429 -3.28 30.99 9.78
N LEU C 430 -2.31 31.64 9.12
CA LEU C 430 -2.37 31.73 7.66
C LEU C 430 -2.10 30.38 7.01
N ASP C 431 -1.16 29.63 7.57
CA ASP C 431 -0.89 28.26 7.12
C ASP C 431 -2.17 27.43 7.16
N GLU C 432 -2.89 27.51 8.27
CA GLU C 432 -4.15 26.79 8.44
C GLU C 432 -5.19 27.25 7.44
N GLU C 433 -5.23 28.56 7.16
CA GLU C 433 -6.21 29.08 6.21
C GLU C 433 -5.93 28.58 4.80
N VAL C 434 -4.66 28.56 4.39
CA VAL C 434 -4.32 27.93 3.11
C VAL C 434 -4.79 26.48 3.10
N ALA C 435 -4.48 25.75 4.17
CA ALA C 435 -4.85 24.33 4.24
C ALA C 435 -6.35 24.15 4.14
N LEU C 436 -7.13 25.00 4.81
CA LEU C 436 -8.57 24.86 4.73
C LEU C 436 -9.07 24.96 3.30
N GLU C 437 -8.55 25.90 2.51
CA GLU C 437 -8.99 26.02 1.12
C GLU C 437 -8.56 24.79 0.32
N MET C 438 -7.38 24.24 0.60
CA MET C 438 -6.97 23.00 -0.07
C MET C 438 -7.92 21.84 0.26
N VAL C 439 -8.29 21.71 1.54
CA VAL C 439 -9.20 20.64 1.95
C VAL C 439 -10.54 20.77 1.25
N LYS C 440 -11.08 21.99 1.19
CA LYS C 440 -12.35 22.19 0.53
C LYS C 440 -12.27 21.82 -0.96
N GLY C 441 -11.10 22.02 -1.56
CA GLY C 441 -10.92 21.64 -2.96
C GLY C 441 -11.09 20.15 -3.19
N PHE C 442 -10.79 19.33 -2.20
CA PHE C 442 -11.08 17.91 -2.29
C PHE C 442 -12.51 17.57 -1.92
N GLY C 443 -13.35 18.56 -1.56
CA GLY C 443 -14.64 18.26 -0.96
C GLY C 443 -14.58 17.78 0.48
N GLY C 444 -13.43 17.95 1.15
CA GLY C 444 -13.33 17.53 2.53
C GLY C 444 -14.09 18.48 3.43
N VAL C 445 -14.58 17.96 4.55
CA VAL C 445 -15.38 18.76 5.49
C VAL C 445 -14.65 18.74 6.84
N VAL C 446 -14.14 19.92 7.25
CA VAL C 446 -13.44 20.10 8.51
C VAL C 446 -14.50 20.31 9.61
N THR C 447 -14.31 19.64 10.75
CA THR C 447 -15.23 19.76 11.87
C THR C 447 -14.89 20.99 12.69
N GLN C 448 -15.92 21.62 13.27
CA GLN C 448 -15.71 22.77 14.13
C GLN C 448 -15.83 22.33 15.59
N LEU C 449 -14.82 22.67 16.39
CA LEU C 449 -14.87 22.42 17.83
C LEU C 449 -16.06 23.12 18.48
N THR C 450 -16.63 22.49 19.49
CA THR C 450 -17.51 23.21 20.38
C THR C 450 -16.69 24.14 21.28
N PRO C 451 -17.32 25.17 21.83
CA PRO C 451 -16.59 25.98 22.84
C PRO C 451 -15.99 25.15 23.96
N LYS C 452 -16.74 24.16 24.48
CA LYS C 452 -16.23 23.32 25.56
C LYS C 452 -15.05 22.48 25.10
N GLN C 453 -15.12 21.93 23.89
CA GLN C 453 -13.99 21.15 23.38
C GLN C 453 -12.76 22.03 23.17
N ALA C 454 -12.95 23.23 22.62
CA ALA C 454 -11.83 24.15 22.45
C ALA C 454 -11.17 24.46 23.79
N GLU C 455 -12.00 24.77 24.79
CA GLU C 455 -11.50 24.99 26.15
C GLU C 455 -10.75 23.76 26.65
N TYR C 456 -11.30 22.57 26.43
CA TYR C 456 -10.71 21.36 26.97
C TYR C 456 -9.28 21.16 26.49
N ILE C 457 -9.00 21.45 25.21
CA ILE C 457 -7.66 21.24 24.65
C ILE C 457 -6.85 22.54 24.58
N GLY C 458 -7.40 23.66 25.05
CA GLY C 458 -6.66 24.90 25.21
C GLY C 458 -6.37 25.62 23.90
N VAL C 459 -7.35 25.65 23.00
CA VAL C 459 -7.22 26.34 21.71
C VAL C 459 -8.47 27.17 21.51
N SER C 460 -8.37 28.13 20.61
CA SER C 460 -9.53 28.86 20.14
C SER C 460 -10.28 28.02 19.11
N VAL C 461 -11.61 28.20 19.06
CA VAL C 461 -12.40 27.51 18.05
C VAL C 461 -11.92 27.89 16.66
N GLU C 462 -11.36 29.09 16.53
CA GLU C 462 -10.77 29.63 15.30
C GLU C 462 -9.38 29.05 15.01
N GLY C 463 -8.74 28.41 15.98
CA GLY C 463 -7.34 28.04 15.90
C GLY C 463 -6.48 29.28 16.13
N PRO C 464 -5.14 29.16 16.03
CA PRO C 464 -4.42 27.96 15.61
C PRO C 464 -4.61 26.78 16.56
N PHE C 465 -4.57 25.58 15.97
CA PHE C 465 -4.91 24.35 16.66
C PHE C 465 -3.72 23.67 17.28
N LYS C 466 -2.51 24.10 16.96
CA LYS C 466 -1.27 23.47 17.38
C LYS C 466 -0.28 24.54 17.83
N PRO C 467 0.57 24.20 18.79
CA PRO C 467 1.68 25.08 19.15
C PRO C 467 2.67 25.20 17.99
N ASP C 468 3.48 26.26 18.02
CA ASP C 468 4.45 26.45 16.94
C ASP C 468 5.48 25.32 16.89
N THR C 469 5.69 24.61 17.98
CA THR C 469 6.61 23.48 18.00
C THR C 469 6.06 22.22 17.34
N TYR C 470 4.78 22.19 16.97
CA TYR C 470 4.18 20.93 16.52
C TYR C 470 4.74 20.57 15.15
N ARG C 471 5.02 19.27 14.95
CA ARG C 471 5.72 18.83 13.74
C ARG C 471 4.81 18.18 12.69
N TYR C 472 3.53 17.95 12.98
CA TYR C 472 2.62 17.26 12.03
C TYR C 472 3.22 15.96 11.49
N ALA D 11 16.80 0.76 -49.65
CA ALA D 11 17.33 1.26 -50.93
C ALA D 11 16.34 1.01 -52.07
N GLY D 12 15.53 2.02 -52.38
CA GLY D 12 14.42 1.84 -53.29
C GLY D 12 13.12 1.42 -52.61
N PHE D 13 13.08 1.40 -51.28
CA PHE D 13 11.94 0.86 -50.55
C PHE D 13 10.89 1.94 -50.38
N THR D 14 9.67 1.68 -50.89
CA THR D 14 8.57 2.63 -50.77
C THR D 14 7.29 1.99 -50.26
N ASP D 15 7.31 0.72 -49.89
CA ASP D 15 6.11 -0.06 -49.58
C ASP D 15 5.74 0.16 -48.10
N TYR D 16 5.38 1.40 -47.76
CA TYR D 16 5.03 1.71 -46.38
C TYR D 16 4.31 3.05 -46.38
N LYS D 17 3.76 3.43 -45.22
CA LYS D 17 3.22 4.78 -45.07
C LYS D 17 3.27 5.11 -43.58
N VAL D 18 4.11 6.08 -43.21
CA VAL D 18 4.27 6.48 -41.82
C VAL D 18 4.24 8.00 -41.74
N ALA D 19 4.17 8.52 -40.50
CA ALA D 19 4.06 9.97 -40.35
C ALA D 19 5.31 10.69 -40.83
N ASP D 20 6.49 10.15 -40.51
CA ASP D 20 7.73 10.90 -40.71
C ASP D 20 8.89 9.90 -40.63
N ILE D 21 9.39 9.48 -41.79
CA ILE D 21 10.46 8.49 -41.84
C ILE D 21 11.73 8.98 -41.14
N THR D 22 11.92 10.30 -41.02
CA THR D 22 13.13 10.83 -40.39
C THR D 22 13.15 10.58 -38.89
N LEU D 23 12.07 10.04 -38.30
CA LEU D 23 12.09 9.66 -36.89
C LEU D 23 12.75 8.31 -36.68
N ALA D 24 13.27 7.70 -37.75
CA ALA D 24 13.72 6.32 -37.67
C ALA D 24 14.89 6.14 -36.72
N ALA D 25 15.88 7.04 -36.76
CA ALA D 25 17.03 6.85 -35.89
C ALA D 25 16.63 6.91 -34.42
N TRP D 26 15.76 7.84 -34.07
CA TRP D 26 15.20 7.89 -32.72
C TRP D 26 14.51 6.58 -32.38
N GLY D 27 13.65 6.09 -33.27
CA GLY D 27 12.99 4.82 -33.01
C GLY D 27 13.97 3.69 -32.79
N ARG D 28 15.04 3.65 -33.60
CA ARG D 28 16.03 2.58 -33.49
C ARG D 28 16.72 2.63 -32.13
N ARG D 29 17.04 3.84 -31.64
CA ARG D 29 17.62 3.95 -30.31
C ARG D 29 16.67 3.38 -29.26
N GLU D 30 15.38 3.68 -29.38
CA GLU D 30 14.43 3.16 -28.40
C GLU D 30 14.21 1.66 -28.56
N LEU D 31 14.36 1.14 -29.79
CA LEU D 31 14.25 -0.31 -29.96
C LEU D 31 15.42 -1.02 -29.30
N ILE D 32 16.61 -0.45 -29.40
CA ILE D 32 17.77 -1.07 -28.80
C ILE D 32 17.64 -1.08 -27.27
N ILE D 33 17.12 0.00 -26.68
CA ILE D 33 16.79 -0.03 -25.26
C ILE D 33 15.73 -1.10 -24.96
N ALA D 34 14.67 -1.14 -25.75
CA ALA D 34 13.58 -2.08 -25.48
C ALA D 34 14.07 -3.52 -25.56
N GLU D 35 14.99 -3.82 -26.49
CA GLU D 35 15.54 -5.17 -26.54
C GLU D 35 16.14 -5.58 -25.19
N SER D 36 16.81 -4.66 -24.51
CA SER D 36 17.38 -4.98 -23.20
C SER D 36 16.31 -5.12 -22.11
N GLU D 37 15.09 -4.66 -22.35
CA GLU D 37 13.97 -4.83 -21.41
C GLU D 37 13.09 -6.02 -21.74
N MET D 38 13.42 -6.79 -22.80
CA MET D 38 12.54 -7.87 -23.27
C MET D 38 13.31 -9.18 -23.37
N PRO D 39 13.73 -9.75 -22.22
CA PRO D 39 14.59 -10.95 -22.28
C PRO D 39 13.89 -12.20 -22.82
N ALA D 40 12.59 -12.37 -22.61
CA ALA D 40 11.92 -13.58 -23.11
C ALA D 40 11.86 -13.55 -24.63
N LEU D 41 11.50 -12.40 -25.19
CA LEU D 41 11.45 -12.23 -26.63
C LEU D 41 12.85 -12.31 -27.24
N MET D 42 13.81 -11.57 -26.66
N MET D 42 13.82 -11.61 -26.65
CA MET D 42 15.19 -11.67 -27.11
CA MET D 42 15.17 -11.70 -27.20
C MET D 42 15.70 -13.10 -27.03
C MET D 42 15.78 -13.09 -27.00
N GLY D 43 15.36 -13.80 -25.95
CA GLY D 43 15.79 -15.18 -25.81
C GLY D 43 15.25 -16.05 -26.93
N LEU D 44 14.01 -15.81 -27.36
CA LEU D 44 13.49 -16.61 -28.47
C LEU D 44 14.25 -16.31 -29.75
N ARG D 45 14.61 -15.04 -29.97
CA ARG D 45 15.47 -14.71 -31.12
C ARG D 45 16.75 -15.51 -31.10
N ARG D 46 17.48 -15.48 -29.98
CA ARG D 46 18.72 -16.23 -29.92
C ARG D 46 18.46 -17.73 -30.09
N LYS D 47 17.41 -18.24 -29.45
CA LYS D 47 17.19 -19.68 -29.46
C LYS D 47 16.86 -20.18 -30.86
N TYR D 48 16.04 -19.43 -31.61
CA TYR D 48 15.47 -19.97 -32.85
C TYR D 48 16.08 -19.39 -34.12
N ALA D 49 17.04 -18.48 -34.00
CA ALA D 49 17.51 -17.79 -35.20
C ALA D 49 18.16 -18.75 -36.18
N GLY D 50 18.96 -19.69 -35.67
CA GLY D 50 19.60 -20.65 -36.55
C GLY D 50 18.61 -21.60 -37.18
N GLN D 51 17.55 -21.97 -36.45
CA GLN D 51 16.57 -22.90 -36.99
C GLN D 51 15.63 -22.27 -38.01
N GLN D 52 15.42 -20.95 -37.98
CA GLN D 52 14.53 -20.27 -38.91
C GLN D 52 13.16 -20.95 -38.96
N PRO D 53 12.49 -21.08 -37.81
CA PRO D 53 11.19 -21.79 -37.78
C PRO D 53 10.10 -21.08 -38.54
N LEU D 54 10.23 -19.77 -38.79
CA LEU D 54 9.22 -19.03 -39.55
C LEU D 54 9.65 -18.79 -40.98
N LYS D 55 10.65 -19.52 -41.49
CA LYS D 55 11.02 -19.36 -42.89
C LYS D 55 9.85 -19.78 -43.76
N GLY D 56 9.42 -18.87 -44.65
CA GLY D 56 8.26 -19.13 -45.47
C GLY D 56 6.96 -18.60 -44.89
N ALA D 57 6.95 -18.19 -43.63
CA ALA D 57 5.77 -17.58 -43.06
C ALA D 57 5.60 -16.18 -43.62
N LYS D 58 4.35 -15.82 -43.91
CA LYS D 58 4.03 -14.49 -44.42
C LYS D 58 2.88 -13.99 -43.56
N ILE D 59 3.19 -13.07 -42.63
CA ILE D 59 2.30 -12.75 -41.52
C ILE D 59 1.66 -11.38 -41.76
N LEU D 60 0.32 -11.38 -41.77
CA LEU D 60 -0.44 -10.14 -41.67
C LEU D 60 -0.56 -9.80 -40.20
N GLY D 61 -0.04 -8.63 -39.82
N GLY D 61 -0.04 -8.64 -39.81
CA GLY D 61 -0.08 -8.24 -38.41
CA GLY D 61 -0.08 -8.25 -38.42
C GLY D 61 -0.90 -6.99 -38.22
C GLY D 61 -0.87 -6.97 -38.20
N CYS D 62 -1.80 -6.99 -37.24
CA CYS D 62 -2.58 -5.80 -36.89
C CYS D 62 -2.54 -5.62 -35.38
N ILE D 63 -1.65 -4.76 -34.90
CA ILE D 63 -1.55 -4.47 -33.48
C ILE D 63 -0.78 -3.16 -33.29
N HIS D 64 -1.21 -2.38 -32.30
CA HIS D 64 -0.57 -1.11 -31.89
C HIS D 64 0.90 -1.01 -32.29
N MET D 65 1.22 -0.08 -33.18
CA MET D 65 2.57 0.01 -33.75
C MET D 65 3.46 0.85 -32.82
N THR D 66 3.78 0.24 -31.68
CA THR D 66 4.62 0.80 -30.63
C THR D 66 6.04 0.27 -30.73
N ILE D 67 6.92 0.85 -29.89
CA ILE D 67 8.29 0.32 -29.79
C ILE D 67 8.26 -1.17 -29.44
N GLN D 68 7.38 -1.57 -28.53
CA GLN D 68 7.34 -2.98 -28.14
C GLN D 68 6.90 -3.86 -29.31
N THR D 69 5.91 -3.40 -30.10
CA THR D 69 5.53 -4.15 -31.29
C THR D 69 6.67 -4.19 -32.29
N GLY D 70 7.51 -3.15 -32.33
CA GLY D 70 8.70 -3.22 -33.17
C GLY D 70 9.62 -4.37 -32.83
N VAL D 71 9.80 -4.65 -31.52
CA VAL D 71 10.69 -5.74 -31.12
C VAL D 71 10.07 -7.09 -31.49
N LEU D 72 8.75 -7.18 -31.39
CA LEU D 72 8.04 -8.39 -31.82
C LEU D 72 8.21 -8.59 -33.33
N ILE D 73 7.98 -7.54 -34.12
CA ILE D 73 8.10 -7.66 -35.58
C ILE D 73 9.50 -8.15 -35.96
N GLU D 74 10.53 -7.51 -35.41
CA GLU D 74 11.89 -7.90 -35.77
C GLU D 74 12.26 -9.28 -35.27
N THR D 75 11.59 -9.77 -34.22
CA THR D 75 11.81 -11.14 -33.79
C THR D 75 11.20 -12.09 -34.79
N LEU D 76 9.99 -11.80 -35.24
CA LEU D 76 9.38 -12.66 -36.25
C LEU D 76 10.24 -12.70 -37.51
N VAL D 77 10.73 -11.53 -37.94
CA VAL D 77 11.57 -11.43 -39.14
C VAL D 77 12.89 -12.16 -38.93
N ALA D 78 13.48 -12.01 -37.74
CA ALA D 78 14.74 -12.70 -37.47
C ALA D 78 14.57 -14.20 -37.45
N LEU D 79 13.36 -14.69 -37.17
CA LEU D 79 13.09 -16.12 -37.22
C LEU D 79 12.69 -16.61 -38.62
N GLY D 80 12.71 -15.75 -39.62
CA GLY D 80 12.48 -16.16 -41.00
C GLY D 80 11.24 -15.56 -41.64
N ALA D 81 10.36 -14.91 -40.90
CA ALA D 81 9.09 -14.46 -41.44
C ALA D 81 9.24 -13.22 -42.33
N GLU D 82 8.30 -13.06 -43.24
CA GLU D 82 7.99 -11.77 -43.85
C GLU D 82 6.68 -11.28 -43.27
N VAL D 83 6.51 -9.95 -43.16
CA VAL D 83 5.29 -9.40 -42.56
C VAL D 83 4.82 -8.19 -43.34
N ARG D 84 3.54 -7.86 -43.16
CA ARG D 84 2.97 -6.57 -43.56
C ARG D 84 2.11 -6.12 -42.39
N TRP D 85 2.33 -4.88 -41.92
CA TRP D 85 1.85 -4.49 -40.60
C TRP D 85 0.97 -3.24 -40.63
N SER D 86 0.00 -3.22 -39.71
CA SER D 86 -0.80 -2.03 -39.42
C SER D 86 -1.08 -2.00 -37.93
N SER D 87 -1.49 -0.85 -37.44
CA SER D 87 -1.91 -0.70 -36.06
C SER D 87 -3.38 -1.09 -35.89
N CYS D 88 -3.77 -1.54 -34.70
CA CYS D 88 -5.18 -1.85 -34.46
C CYS D 88 -5.90 -0.69 -33.75
N ASN D 89 -5.31 0.50 -33.71
CA ASN D 89 -6.02 1.64 -33.16
C ASN D 89 -5.48 2.92 -33.78
N ILE D 90 -6.38 3.89 -34.00
CA ILE D 90 -5.99 5.10 -34.69
C ILE D 90 -5.06 5.99 -33.86
N PHE D 91 -4.99 5.82 -32.52
CA PHE D 91 -4.19 6.71 -31.68
C PHE D 91 -2.98 6.01 -31.02
N SER D 92 -2.76 4.73 -31.28
CA SER D 92 -1.80 3.97 -30.47
C SER D 92 -0.41 3.90 -31.08
N THR D 93 -0.23 4.26 -32.34
CA THR D 93 1.09 4.19 -32.95
C THR D 93 2.04 5.18 -32.29
N GLN D 94 3.27 4.75 -32.07
CA GLN D 94 4.40 5.65 -31.79
C GLN D 94 5.12 5.88 -33.11
N ASP D 95 5.10 7.13 -33.59
CA ASP D 95 5.57 7.38 -34.96
C ASP D 95 7.04 7.05 -35.14
N GLN D 96 7.86 7.20 -34.08
CA GLN D 96 9.26 6.82 -34.24
C GLN D 96 9.40 5.30 -34.39
N ALA D 97 8.50 4.53 -33.78
CA ALA D 97 8.57 3.07 -33.95
C ALA D 97 8.21 2.67 -35.37
N ALA D 98 7.12 3.23 -35.88
CA ALA D 98 6.72 2.93 -37.25
C ALA D 98 7.81 3.33 -38.24
N ALA D 99 8.43 4.49 -38.03
CA ALA D 99 9.52 4.91 -38.90
C ALA D 99 10.69 3.92 -38.86
N ALA D 100 11.11 3.50 -37.66
CA ALA D 100 12.24 2.58 -37.61
C ALA D 100 11.93 1.28 -38.36
N ILE D 101 10.69 0.79 -38.26
CA ILE D 101 10.30 -0.44 -38.95
C ILE D 101 10.32 -0.24 -40.47
N ALA D 102 9.72 0.85 -40.94
CA ALA D 102 9.73 1.12 -42.38
C ALA D 102 11.16 1.27 -42.89
N ALA D 103 12.02 1.93 -42.10
CA ALA D 103 13.40 2.18 -42.53
C ALA D 103 14.19 0.88 -42.59
N ALA D 104 13.76 -0.15 -41.85
CA ALA D 104 14.35 -1.46 -41.92
C ALA D 104 13.86 -2.25 -43.12
N GLY D 105 13.05 -1.65 -43.98
CA GLY D 105 12.58 -2.36 -45.16
C GLY D 105 11.37 -3.23 -44.93
N ILE D 106 10.61 -2.98 -43.88
CA ILE D 106 9.45 -3.79 -43.49
C ILE D 106 8.19 -3.01 -43.83
N PRO D 107 7.24 -3.58 -44.56
CA PRO D 107 5.99 -2.85 -44.87
C PRO D 107 5.14 -2.59 -43.62
N VAL D 108 4.92 -1.31 -43.33
CA VAL D 108 4.12 -0.89 -42.18
C VAL D 108 3.31 0.33 -42.61
N PHE D 109 2.05 0.35 -42.21
CA PHE D 109 1.11 1.40 -42.60
C PHE D 109 0.45 1.84 -41.30
N ALA D 110 0.94 2.94 -40.72
CA ALA D 110 0.52 3.27 -39.36
C ALA D 110 1.05 4.64 -38.96
N TRP D 111 0.19 5.46 -38.35
CA TRP D 111 0.62 6.70 -37.71
C TRP D 111 -0.35 7.05 -36.60
N LYS D 112 0.15 7.85 -35.66
CA LYS D 112 -0.71 8.34 -34.58
C LYS D 112 -1.66 9.37 -35.14
N GLY D 113 -2.94 9.24 -34.80
CA GLY D 113 -3.92 10.21 -35.26
C GLY D 113 -4.52 9.90 -36.62
N GLU D 114 -4.67 8.62 -36.96
CA GLU D 114 -5.37 8.24 -38.18
C GLU D 114 -6.84 8.62 -38.09
N THR D 115 -7.44 8.88 -39.25
CA THR D 115 -8.90 8.90 -39.33
C THR D 115 -9.42 7.47 -39.47
N GLU D 116 -10.72 7.32 -39.30
CA GLU D 116 -11.32 6.00 -39.48
C GLU D 116 -11.07 5.48 -40.89
N GLU D 117 -11.20 6.34 -41.90
CA GLU D 117 -10.96 5.90 -43.27
C GLU D 117 -9.51 5.46 -43.45
N GLU D 118 -8.57 6.23 -42.88
CA GLU D 118 -7.16 5.88 -42.97
C GLU D 118 -6.87 4.58 -42.25
N TYR D 119 -7.52 4.36 -41.09
CA TYR D 119 -7.36 3.09 -40.37
C TYR D 119 -7.71 1.91 -41.27
N GLU D 120 -8.86 1.99 -41.97
CA GLU D 120 -9.25 0.90 -42.84
C GLU D 120 -8.29 0.76 -44.00
N TRP D 121 -7.89 1.88 -44.61
CA TRP D 121 -6.93 1.84 -45.72
C TRP D 121 -5.62 1.16 -45.30
N CYS D 122 -5.12 1.47 -44.09
CA CYS D 122 -3.89 0.84 -43.58
C CYS D 122 -4.01 -0.67 -43.51
N ILE D 123 -5.11 -1.19 -42.96
CA ILE D 123 -5.29 -2.63 -42.92
C ILE D 123 -5.30 -3.21 -44.34
N GLU D 124 -6.01 -2.54 -45.26
CA GLU D 124 -6.06 -3.02 -46.63
CA GLU D 124 -6.06 -3.01 -46.64
C GLU D 124 -4.68 -3.02 -47.29
N GLN D 125 -3.80 -2.09 -46.91
CA GLN D 125 -2.46 -2.10 -47.52
C GLN D 125 -1.62 -3.28 -47.05
N THR D 126 -1.93 -3.86 -45.90
CA THR D 126 -1.25 -5.10 -45.53
C THR D 126 -1.80 -6.29 -46.30
N ILE D 127 -3.11 -6.30 -46.53
CA ILE D 127 -3.76 -7.44 -47.20
C ILE D 127 -3.38 -7.48 -48.67
N LEU D 128 -3.33 -6.32 -49.31
CA LEU D 128 -3.06 -6.23 -50.74
C LEU D 128 -1.62 -5.80 -50.95
N LYS D 129 -0.96 -6.40 -51.93
CA LYS D 129 0.33 -5.93 -52.37
C LYS D 129 0.28 -5.79 -53.89
N ASP D 130 0.66 -4.60 -54.37
CA ASP D 130 0.55 -4.25 -55.78
C ASP D 130 -0.86 -4.54 -56.30
N GLY D 131 -1.86 -4.27 -55.45
CA GLY D 131 -3.24 -4.29 -55.86
C GLY D 131 -3.90 -5.65 -55.84
N GLN D 132 -3.19 -6.70 -55.46
CA GLN D 132 -3.70 -8.06 -55.43
C GLN D 132 -3.45 -8.65 -54.05
N PRO D 133 -4.18 -9.70 -53.69
CA PRO D 133 -3.95 -10.33 -52.38
C PRO D 133 -2.48 -10.75 -52.22
N TRP D 134 -1.86 -10.30 -51.13
CA TRP D 134 -0.56 -10.83 -50.74
C TRP D 134 -0.66 -12.33 -50.51
N ASP D 135 0.46 -13.03 -50.66
CA ASP D 135 0.46 -14.47 -50.41
C ASP D 135 0.62 -14.75 -48.91
N ALA D 136 -0.31 -14.18 -48.14
CA ALA D 136 -0.32 -14.33 -46.70
C ALA D 136 -0.54 -15.80 -46.33
N ASN D 137 0.06 -16.22 -45.21
CA ASN D 137 -0.30 -17.53 -44.69
C ASN D 137 -0.41 -17.56 -43.18
N MET D 138 -0.32 -16.42 -42.49
CA MET D 138 -0.45 -16.33 -41.04
C MET D 138 -1.08 -14.98 -40.68
N VAL D 139 -1.78 -14.93 -39.55
CA VAL D 139 -2.41 -13.69 -39.08
C VAL D 139 -2.05 -13.50 -37.62
N LEU D 140 -1.61 -12.29 -37.28
CA LEU D 140 -1.43 -11.87 -35.89
C LEU D 140 -2.32 -10.66 -35.66
N ASP D 141 -3.25 -10.75 -34.71
CA ASP D 141 -4.32 -9.75 -34.57
C ASP D 141 -4.46 -9.36 -33.12
N ASP D 142 -4.99 -8.15 -32.91
CA ASP D 142 -5.20 -7.58 -31.57
C ASP D 142 -6.56 -6.88 -31.68
N GLY D 143 -7.62 -7.61 -31.35
CA GLY D 143 -8.96 -7.04 -31.31
C GLY D 143 -9.90 -7.58 -32.36
N GLY D 144 -9.39 -8.26 -33.38
CA GLY D 144 -10.23 -8.93 -34.34
C GLY D 144 -10.61 -8.14 -35.59
N ASP D 145 -10.11 -6.91 -35.77
CA ASP D 145 -10.52 -6.15 -36.94
C ASP D 145 -9.95 -6.75 -38.23
N LEU D 146 -8.66 -7.06 -38.24
CA LEU D 146 -8.08 -7.74 -39.41
C LEU D 146 -8.76 -9.07 -39.64
N THR D 147 -8.98 -9.85 -38.58
CA THR D 147 -9.64 -11.15 -38.72
C THR D 147 -11.01 -11.01 -39.35
N GLU D 148 -11.78 -10.01 -38.93
CA GLU D 148 -13.12 -9.81 -39.48
C GLU D 148 -13.07 -9.44 -40.96
N ILE D 149 -12.18 -8.49 -41.33
CA ILE D 149 -12.08 -8.08 -42.72
C ILE D 149 -11.71 -9.26 -43.61
N LEU D 150 -10.77 -10.11 -43.16
CA LEU D 150 -10.44 -11.28 -43.98
C LEU D 150 -11.65 -12.18 -44.18
N HIS D 151 -12.41 -12.45 -43.11
CA HIS D 151 -13.54 -13.37 -43.23
C HIS D 151 -14.66 -12.79 -44.09
N LYS D 152 -14.89 -11.47 -44.01
CA LYS D 152 -16.00 -10.89 -44.77
C LYS D 152 -15.62 -10.61 -46.22
N LYS D 153 -14.36 -10.26 -46.47
CA LYS D 153 -13.99 -9.71 -47.78
C LYS D 153 -12.97 -10.54 -48.54
N TYR D 154 -12.18 -11.38 -47.86
CA TYR D 154 -11.07 -12.11 -48.50
C TYR D 154 -11.09 -13.60 -48.13
N PRO D 155 -12.25 -14.26 -48.22
CA PRO D 155 -12.27 -15.69 -47.91
C PRO D 155 -11.28 -16.51 -48.72
N GLN D 156 -11.04 -16.17 -50.00
CA GLN D 156 -10.06 -16.94 -50.77
C GLN D 156 -8.68 -16.89 -50.11
N MET D 157 -8.33 -15.78 -49.44
CA MET D 157 -7.03 -15.71 -48.76
C MET D 157 -7.01 -16.63 -47.54
N LEU D 158 -8.13 -16.75 -46.83
CA LEU D 158 -8.15 -17.60 -45.64
C LEU D 158 -7.93 -19.06 -46.01
N GLU D 159 -8.29 -19.48 -47.23
CA GLU D 159 -8.01 -20.86 -47.66
C GLU D 159 -6.54 -21.20 -47.49
N ARG D 160 -5.64 -20.23 -47.64
CA ARG D 160 -4.22 -20.52 -47.59
C ARG D 160 -3.55 -20.02 -46.31
N ILE D 161 -4.33 -19.73 -45.25
CA ILE D 161 -3.80 -19.19 -44.00
C ILE D 161 -3.85 -20.31 -42.96
N HIS D 162 -2.73 -20.53 -42.29
CA HIS D 162 -2.61 -21.66 -41.37
C HIS D 162 -3.17 -21.36 -39.99
N GLY D 163 -3.35 -20.08 -39.64
CA GLY D 163 -3.89 -19.77 -38.32
C GLY D 163 -3.82 -18.29 -37.98
N ILE D 164 -4.51 -17.96 -36.88
CA ILE D 164 -4.58 -16.63 -36.27
C ILE D 164 -4.04 -16.74 -34.85
N THR D 165 -3.18 -15.81 -34.45
CA THR D 165 -2.79 -15.67 -33.04
C THR D 165 -3.35 -14.33 -32.55
N GLU D 166 -4.31 -14.39 -31.62
CA GLU D 166 -5.06 -13.22 -31.20
C GLU D 166 -4.62 -12.78 -29.81
N GLU D 167 -4.36 -11.46 -29.70
CA GLU D 167 -3.73 -10.85 -28.52
C GLU D 167 -4.67 -10.67 -27.34
N THR D 168 -5.92 -10.23 -27.59
CA THR D 168 -6.64 -9.56 -26.51
C THR D 168 -8.05 -10.15 -26.29
N THR D 169 -8.56 -9.90 -25.09
CA THR D 169 -9.83 -10.50 -24.66
C THR D 169 -10.95 -10.27 -25.68
N THR D 170 -11.09 -9.03 -26.14
CA THR D 170 -12.16 -8.71 -27.08
C THR D 170 -12.04 -9.51 -28.37
N GLY D 171 -10.81 -9.65 -28.87
CA GLY D 171 -10.63 -10.42 -30.11
C GLY D 171 -10.91 -11.90 -29.91
N VAL D 172 -10.56 -12.44 -28.74
CA VAL D 172 -10.88 -13.84 -28.45
C VAL D 172 -12.39 -14.04 -28.44
N HIS D 173 -13.12 -13.13 -27.79
CA HIS D 173 -14.58 -13.26 -27.79
C HIS D 173 -15.11 -13.30 -29.22
N ARG D 174 -14.58 -12.47 -30.10
CA ARG D 174 -15.05 -12.47 -31.48
C ARG D 174 -14.73 -13.79 -32.19
N LEU D 175 -13.56 -14.37 -31.92
CA LEU D 175 -13.21 -15.69 -32.48
C LEU D 175 -14.17 -16.77 -32.00
N LEU D 176 -14.45 -16.78 -30.70
CA LEU D 176 -15.35 -17.79 -30.16
C LEU D 176 -16.75 -17.64 -30.70
N ASP D 177 -17.16 -16.40 -30.99
CA ASP D 177 -18.45 -16.24 -31.65
C ASP D 177 -18.43 -16.82 -33.05
N MET D 178 -17.37 -16.56 -33.81
CA MET D 178 -17.30 -17.19 -35.14
C MET D 178 -17.30 -18.70 -35.03
N LEU D 179 -16.53 -19.24 -34.08
CA LEU D 179 -16.47 -20.69 -33.93
C LEU D 179 -17.83 -21.27 -33.61
N LYS D 180 -18.54 -20.65 -32.66
CA LYS D 180 -19.90 -21.09 -32.33
C LYS D 180 -20.80 -21.09 -33.54
N ASN D 181 -20.72 -20.06 -34.37
CA ASN D 181 -21.60 -19.96 -35.53
C ASN D 181 -21.07 -20.71 -36.73
N GLY D 182 -19.95 -21.41 -36.59
CA GLY D 182 -19.39 -22.16 -37.70
C GLY D 182 -18.86 -21.32 -38.83
N THR D 183 -18.47 -20.07 -38.56
CA THR D 183 -17.92 -19.19 -39.59
C THR D 183 -16.41 -18.96 -39.46
N LEU D 184 -15.78 -19.44 -38.39
CA LEU D 184 -14.33 -19.34 -38.30
C LEU D 184 -13.69 -20.29 -39.32
N LYS D 185 -12.77 -19.77 -40.14
CA LYS D 185 -12.23 -20.52 -41.27
C LYS D 185 -10.85 -21.10 -41.02
N VAL D 186 -10.13 -20.62 -40.01
CA VAL D 186 -8.80 -21.14 -39.69
C VAL D 186 -8.66 -21.21 -38.18
N PRO D 187 -7.80 -22.11 -37.69
CA PRO D 187 -7.67 -22.25 -36.23
C PRO D 187 -6.93 -21.06 -35.64
N ALA D 188 -7.13 -20.87 -34.34
CA ALA D 188 -6.57 -19.73 -33.64
C ALA D 188 -5.89 -20.19 -32.36
N ILE D 189 -4.86 -19.44 -31.94
CA ILE D 189 -4.39 -19.50 -30.57
C ILE D 189 -4.82 -18.25 -29.84
N ASN D 190 -5.50 -18.43 -28.71
CA ASN D 190 -5.86 -17.40 -27.75
C ASN D 190 -4.60 -17.07 -26.94
N VAL D 191 -3.88 -16.03 -27.38
CA VAL D 191 -2.65 -15.63 -26.68
C VAL D 191 -3.02 -14.93 -25.39
N ASN D 192 -4.20 -14.32 -25.35
CA ASN D 192 -4.60 -13.57 -24.16
C ASN D 192 -4.56 -14.42 -22.90
N ASP D 193 -4.94 -15.68 -22.99
CA ASP D 193 -5.16 -16.45 -21.77
C ASP D 193 -3.94 -17.22 -21.29
N SER D 194 -2.76 -17.02 -21.89
CA SER D 194 -1.54 -17.38 -21.16
C SER D 194 -1.51 -16.55 -19.87
N VAL D 195 -1.03 -17.17 -18.77
CA VAL D 195 -0.98 -16.40 -17.53
C VAL D 195 0.05 -15.29 -17.65
N THR D 196 1.16 -15.55 -18.39
CA THR D 196 2.16 -14.52 -18.69
C THR D 196 1.66 -13.48 -19.71
N LYS D 197 0.41 -13.57 -20.11
CA LYS D 197 -0.24 -12.48 -20.84
C LYS D 197 -1.35 -11.88 -19.98
N SER D 198 -2.47 -12.59 -19.84
CA SER D 198 -3.63 -12.04 -19.12
C SER D 198 -3.29 -11.51 -17.73
N LYS D 199 -2.53 -12.27 -16.93
CA LYS D 199 -2.27 -11.85 -15.55
C LYS D 199 -1.01 -11.05 -15.41
N ASN D 200 -0.43 -10.62 -16.53
CA ASN D 200 0.77 -9.77 -16.58
C ASN D 200 0.42 -8.49 -17.33
N ASP D 201 0.24 -8.57 -18.65
CA ASP D 201 -0.18 -7.46 -19.51
C ASP D 201 -1.51 -6.83 -19.04
N ASN D 202 -2.60 -7.60 -18.99
CA ASN D 202 -3.90 -6.97 -18.78
C ASN D 202 -3.98 -6.28 -17.44
N LYS D 203 -3.35 -6.86 -16.43
CA LYS D 203 -3.44 -6.35 -15.06
C LYS D 203 -2.29 -5.39 -14.77
N TYR D 204 -1.06 -5.91 -14.72
CA TYR D 204 0.08 -5.07 -14.37
C TYR D 204 0.37 -4.02 -15.44
N GLY D 205 0.11 -4.31 -16.72
CA GLY D 205 0.34 -3.28 -17.71
C GLY D 205 -0.54 -2.08 -17.48
N CYS D 206 -1.82 -2.31 -17.18
CA CYS D 206 -2.69 -1.18 -16.93
C CYS D 206 -2.34 -0.52 -15.60
N ARG D 207 -1.83 -1.28 -14.64
CA ARG D 207 -1.38 -0.65 -13.41
CA ARG D 207 -1.38 -0.64 -13.40
C ARG D 207 -0.31 0.40 -13.71
N HIS D 208 0.62 0.06 -14.60
CA HIS D 208 1.70 0.98 -14.95
C HIS D 208 1.18 2.13 -15.80
N SER D 209 0.34 1.82 -16.80
CA SER D 209 0.13 2.80 -17.84
C SER D 209 -1.15 3.63 -17.72
N LEU D 210 -2.11 3.26 -16.84
CA LEU D 210 -3.30 4.11 -16.70
C LEU D 210 -2.96 5.45 -16.04
N ASN D 211 -2.41 5.45 -14.83
CA ASN D 211 -2.12 6.73 -14.22
CA ASN D 211 -2.08 6.72 -14.20
C ASN D 211 -1.09 7.50 -15.04
N ASP D 212 -0.24 6.78 -15.78
CA ASP D 212 0.71 7.42 -16.70
C ASP D 212 -0.03 8.28 -17.74
N ALA D 213 -0.95 7.67 -18.50
CA ALA D 213 -1.69 8.43 -19.50
C ALA D 213 -2.51 9.57 -18.87
N ILE D 214 -3.09 9.36 -17.70
CA ILE D 214 -3.88 10.43 -17.09
C ILE D 214 -2.98 11.60 -16.74
N LYS D 215 -1.80 11.32 -16.17
CA LYS D 215 -0.85 12.38 -15.85
C LYS D 215 -0.38 13.10 -17.10
N ARG D 216 -0.06 12.37 -18.16
CA ARG D 216 0.40 13.08 -19.35
C ARG D 216 -0.70 13.93 -19.96
N GLY D 217 -1.94 13.45 -19.93
CA GLY D 217 -3.01 14.17 -20.58
C GLY D 217 -3.43 15.42 -19.83
N THR D 218 -3.48 15.35 -18.49
CA THR D 218 -4.07 16.41 -17.64
C THR D 218 -3.11 16.98 -16.61
N ASP D 219 -2.07 16.25 -16.23
CA ASP D 219 -1.20 16.59 -15.10
C ASP D 219 -1.99 16.85 -13.82
N HIS D 220 -3.14 16.19 -13.69
CA HIS D 220 -3.94 16.32 -12.48
C HIS D 220 -3.31 15.57 -11.32
N LEU D 221 -3.30 16.19 -10.15
CA LEU D 221 -3.12 15.41 -8.93
C LEU D 221 -4.24 14.37 -8.86
N LEU D 222 -3.86 13.13 -8.50
CA LEU D 222 -4.84 12.06 -8.30
C LEU D 222 -5.10 11.79 -6.83
N SER D 223 -4.09 11.93 -5.98
CA SER D 223 -4.22 11.69 -4.54
C SER D 223 -5.37 12.49 -3.97
N GLY D 224 -6.18 11.83 -3.14
CA GLY D 224 -7.25 12.54 -2.44
C GLY D 224 -8.52 12.69 -3.23
N LYS D 225 -8.52 12.35 -4.53
CA LYS D 225 -9.70 12.54 -5.37
C LYS D 225 -10.46 11.22 -5.51
N GLN D 226 -11.70 11.32 -6.01
CA GLN D 226 -12.60 10.18 -6.08
C GLN D 226 -12.61 9.61 -7.49
N ALA D 227 -12.40 8.31 -7.60
CA ALA D 227 -12.48 7.61 -8.89
C ALA D 227 -13.58 6.56 -8.88
N LEU D 228 -14.15 6.32 -10.06
CA LEU D 228 -15.07 5.20 -10.29
C LEU D 228 -14.50 4.35 -11.43
N VAL D 229 -14.13 3.12 -11.12
CA VAL D 229 -13.68 2.19 -12.15
C VAL D 229 -14.84 1.25 -12.48
N ILE D 230 -15.25 1.22 -13.75
CA ILE D 230 -16.31 0.33 -14.22
C ILE D 230 -15.66 -0.96 -14.70
N GLY D 231 -15.84 -2.02 -13.94
CA GLY D 231 -15.24 -3.30 -14.28
C GLY D 231 -14.12 -3.66 -13.31
N TYR D 232 -14.00 -4.96 -13.04
CA TYR D 232 -12.96 -5.46 -12.13
C TYR D 232 -12.47 -6.83 -12.62
N GLY D 233 -12.34 -6.97 -13.94
CA GLY D 233 -11.62 -8.08 -14.55
C GLY D 233 -10.13 -7.81 -14.45
N ASP D 234 -9.35 -8.36 -15.38
CA ASP D 234 -7.91 -8.16 -15.27
C ASP D 234 -7.54 -6.69 -15.48
N VAL D 235 -8.15 -6.05 -16.47
CA VAL D 235 -7.88 -4.64 -16.71
C VAL D 235 -8.42 -3.78 -15.57
N GLY D 236 -9.64 -4.08 -15.09
CA GLY D 236 -10.20 -3.30 -13.99
C GLY D 236 -9.42 -3.43 -12.71
N LYS D 237 -8.91 -4.63 -12.44
CA LYS D 237 -8.03 -4.83 -11.29
C LYS D 237 -6.78 -3.99 -11.40
N GLY D 238 -6.10 -4.06 -12.56
CA GLY D 238 -4.89 -3.28 -12.73
C GLY D 238 -5.17 -1.79 -12.71
N SER D 239 -6.29 -1.40 -13.29
CA SER D 239 -6.63 0.02 -13.35
C SER D 239 -6.94 0.56 -11.96
N SER D 240 -7.70 -0.19 -11.17
CA SER D 240 -8.03 0.24 -9.81
C SER D 240 -6.77 0.39 -8.96
N GLN D 241 -5.82 -0.53 -9.12
CA GLN D 241 -4.54 -0.40 -8.41
C GLN D 241 -3.74 0.81 -8.91
N SER D 242 -3.77 1.07 -10.22
CA SER D 242 -3.07 2.23 -10.77
C SER D 242 -3.50 3.51 -10.06
N LEU D 243 -4.81 3.63 -9.76
CA LEU D 243 -5.35 4.83 -9.13
C LEU D 243 -5.21 4.79 -7.61
N ARG D 244 -5.48 3.64 -7.00
CA ARG D 244 -5.36 3.52 -5.54
C ARG D 244 -3.91 3.75 -5.07
N GLN D 245 -2.92 3.21 -5.80
CA GLN D 245 -1.54 3.40 -5.35
C GLN D 245 -1.11 4.86 -5.42
N GLU D 246 -1.82 5.68 -6.19
CA GLU D 246 -1.59 7.11 -6.27
C GLU D 246 -2.31 7.88 -5.17
N GLY D 247 -3.15 7.19 -4.40
CA GLY D 247 -3.89 7.83 -3.32
C GLY D 247 -5.31 8.23 -3.70
N MET D 248 -5.82 7.78 -4.85
CA MET D 248 -7.22 8.03 -5.14
C MET D 248 -8.11 7.21 -4.22
N ILE D 249 -9.31 7.72 -3.94
CA ILE D 249 -10.35 6.97 -3.24
C ILE D 249 -11.16 6.31 -4.35
N VAL D 250 -10.99 5.00 -4.52
CA VAL D 250 -11.49 4.27 -5.69
C VAL D 250 -12.74 3.50 -5.31
N LYS D 251 -13.82 3.71 -6.05
CA LYS D 251 -15.00 2.87 -5.99
C LYS D 251 -15.06 2.03 -7.26
N VAL D 252 -15.65 0.84 -7.17
CA VAL D 252 -15.63 -0.14 -8.27
C VAL D 252 -17.06 -0.56 -8.59
N ALA D 253 -17.38 -0.66 -9.88
CA ALA D 253 -18.66 -1.20 -10.30
C ALA D 253 -18.44 -2.53 -11.02
N GLU D 254 -19.36 -3.46 -10.87
CA GLU D 254 -19.22 -4.77 -11.53
C GLU D 254 -20.59 -5.38 -11.74
N VAL D 255 -20.70 -6.24 -12.76
CA VAL D 255 -21.88 -7.10 -12.94
C VAL D 255 -21.61 -8.53 -12.47
N ASP D 256 -20.34 -8.91 -12.30
CA ASP D 256 -19.95 -10.26 -11.89
C ASP D 256 -19.73 -10.27 -10.38
N PRO D 257 -20.57 -10.95 -9.61
CA PRO D 257 -20.44 -10.86 -8.14
C PRO D 257 -19.13 -11.45 -7.62
N ILE D 258 -18.52 -12.40 -8.35
CA ILE D 258 -17.23 -12.93 -7.91
C ILE D 258 -16.16 -11.85 -8.04
N CYS D 259 -16.15 -11.14 -9.18
CA CYS D 259 -15.19 -10.04 -9.32
C CYS D 259 -15.47 -8.94 -8.30
N ALA D 260 -16.75 -8.66 -8.04
CA ALA D 260 -17.10 -7.66 -7.02
C ALA D 260 -16.61 -8.09 -5.63
N MET D 261 -16.74 -9.39 -5.31
N MET D 261 -16.72 -9.40 -5.32
CA MET D 261 -16.21 -9.88 -4.04
CA MET D 261 -16.22 -9.91 -4.05
C MET D 261 -14.72 -9.58 -3.92
C MET D 261 -14.72 -9.62 -3.91
N GLN D 262 -13.97 -9.79 -5.00
CA GLN D 262 -12.54 -9.53 -4.97
C GLN D 262 -12.28 -8.04 -4.72
N ALA D 263 -13.07 -7.17 -5.36
CA ALA D 263 -12.89 -5.74 -5.13
C ALA D 263 -13.12 -5.39 -3.67
N CYS D 264 -14.16 -5.98 -3.06
CA CYS D 264 -14.41 -5.73 -1.64
C CYS D 264 -13.23 -6.17 -0.80
N MET D 265 -12.80 -7.42 -0.98
CA MET D 265 -11.68 -7.94 -0.20
C MET D 265 -10.40 -7.17 -0.49
N ASP D 266 -10.28 -6.58 -1.69
CA ASP D 266 -9.10 -5.80 -2.01
C ASP D 266 -9.15 -4.39 -1.43
N GLY D 267 -10.22 -4.03 -0.77
CA GLY D 267 -10.29 -2.77 -0.05
C GLY D 267 -11.00 -1.66 -0.77
N PHE D 268 -11.85 -1.99 -1.75
CA PHE D 268 -12.64 -0.99 -2.46
C PHE D 268 -14.11 -1.10 -2.10
N GLU D 269 -14.78 0.04 -2.12
CA GLU D 269 -16.23 0.08 -1.97
C GLU D 269 -16.85 -0.24 -3.33
N VAL D 270 -17.80 -1.18 -3.38
CA VAL D 270 -18.42 -1.58 -4.63
C VAL D 270 -19.76 -0.86 -4.75
N VAL D 271 -19.94 -0.13 -5.85
CA VAL D 271 -21.10 0.73 -6.08
C VAL D 271 -21.62 0.51 -7.49
N SER D 272 -22.85 0.97 -7.73
CA SER D 272 -23.42 1.00 -9.07
C SER D 272 -23.77 2.43 -9.47
N PRO D 273 -23.55 2.81 -10.73
CA PRO D 273 -24.06 4.09 -11.21
C PRO D 273 -25.57 4.19 -11.15
N TYR D 274 -26.26 3.06 -11.00
CA TYR D 274 -27.72 3.03 -11.01
C TYR D 274 -28.24 2.67 -9.63
N LYS D 275 -29.39 3.23 -9.28
CA LYS D 275 -29.99 2.92 -7.99
C LYS D 275 -30.34 1.43 -7.92
N ASN D 276 -29.85 0.76 -6.87
CA ASN D 276 -30.01 -0.68 -6.71
C ASN D 276 -29.45 -1.46 -7.88
N GLY D 277 -28.60 -0.82 -8.69
CA GLY D 277 -27.96 -1.47 -9.79
C GLY D 277 -28.86 -1.75 -10.97
N ILE D 278 -30.04 -1.12 -11.04
CA ILE D 278 -31.01 -1.41 -12.09
C ILE D 278 -30.96 -0.28 -13.12
N ASN D 279 -30.54 -0.63 -14.33
CA ASN D 279 -30.30 0.30 -15.43
C ASN D 279 -31.54 0.21 -16.32
N ASP D 280 -32.56 1.00 -15.99
CA ASP D 280 -33.80 0.96 -16.75
C ASP D 280 -33.89 2.02 -17.85
N GLY D 281 -32.80 2.76 -18.10
CA GLY D 281 -32.76 3.73 -19.17
C GLY D 281 -33.24 5.13 -18.83
N THR D 282 -33.82 5.33 -17.66
CA THR D 282 -34.32 6.64 -17.24
C THR D 282 -33.25 7.41 -16.48
N GLU D 283 -33.33 8.74 -16.57
CA GLU D 283 -32.47 9.58 -15.73
C GLU D 283 -32.70 9.31 -14.25
N ALA D 284 -33.95 8.98 -13.88
CA ALA D 284 -34.30 8.76 -12.49
C ALA D 284 -33.52 7.61 -11.88
N SER D 285 -33.07 6.66 -12.71
CA SER D 285 -32.32 5.50 -12.25
C SER D 285 -30.87 5.84 -11.90
N ILE D 286 -30.36 6.99 -12.30
CA ILE D 286 -28.98 7.36 -12.03
C ILE D 286 -28.84 7.75 -10.57
N ASP D 287 -27.81 7.23 -9.90
CA ASP D 287 -27.44 7.69 -8.56
C ASP D 287 -26.67 9.00 -8.74
N ALA D 288 -27.43 10.10 -8.81
CA ALA D 288 -26.84 11.41 -9.06
C ALA D 288 -25.92 11.85 -7.93
N ALA D 289 -26.29 11.54 -6.69
CA ALA D 289 -25.44 11.90 -5.55
C ALA D 289 -24.07 11.25 -5.67
N LEU D 290 -24.03 9.97 -6.04
CA LEU D 290 -22.76 9.28 -6.24
C LEU D 290 -21.97 9.88 -7.41
N LEU D 291 -22.61 10.01 -8.56
CA LEU D 291 -21.86 10.45 -9.74
C LEU D 291 -21.42 11.89 -9.59
N GLY D 292 -22.18 12.70 -8.85
CA GLY D 292 -21.79 14.07 -8.65
C GLY D 292 -20.56 14.24 -7.78
N LYS D 293 -20.03 13.16 -7.19
CA LYS D 293 -18.81 13.23 -6.38
C LYS D 293 -17.60 12.63 -7.05
N ILE D 294 -17.75 12.11 -8.28
CA ILE D 294 -16.68 11.38 -8.96
C ILE D 294 -15.84 12.36 -9.79
N ASP D 295 -14.51 12.33 -9.57
CA ASP D 295 -13.56 13.17 -10.30
C ASP D 295 -13.00 12.48 -11.53
N LEU D 296 -13.08 11.17 -11.58
CA LEU D 296 -12.50 10.41 -12.68
C LEU D 296 -13.30 9.12 -12.85
N ILE D 297 -13.70 8.82 -14.08
CA ILE D 297 -14.33 7.55 -14.37
C ILE D 297 -13.50 6.84 -15.44
N VAL D 298 -13.24 5.55 -15.23
CA VAL D 298 -12.48 4.72 -16.15
C VAL D 298 -13.31 3.48 -16.48
N THR D 299 -13.50 3.21 -17.78
CA THR D 299 -14.20 2.00 -18.22
C THR D 299 -13.17 0.93 -18.59
N THR D 300 -13.42 -0.32 -18.16
CA THR D 300 -12.48 -1.42 -18.31
C THR D 300 -13.14 -2.72 -18.79
N THR D 301 -14.34 -2.66 -19.38
CA THR D 301 -15.19 -3.86 -19.44
C THR D 301 -15.08 -4.69 -20.72
N GLY D 302 -14.78 -4.09 -21.87
CA GLY D 302 -15.03 -4.81 -23.11
C GLY D 302 -16.50 -4.91 -23.51
N ASN D 303 -17.37 -4.18 -22.80
CA ASN D 303 -18.83 -4.19 -23.01
C ASN D 303 -19.23 -2.85 -23.62
N VAL D 304 -20.52 -2.67 -23.88
CA VAL D 304 -21.02 -1.51 -24.61
C VAL D 304 -21.78 -0.60 -23.65
N ASN D 305 -21.52 0.71 -23.76
CA ASN D 305 -22.31 1.76 -23.12
C ASN D 305 -22.36 1.60 -21.61
N VAL D 306 -21.19 1.34 -21.02
CA VAL D 306 -21.12 1.22 -19.55
C VAL D 306 -20.84 2.54 -18.89
N CYS D 307 -20.57 3.59 -19.67
CA CYS D 307 -20.57 4.98 -19.16
C CYS D 307 -21.51 5.69 -20.13
N ASP D 308 -22.79 5.74 -19.78
CA ASP D 308 -23.83 6.10 -20.73
C ASP D 308 -24.15 7.58 -20.62
N ALA D 309 -25.10 8.02 -21.45
CA ALA D 309 -25.39 9.44 -21.57
C ALA D 309 -25.88 10.02 -20.25
N ASN D 310 -26.77 9.30 -19.56
CA ASN D 310 -27.30 9.81 -18.29
C ASN D 310 -26.22 9.85 -17.21
N MET D 311 -25.30 8.89 -17.22
CA MET D 311 -24.14 8.98 -16.35
C MET D 311 -23.31 10.22 -16.68
N LEU D 312 -23.09 10.49 -17.97
CA LEU D 312 -22.29 11.63 -18.35
C LEU D 312 -22.93 12.93 -17.91
N LYS D 313 -24.26 13.01 -18.05
CA LYS D 313 -24.99 14.22 -17.66
C LYS D 313 -24.88 14.49 -16.16
N ALA D 314 -24.71 13.44 -15.35
CA ALA D 314 -24.73 13.56 -13.91
C ALA D 314 -23.35 13.68 -13.28
N LEU D 315 -22.27 13.44 -14.03
CA LEU D 315 -20.94 13.48 -13.45
C LEU D 315 -20.63 14.85 -12.88
N LYS D 316 -19.82 14.86 -11.82
CA LYS D 316 -19.29 16.07 -11.26
C LYS D 316 -18.67 16.95 -12.34
N LYS D 317 -18.91 18.25 -12.26
CA LYS D 317 -18.24 19.20 -13.15
C LYS D 317 -16.74 18.96 -13.16
N ARG D 318 -16.15 19.01 -14.36
CA ARG D 318 -14.71 18.90 -14.59
C ARG D 318 -14.18 17.50 -14.30
N ALA D 319 -15.04 16.49 -14.21
CA ALA D 319 -14.52 15.12 -14.08
C ALA D 319 -13.78 14.72 -15.35
N VAL D 320 -12.81 13.81 -15.19
CA VAL D 320 -12.12 13.18 -16.30
C VAL D 320 -12.82 11.87 -16.65
N VAL D 321 -12.96 11.64 -17.95
CA VAL D 321 -13.63 10.46 -18.49
C VAL D 321 -12.64 9.78 -19.43
N CYS D 322 -12.40 8.48 -19.23
CA CYS D 322 -11.56 7.77 -20.19
C CYS D 322 -11.92 6.29 -20.19
N ASN D 323 -11.39 5.61 -21.20
CA ASN D 323 -11.66 4.20 -21.44
C ASN D 323 -10.33 3.50 -21.70
N ILE D 324 -10.13 2.35 -21.07
CA ILE D 324 -8.95 1.53 -21.28
C ILE D 324 -9.32 0.13 -21.78
N GLY D 325 -10.61 -0.13 -22.05
CA GLY D 325 -10.99 -1.31 -22.81
C GLY D 325 -10.64 -1.14 -24.29
N HIS D 326 -10.85 -2.20 -25.08
CA HIS D 326 -10.30 -2.19 -26.44
C HIS D 326 -11.00 -1.17 -27.35
N PHE D 327 -12.31 -0.97 -27.20
CA PHE D 327 -13.08 -0.18 -28.18
C PHE D 327 -13.72 1.03 -27.50
N ASP D 328 -13.91 2.12 -28.27
CA ASP D 328 -14.40 3.36 -27.65
C ASP D 328 -15.89 3.31 -27.27
N ASN D 329 -16.66 2.32 -27.73
CA ASN D 329 -18.09 2.34 -27.47
C ASN D 329 -18.44 2.00 -26.02
N GLU D 330 -17.45 1.84 -25.14
CA GLU D 330 -17.73 1.71 -23.71
C GLU D 330 -18.34 3.00 -23.16
N ILE D 331 -17.99 4.14 -23.77
CA ILE D 331 -18.49 5.45 -23.38
C ILE D 331 -19.38 5.94 -24.51
N ASP D 332 -20.52 6.54 -24.16
CA ASP D 332 -21.40 7.10 -25.20
C ASP D 332 -20.85 8.43 -25.68
N THR D 333 -19.73 8.35 -26.42
CA THR D 333 -19.18 9.58 -27.00
C THR D 333 -20.03 10.11 -28.14
N ALA D 334 -20.84 9.26 -28.80
CA ALA D 334 -21.74 9.77 -29.82
C ALA D 334 -22.75 10.75 -29.24
N PHE D 335 -23.30 10.42 -28.06
CA PHE D 335 -24.18 11.38 -27.40
C PHE D 335 -23.48 12.72 -27.22
N MET D 336 -22.21 12.67 -26.79
CA MET D 336 -21.48 13.91 -26.54
C MET D 336 -21.20 14.67 -27.83
N ARG D 337 -20.89 13.96 -28.92
CA ARG D 337 -20.68 14.66 -30.20
C ARG D 337 -21.95 15.32 -30.68
N LYS D 338 -23.10 14.72 -30.41
CA LYS D 338 -24.37 15.24 -30.88
C LYS D 338 -24.84 16.44 -30.08
N ASN D 339 -24.56 16.49 -28.77
CA ASN D 339 -25.19 17.45 -27.89
C ASN D 339 -24.26 18.50 -27.31
N TRP D 340 -22.96 18.24 -27.23
CA TRP D 340 -22.08 19.12 -26.47
C TRP D 340 -20.93 19.63 -27.34
N ALA D 341 -20.38 20.78 -26.95
CA ALA D 341 -19.32 21.44 -27.70
C ALA D 341 -17.95 20.95 -27.24
N TRP D 342 -17.11 20.51 -28.19
CA TRP D 342 -15.79 19.98 -27.85
C TRP D 342 -14.72 21.05 -28.05
N GLU D 343 -13.89 21.24 -27.04
CA GLU D 343 -12.77 22.17 -27.09
C GLU D 343 -11.49 21.35 -26.99
N GLU D 344 -10.70 21.29 -28.06
CA GLU D 344 -9.42 20.61 -27.95
C GLU D 344 -8.49 21.38 -27.01
N VAL D 345 -8.00 20.72 -25.96
CA VAL D 345 -6.95 21.29 -25.13
C VAL D 345 -5.59 21.13 -25.81
N LYS D 346 -5.28 19.91 -26.25
CA LYS D 346 -4.10 19.50 -26.99
C LYS D 346 -4.46 18.16 -27.61
N PRO D 347 -3.62 17.54 -28.43
CA PRO D 347 -4.01 16.26 -29.04
C PRO D 347 -4.48 15.25 -28.00
N GLN D 348 -5.60 14.60 -28.28
CA GLN D 348 -6.16 13.54 -27.45
C GLN D 348 -6.64 14.02 -26.07
N VAL D 349 -6.88 15.32 -25.93
CA VAL D 349 -7.43 15.88 -24.70
C VAL D 349 -8.50 16.89 -25.12
N HIS D 350 -9.77 16.60 -24.80
CA HIS D 350 -10.86 17.50 -25.16
C HIS D 350 -11.66 17.87 -23.92
N LYS D 351 -11.99 19.14 -23.78
CA LYS D 351 -13.02 19.57 -22.85
C LYS D 351 -14.37 19.47 -23.57
N ILE D 352 -15.33 18.82 -22.94
CA ILE D 352 -16.68 18.64 -23.49
C ILE D 352 -17.60 19.54 -22.68
N HIS D 353 -18.11 20.60 -23.31
CA HIS D 353 -18.89 21.62 -22.60
C HIS D 353 -20.37 21.26 -22.62
N ARG D 354 -20.94 21.03 -21.44
CA ARG D 354 -22.32 20.57 -21.31
C ARG D 354 -23.31 21.70 -21.41
N THR D 355 -22.84 22.91 -21.70
CA THR D 355 -23.72 24.05 -21.89
C THR D 355 -24.45 24.03 -23.23
N GLY D 356 -24.09 23.16 -24.15
CA GLY D 356 -24.75 23.17 -25.43
C GLY D 356 -23.80 22.76 -26.53
N LYS D 357 -24.38 22.61 -27.73
CA LYS D 357 -23.67 22.08 -28.88
C LYS D 357 -22.98 23.16 -29.71
N ASP D 358 -23.52 24.37 -29.72
CA ASP D 358 -23.05 25.43 -30.61
C ASP D 358 -22.25 26.44 -29.80
N GLY D 359 -20.92 26.36 -29.94
CA GLY D 359 -20.04 27.26 -29.22
C GLY D 359 -19.93 26.97 -27.74
N PHE D 360 -18.96 27.59 -27.09
CA PHE D 360 -18.77 27.47 -25.65
C PHE D 360 -18.12 28.76 -25.15
N ASP D 361 -18.31 29.04 -23.86
CA ASP D 361 -17.58 30.11 -23.20
C ASP D 361 -16.23 29.57 -22.76
N ALA D 362 -15.14 30.24 -23.16
CA ALA D 362 -13.81 29.73 -22.83
C ALA D 362 -13.61 29.54 -21.33
N HIS D 363 -14.41 30.23 -20.51
CA HIS D 363 -14.30 30.13 -19.06
C HIS D 363 -15.48 29.38 -18.44
N ASN D 364 -16.27 28.70 -19.24
CA ASN D 364 -17.31 27.83 -18.70
C ASN D 364 -16.72 26.85 -17.70
N ASP D 365 -17.41 26.65 -16.57
CA ASP D 365 -16.95 25.68 -15.58
C ASP D 365 -17.59 24.31 -15.73
N ASP D 366 -18.61 24.18 -16.58
CA ASP D 366 -19.38 22.95 -16.66
C ASP D 366 -18.94 22.16 -17.89
N TYR D 367 -17.82 21.44 -17.73
CA TYR D 367 -17.28 20.62 -18.79
C TYR D 367 -16.79 19.31 -18.20
N LEU D 368 -16.62 18.32 -19.07
CA LEU D 368 -15.87 17.13 -18.73
C LEU D 368 -14.58 17.11 -19.54
N ILE D 369 -13.58 16.38 -19.04
CA ILE D 369 -12.35 16.18 -19.82
C ILE D 369 -12.35 14.75 -20.33
N LEU D 370 -12.40 14.59 -21.63
CA LEU D 370 -12.38 13.28 -22.29
C LEU D 370 -10.96 13.04 -22.83
N LEU D 371 -10.40 11.87 -22.56
CA LEU D 371 -9.07 11.51 -23.03
C LEU D 371 -9.15 10.57 -24.22
N ALA D 372 -8.33 10.86 -25.24
CA ALA D 372 -8.17 10.01 -26.44
C ALA D 372 -9.49 9.79 -27.18
N GLU D 373 -10.40 10.76 -27.09
CA GLU D 373 -11.73 10.63 -27.71
C GLU D 373 -12.41 9.31 -27.35
N GLY D 374 -12.07 8.80 -26.17
CA GLY D 374 -12.62 7.57 -25.64
C GLY D 374 -11.94 6.30 -26.11
N ARG D 375 -10.92 6.40 -26.95
CA ARG D 375 -10.14 5.23 -27.36
C ARG D 375 -9.17 4.84 -26.25
N LEU D 376 -8.62 3.63 -26.35
CA LEU D 376 -7.73 3.09 -25.32
C LEU D 376 -6.78 4.15 -24.75
N VAL D 377 -6.93 4.51 -23.47
CA VAL D 377 -6.28 5.73 -23.03
C VAL D 377 -4.78 5.54 -22.76
N ASN D 378 -4.37 4.35 -22.30
CA ASN D 378 -2.95 4.13 -22.02
C ASN D 378 -2.12 4.28 -23.29
N LEU D 379 -2.64 3.78 -24.43
CA LEU D 379 -1.91 3.91 -25.68
C LEU D 379 -2.15 5.25 -26.36
N GLY D 380 -3.33 5.86 -26.17
CA GLY D 380 -3.67 7.11 -26.82
C GLY D 380 -2.99 8.31 -26.20
N ASN D 381 -2.88 8.34 -24.87
CA ASN D 381 -2.30 9.49 -24.18
C ASN D 381 -0.93 9.23 -23.58
N ALA D 382 -0.45 7.98 -23.57
CA ALA D 382 0.92 7.68 -23.15
C ALA D 382 1.51 6.72 -24.16
N THR D 383 2.21 5.65 -23.71
CA THR D 383 2.85 4.70 -24.65
C THR D 383 2.40 3.25 -24.41
N GLY D 384 1.21 3.05 -23.83
CA GLY D 384 0.76 1.72 -23.47
C GLY D 384 1.67 1.08 -22.44
N HIS D 385 1.69 -0.25 -22.44
CA HIS D 385 2.43 -1.00 -21.43
C HIS D 385 3.91 -0.88 -21.69
N PRO D 386 4.72 -1.04 -20.65
CA PRO D 386 6.18 -1.00 -20.81
C PRO D 386 6.75 -2.29 -21.43
N SER D 387 7.92 -2.12 -22.05
CA SER D 387 8.61 -3.23 -22.72
C SER D 387 8.70 -4.48 -21.86
N ARG D 388 9.07 -4.35 -20.58
CA ARG D 388 9.32 -5.55 -19.79
C ARG D 388 8.02 -6.33 -19.50
N ILE D 389 6.85 -5.67 -19.58
CA ILE D 389 5.59 -6.39 -19.49
C ILE D 389 5.21 -6.97 -20.85
N MET D 390 5.33 -6.17 -21.90
CA MET D 390 4.99 -6.67 -23.24
C MET D 390 5.88 -7.84 -23.65
N ASP D 391 7.06 -7.96 -23.04
CA ASP D 391 7.93 -9.11 -23.24
C ASP D 391 7.15 -10.42 -23.11
N GLY D 392 6.36 -10.54 -22.03
CA GLY D 392 5.55 -11.73 -21.82
C GLY D 392 4.55 -11.95 -22.93
N SER D 393 3.75 -10.93 -23.24
CA SER D 393 2.71 -11.12 -24.24
C SER D 393 3.30 -11.50 -25.59
N PHE D 394 4.41 -10.88 -25.95
CA PHE D 394 4.94 -11.06 -27.29
C PHE D 394 5.82 -12.28 -27.41
N ALA D 395 6.43 -12.75 -26.31
CA ALA D 395 7.02 -14.08 -26.35
C ALA D 395 5.95 -15.14 -26.63
N ASN D 396 4.80 -15.05 -25.96
CA ASN D 396 3.68 -15.95 -26.28
C ASN D 396 3.29 -15.83 -27.75
N GLN D 397 3.23 -14.60 -28.28
CA GLN D 397 2.82 -14.43 -29.67
C GLN D 397 3.75 -15.19 -30.61
N VAL D 398 5.05 -15.11 -30.35
CA VAL D 398 6.01 -15.76 -31.24
C VAL D 398 5.87 -17.28 -31.15
N LEU D 399 5.75 -17.83 -29.93
CA LEU D 399 5.54 -19.28 -29.79
C LEU D 399 4.27 -19.72 -30.50
N ALA D 400 3.22 -18.91 -30.42
CA ALA D 400 1.95 -19.27 -31.06
C ALA D 400 2.08 -19.23 -32.58
N GLN D 401 2.77 -18.22 -33.11
CA GLN D 401 3.03 -18.18 -34.56
C GLN D 401 3.82 -19.41 -35.00
N ILE D 402 4.88 -19.75 -34.26
CA ILE D 402 5.67 -20.93 -34.60
C ILE D 402 4.78 -22.17 -34.65
N HIS D 403 3.91 -22.33 -33.66
CA HIS D 403 3.16 -23.58 -33.58
C HIS D 403 2.15 -23.69 -34.72
N LEU D 404 1.37 -22.64 -34.98
CA LEU D 404 0.37 -22.74 -36.04
C LEU D 404 1.02 -22.81 -37.41
N PHE D 405 2.14 -22.11 -37.60
CA PHE D 405 2.78 -22.19 -38.92
C PHE D 405 3.34 -23.58 -39.16
N GLU D 406 3.92 -24.20 -38.12
CA GLU D 406 4.45 -25.55 -38.26
C GLU D 406 3.33 -26.57 -38.44
N GLN D 407 2.14 -26.31 -37.88
CA GLN D 407 1.02 -27.23 -38.04
C GLN D 407 0.44 -27.22 -39.45
N LYS D 408 0.59 -26.12 -40.20
CA LYS D 408 0.26 -26.11 -41.64
C LYS D 408 -1.19 -26.50 -41.93
N TYR D 409 -2.14 -25.92 -41.17
CA TYR D 409 -3.55 -26.27 -41.33
C TYR D 409 -4.03 -26.14 -42.78
N ALA D 410 -3.61 -25.10 -43.48
CA ALA D 410 -4.15 -24.90 -44.82
C ALA D 410 -3.79 -26.04 -45.75
N ASP D 411 -2.75 -26.80 -45.45
CA ASP D 411 -2.33 -27.88 -46.33
C ASP D 411 -3.00 -29.21 -45.99
N LEU D 412 -3.80 -29.29 -44.86
CA LEU D 412 -4.39 -30.55 -44.44
C LEU D 412 -5.60 -30.90 -45.32
N PRO D 413 -5.89 -32.20 -45.47
CA PRO D 413 -7.13 -32.61 -46.14
C PRO D 413 -8.34 -32.11 -45.36
N ALA D 414 -9.49 -32.05 -46.03
CA ALA D 414 -10.68 -31.51 -45.39
C ALA D 414 -11.03 -32.24 -44.10
N ALA D 415 -10.90 -33.57 -44.10
CA ALA D 415 -11.25 -34.34 -42.89
C ALA D 415 -10.32 -34.01 -41.72
N GLU D 416 -9.05 -33.72 -42.01
CA GLU D 416 -8.14 -33.35 -40.94
C GLU D 416 -8.33 -31.91 -40.48
N LYS D 417 -8.70 -31.00 -41.39
CA LYS D 417 -9.01 -29.64 -40.97
C LYS D 417 -10.14 -29.62 -39.95
N ALA D 418 -11.19 -30.41 -40.21
CA ALA D 418 -12.34 -30.49 -39.32
C ALA D 418 -11.93 -30.84 -37.89
N LYS D 419 -10.89 -31.66 -37.74
CA LYS D 419 -10.43 -32.07 -36.42
C LYS D 419 -9.55 -31.03 -35.73
N ARG D 420 -9.00 -30.07 -36.46
CA ARG D 420 -8.10 -29.08 -35.89
C ARG D 420 -8.68 -27.69 -35.84
N LEU D 421 -9.90 -27.49 -36.31
CA LEU D 421 -10.47 -26.14 -36.34
C LEU D 421 -10.97 -25.77 -34.94
N SER D 422 -10.15 -25.05 -34.19
CA SER D 422 -10.48 -24.74 -32.81
C SER D 422 -9.74 -23.48 -32.41
N VAL D 423 -10.06 -23.02 -31.21
CA VAL D 423 -9.37 -21.92 -30.55
C VAL D 423 -8.72 -22.49 -29.29
N GLU D 424 -7.39 -22.55 -29.29
CA GLU D 424 -6.64 -23.19 -28.23
C GLU D 424 -5.76 -22.19 -27.52
N VAL D 425 -5.22 -22.60 -26.38
CA VAL D 425 -4.21 -21.82 -25.69
C VAL D 425 -2.88 -22.56 -25.77
N LEU D 426 -1.80 -21.86 -25.43
CA LEU D 426 -0.51 -22.51 -25.35
C LEU D 426 -0.44 -23.46 -24.15
N PRO D 427 0.36 -24.51 -24.26
CA PRO D 427 0.56 -25.41 -23.12
C PRO D 427 1.16 -24.67 -21.95
N LYS D 428 0.83 -25.14 -20.75
CA LYS D 428 1.33 -24.49 -19.54
C LYS D 428 2.86 -24.54 -19.48
N LYS D 429 3.48 -25.63 -19.96
CA LYS D 429 4.94 -25.66 -19.93
C LYS D 429 5.55 -24.43 -20.60
N LEU D 430 4.98 -23.99 -21.73
CA LEU D 430 5.53 -22.84 -22.44
C LEU D 430 5.24 -21.54 -21.68
N ASP D 431 4.04 -21.44 -21.10
CA ASP D 431 3.71 -20.31 -20.20
C ASP D 431 4.77 -20.19 -19.13
N GLU D 432 5.18 -21.34 -18.53
CA GLU D 432 6.19 -21.31 -17.46
C GLU D 432 7.55 -20.90 -18.00
N GLU D 433 7.90 -21.36 -19.21
CA GLU D 433 9.19 -21.00 -19.78
C GLU D 433 9.28 -19.51 -20.07
N VAL D 434 8.18 -18.90 -20.52
CA VAL D 434 8.17 -17.44 -20.69
C VAL D 434 8.33 -16.76 -19.33
N ALA D 435 7.56 -17.24 -18.34
CA ALA D 435 7.64 -16.65 -17.01
C ALA D 435 9.05 -16.72 -16.44
N LEU D 436 9.73 -17.85 -16.63
CA LEU D 436 11.08 -17.94 -16.09
C LEU D 436 12.00 -16.89 -16.72
N GLU D 437 11.87 -16.64 -18.03
CA GLU D 437 12.74 -15.61 -18.60
C GLU D 437 12.41 -14.23 -18.02
N MET D 438 11.13 -13.96 -17.75
CA MET D 438 10.77 -12.69 -17.11
C MET D 438 11.39 -12.60 -15.72
N VAL D 439 11.29 -13.69 -14.93
CA VAL D 439 11.82 -13.66 -13.57
C VAL D 439 13.32 -13.43 -13.59
N LYS D 440 14.02 -14.10 -14.51
CA LYS D 440 15.47 -13.90 -14.63
C LYS D 440 15.80 -12.48 -14.98
N GLY D 441 14.93 -11.81 -15.74
CA GLY D 441 15.15 -10.42 -16.11
C GLY D 441 15.14 -9.50 -14.91
N PHE D 442 14.39 -9.85 -13.89
CA PHE D 442 14.39 -9.12 -12.63
C PHE D 442 15.54 -9.51 -11.73
N GLY D 443 16.34 -10.50 -12.12
CA GLY D 443 17.33 -11.05 -11.21
C GLY D 443 16.76 -12.03 -10.21
N GLY D 444 15.53 -12.50 -10.42
CA GLY D 444 14.94 -13.46 -9.50
C GLY D 444 15.56 -14.84 -9.63
N VAL D 445 15.57 -15.58 -8.53
CA VAL D 445 16.17 -16.91 -8.48
C VAL D 445 15.09 -17.90 -8.05
N VAL D 446 14.66 -18.75 -9.00
CA VAL D 446 13.68 -19.80 -8.74
C VAL D 446 14.37 -20.98 -8.10
N THR D 447 13.72 -21.59 -7.11
CA THR D 447 14.25 -22.79 -6.47
C THR D 447 13.90 -24.00 -7.31
N GLN D 448 14.80 -24.99 -7.31
CA GLN D 448 14.55 -26.25 -7.99
C GLN D 448 14.07 -27.27 -6.97
N LEU D 449 12.96 -27.96 -7.29
CA LEU D 449 12.49 -29.06 -6.46
C LEU D 449 13.52 -30.19 -6.39
N THR D 450 13.61 -30.84 -5.25
CA THR D 450 14.30 -32.13 -5.20
C THR D 450 13.40 -33.18 -5.83
N PRO D 451 13.95 -34.31 -6.26
CA PRO D 451 13.07 -35.36 -6.80
C PRO D 451 11.99 -35.79 -5.80
N LYS D 452 12.32 -35.89 -4.51
CA LYS D 452 11.30 -36.27 -3.53
C LYS D 452 10.23 -35.20 -3.40
N GLN D 453 10.61 -33.91 -3.43
CA GLN D 453 9.62 -32.84 -3.37
C GLN D 453 8.72 -32.83 -4.60
N ALA D 454 9.29 -33.04 -5.79
CA ALA D 454 8.47 -33.13 -6.98
C ALA D 454 7.52 -34.31 -6.89
N GLU D 455 8.02 -35.45 -6.46
CA GLU D 455 7.15 -36.59 -6.22
C GLU D 455 6.03 -36.24 -5.25
N TYR D 456 6.38 -35.56 -4.16
CA TYR D 456 5.41 -35.31 -3.10
C TYR D 456 4.22 -34.53 -3.61
N ILE D 457 4.45 -33.52 -4.46
CA ILE D 457 3.33 -32.73 -4.95
C ILE D 457 2.87 -33.18 -6.33
N GLY D 458 3.51 -34.18 -6.92
CA GLY D 458 2.98 -34.77 -8.13
C GLY D 458 3.35 -34.09 -9.42
N VAL D 459 4.58 -33.56 -9.53
CA VAL D 459 5.00 -32.86 -10.72
C VAL D 459 6.38 -33.37 -11.13
N SER D 460 6.71 -33.15 -12.42
CA SER D 460 8.08 -33.26 -12.88
C SER D 460 8.92 -32.13 -12.31
N VAL D 461 10.21 -32.40 -12.07
CA VAL D 461 11.06 -31.34 -11.51
C VAL D 461 11.09 -30.13 -12.44
N GLU D 462 11.05 -30.36 -13.74
CA GLU D 462 11.10 -29.22 -14.67
C GLU D 462 9.72 -28.60 -14.93
N GLY D 463 8.66 -29.14 -14.32
CA GLY D 463 7.34 -28.61 -14.57
C GLY D 463 6.66 -29.38 -15.70
N PRO D 464 5.38 -29.09 -15.97
CA PRO D 464 4.59 -28.01 -15.33
C PRO D 464 4.25 -28.25 -13.88
N PHE D 465 4.03 -27.16 -13.16
CA PHE D 465 3.94 -27.24 -11.71
C PHE D 465 2.52 -27.21 -11.17
N LYS D 466 1.53 -26.92 -12.03
CA LYS D 466 0.14 -26.76 -11.64
C LYS D 466 -0.76 -27.51 -12.61
N PRO D 467 -1.91 -27.98 -12.14
CA PRO D 467 -2.89 -28.57 -13.06
C PRO D 467 -3.46 -27.47 -13.92
N ASP D 468 -4.05 -27.87 -15.04
CA ASP D 468 -4.57 -26.87 -15.97
C ASP D 468 -5.71 -26.05 -15.40
N THR D 469 -6.39 -26.56 -14.38
CA THR D 469 -7.47 -25.85 -13.69
C THR D 469 -6.97 -24.74 -12.78
N TYR D 470 -5.67 -24.66 -12.54
CA TYR D 470 -5.16 -23.71 -11.56
C TYR D 470 -5.35 -22.27 -12.02
N ARG D 471 -5.73 -21.39 -11.07
CA ARG D 471 -6.13 -20.02 -11.43
C ARG D 471 -5.09 -18.95 -11.12
N TYR D 472 -4.07 -19.27 -10.33
CA TYR D 472 -3.02 -18.31 -9.94
C TYR D 472 -3.64 -17.09 -9.25
PA NAD E . -0.96 -23.58 -3.97
O1A NAD E . -1.83 -22.51 -4.53
O2A NAD E . -0.70 -24.80 -4.80
O5B NAD E . 0.48 -22.93 -3.56
C5B NAD E . 1.60 -23.71 -3.06
C4B NAD E . 2.80 -23.08 -3.73
O4B NAD E . 4.01 -23.58 -3.15
C3B NAD E . 2.88 -23.37 -5.24
O3B NAD E . 2.77 -22.16 -5.98
C2B NAD E . 4.25 -24.04 -5.42
O2B NAD E . 4.90 -23.70 -6.66
C1B NAD E . 4.99 -23.56 -4.18
N9A NAD E . 6.06 -24.46 -3.77
C8A NAD E . 6.02 -25.83 -3.68
N7A NAD E . 7.14 -26.36 -3.27
C5A NAD E . 7.97 -25.27 -3.08
C6A NAD E . 9.31 -25.17 -2.67
N6A NAD E . 10.08 -26.22 -2.35
N1A NAD E . 9.84 -23.94 -2.58
C2A NAD E . 9.08 -22.88 -2.88
N3A NAD E . 7.81 -22.85 -3.28
C4A NAD E . 7.31 -24.10 -3.38
O3 NAD E . -1.65 -24.05 -2.61
PN NAD E . -2.34 -23.12 -1.49
O1N NAD E . -3.79 -23.05 -1.79
O2N NAD E . -1.59 -21.85 -1.43
O5D NAD E . -2.11 -24.00 -0.21
C5D NAD E . -0.79 -24.25 0.33
C4D NAD E . -0.95 -24.96 1.65
O4D NAD E . -1.68 -24.13 2.59
C3D NAD E . -1.75 -26.27 1.53
O3D NAD E . -1.23 -27.18 2.49
C2D NAD E . -3.16 -25.83 1.93
O2D NAD E . -3.96 -26.93 2.35
C1D NAD E . -2.80 -24.86 3.07
N1N NAD E . -3.87 -23.89 3.47
C2N NAD E . -3.77 -23.35 4.70
C3N NAD E . -4.68 -22.40 5.12
C7N NAD E . -4.62 -21.79 6.50
O7N NAD E . -5.61 -21.20 6.93
N7N NAD E . -3.56 -22.06 7.24
C4N NAD E . -5.66 -21.97 4.23
C5N NAD E . -5.75 -22.55 2.97
C6N NAD E . -4.84 -23.52 2.61
N9 ADE F . -9.45 -22.51 8.12
C8 ADE F . -8.84 -21.30 8.28
N7 ADE F . -9.39 -20.53 9.24
C5 ADE F . -10.42 -21.30 9.70
C6 ADE F . -11.40 -21.06 10.69
N6 ADE F . -11.47 -19.93 11.39
N1 ADE F . -12.29 -22.05 10.93
C2 ADE F . -12.22 -23.17 10.21
N3 ADE F . -11.37 -23.51 9.26
C4 ADE F . -10.48 -22.52 9.04
S DMS G . -9.50 -22.96 -15.93
O DMS G . -9.73 -24.44 -16.01
C1 DMS G . -7.74 -22.49 -15.99
C2 DMS G . -10.14 -22.29 -14.35
C10 UI4 H . -28.71 -26.33 -5.52
C02 UI4 H . -23.99 -29.41 -8.42
C03 UI4 H . -23.66 -29.11 -7.12
C04 UI4 H . -24.59 -28.53 -6.28
C05 UI4 H . -25.87 -28.27 -6.74
C06 UI4 H . -26.21 -28.58 -8.05
C07 UI4 H . -25.27 -29.15 -8.89
C08 UI4 H . -26.77 -27.68 -5.87
C09 UI4 H . -27.82 -26.94 -6.38
C11 UI4 H . -28.49 -26.47 -4.16
C12 UI4 H . -27.40 -27.21 -3.71
N13 UI4 H . -26.56 -27.78 -4.56
O01 UI4 H . -23.01 -29.99 -9.23
C10 UI4 I . -3.13 -12.29 -7.85
C02 UI4 I . -3.80 -9.70 -2.15
C03 UI4 I . -4.61 -9.66 -3.27
C04 UI4 I . -4.17 -10.20 -4.46
C05 UI4 I . -2.92 -10.79 -4.54
C06 UI4 I . -2.09 -10.81 -3.43
C07 UI4 I . -2.54 -10.29 -2.24
C08 UI4 I . -2.52 -11.29 -5.76
C09 UI4 I . -3.48 -11.83 -6.60
C11 UI4 I . -1.79 -12.21 -8.19
C12 UI4 I . -0.86 -11.66 -7.31
N13 UI4 I . -1.25 -11.22 -6.12
O01 UI4 I . -4.25 -9.16 -0.94
H1 UI4 I . -3.86 -12.72 -8.53
H2 UI4 I . -5.59 -9.20 -3.21
H3 UI4 I . -4.80 -10.17 -5.34
H4 UI4 I . -1.09 -11.24 -3.50
H5 UI4 I . -1.91 -10.33 -1.36
H6 UI4 I . -4.52 -11.88 -6.27
H7 UI4 I . -1.45 -12.55 -9.16
H8 UI4 I . 0.18 -11.60 -7.59
H9 UI4 I . -4.83 -9.77 -0.51
K K J . -11.51 -16.55 13.51
P PO4 K . 23.73 -17.42 13.03
O1 PO4 K . 23.70 -18.30 11.80
O2 PO4 K . 22.78 -16.29 12.80
O3 PO4 K . 25.08 -16.85 13.30
O4 PO4 K . 23.32 -18.27 14.21
P PO4 L . -28.15 -18.90 17.82
O1 PO4 L . -28.89 -19.99 17.07
O2 PO4 L . -28.51 -17.57 17.18
O3 PO4 L . -26.65 -19.09 17.77
O4 PO4 L . -28.54 -18.83 19.27
P PO4 M . -9.10 -23.85 5.02
O1 PO4 M . -8.67 -24.59 3.72
O2 PO4 M . -10.58 -23.47 4.85
O3 PO4 M . -8.40 -22.53 5.23
O4 PO4 M . -8.91 -24.72 6.24
P PO4 N . -20.34 -17.86 -20.45
O1 PO4 N . -21.35 -18.14 -21.54
O2 PO4 N . -18.95 -18.07 -20.99
O3 PO4 N . -20.52 -16.44 -20.03
O4 PO4 N . -20.60 -18.79 -19.29
C1 GOL O . 1.51 -11.78 26.00
O1 GOL O . 2.14 -13.02 25.79
C2 GOL O . -0.03 -12.01 26.32
O2 GOL O . -0.76 -12.46 25.22
C3 GOL O . -0.56 -10.63 26.75
O3 GOL O . -0.20 -10.45 28.06
PA NAD P . -2.13 15.22 18.46
O1A NAD P . -0.93 15.01 17.61
O2A NAD P . -2.28 16.60 19.06
O5B NAD P . -3.45 14.81 17.66
C5B NAD P . -4.78 14.99 18.19
C4B NAD P . -5.58 15.44 16.98
O4B NAD P . -6.99 15.39 17.27
C3B NAD P . -5.25 16.87 16.50
O3B NAD P . -4.73 16.89 15.17
C2B NAD P . -6.60 17.61 16.65
O2B NAD P . -6.77 18.57 15.61
C1B NAD P . -7.59 16.44 16.55
N9A NAD P . -8.91 16.70 17.13
C8A NAD P . -9.19 17.33 18.32
N7A NAD P . -10.46 17.46 18.56
C5A NAD P . -11.08 16.90 17.46
C6A NAD P . -12.42 16.71 17.11
N6A NAD P . -13.46 17.12 17.86
N1A NAD P . -12.69 16.05 15.96
C2A NAD P . -11.66 15.65 15.19
N3A NAD P . -10.35 15.80 15.40
C4A NAD P . -10.13 16.43 16.56
O3 NAD P . -2.08 14.14 19.62
PN NAD P . -1.53 12.65 19.58
O1N NAD P . -2.02 12.08 18.30
O2N NAD P . -0.07 12.66 19.86
O5D NAD P . -2.28 12.04 20.84
C5D NAD P . -3.71 11.81 20.82
C4D NAD P . -4.12 11.12 22.10
O4D NAD P . -3.59 9.77 22.11
C3D NAD P . -3.57 11.77 23.38
O3D NAD P . -4.54 11.60 24.43
C2D NAD P . -2.31 10.96 23.67
O2D NAD P . -1.91 11.00 25.04
C1D NAD P . -2.81 9.58 23.26
N1N NAD P . -1.77 8.57 22.93
C2N NAD P . -2.18 7.29 22.98
C3N NAD P . -1.31 6.27 22.63
C7N NAD P . -1.65 4.83 22.72
O7N NAD P . -0.75 4.00 22.76
N7N NAD P . -2.93 4.49 22.93
C4N NAD P . -0.03 6.61 22.16
C5N NAD P . 0.37 7.93 22.12
C6N NAD P . -0.53 8.92 22.52
N9 ADE Q . 2.11 2.92 25.61
C8 ADE Q . 1.72 2.27 24.47
N7 ADE Q . 2.14 1.04 24.41
C5 ADE Q . 2.83 0.84 25.58
C6 ADE Q . 3.52 -0.27 26.11
N6 ADE Q . 3.62 -1.45 25.47
N1 ADE Q . 4.11 -0.13 27.34
C2 ADE Q . 4.03 1.08 27.96
N3 ADE Q . 3.41 2.18 27.55
C4 ADE Q . 2.83 2.00 26.34
C1 GOL R . 27.77 19.17 17.59
O1 GOL R . 27.71 17.97 18.23
C2 GOL R . 29.31 19.55 17.53
O2 GOL R . 29.58 20.28 16.42
C3 GOL R . 29.58 20.37 18.83
O3 GOL R . 30.71 21.16 18.54
C1 GOL S . 11.18 -14.11 38.33
O1 GOL S . 11.30 -15.45 37.91
C2 GOL S . 12.64 -13.51 38.49
O2 GOL S . 13.40 -13.59 37.32
C3 GOL S . 12.46 -12.04 38.98
O3 GOL S . 11.40 -11.50 38.21
C10 UI4 T . 21.18 12.19 29.86
C02 UI4 T . 19.35 18.11 28.54
C03 UI4 T . 18.63 16.93 28.59
C04 UI4 T . 19.31 15.73 28.75
C05 UI4 T . 20.68 15.69 28.87
C06 UI4 T . 21.41 16.87 28.82
C07 UI4 T . 20.73 18.08 28.65
C08 UI4 T . 21.30 14.46 29.06
C09 UI4 T . 20.59 13.43 29.66
C11 UI4 T . 22.50 12.02 29.44
C12 UI4 T . 23.15 13.08 28.84
N13 UI4 T . 22.55 14.26 28.67
O01 UI4 T . 18.66 19.31 28.36
C1 GOL U . 33.43 18.12 12.09
O1 GOL U . 32.27 18.12 11.35
C2 GOL U . 33.05 17.68 13.48
O2 GOL U . 33.67 16.56 13.84
C3 GOL U . 33.41 18.91 14.28
O3 GOL U . 33.17 18.53 15.55
H11 GOL U . 33.86 18.98 12.12
H12 GOL U . 34.09 17.50 11.73
HO1 GOL U . 31.96 18.92 11.41
H2 GOL U . 32.12 17.46 13.59
HO2 GOL U . 34.41 16.55 13.45
H31 GOL U . 32.89 19.66 13.98
H32 GOL U . 34.34 19.15 14.11
HO3 GOL U . 33.41 17.71 15.61
K K V . 3.56 -5.06 23.58
P PO4 W . -29.33 2.38 12.89
O1 PO4 W . -30.73 2.08 12.39
O2 PO4 W . -29.43 3.28 14.09
O3 PO4 W . -28.55 3.08 11.81
O4 PO4 W . -28.71 1.07 13.25
P PO4 X . 2.51 6.33 25.19
O1 PO4 X . 2.05 5.56 23.95
O2 PO4 X . 2.34 7.84 25.09
O3 PO4 X . 4.01 6.00 25.13
O4 PO4 X . 1.85 5.73 26.42
P PO4 Y . 22.10 22.50 12.31
O1 PO4 Y . 21.65 21.61 11.20
O2 PO4 Y . 21.25 23.74 12.31
O3 PO4 Y . 23.56 22.90 12.13
O4 PO4 Y . 21.96 21.79 13.64
P PO4 Z . 17.25 -10.42 32.64
O1 PO4 Z . 17.98 -10.59 31.33
O2 PO4 Z . 17.31 -11.73 33.37
O3 PO4 Z . 15.80 -10.01 32.40
O4 PO4 Z . 17.95 -9.36 33.48
PA NAD AA . 15.58 17.98 3.71
O1A NAD AA . 14.25 17.76 4.28
O2A NAD AA . 16.62 18.67 4.57
O5B NAD AA . 16.17 16.55 3.28
C5B NAD AA . 17.48 16.32 2.70
C4B NAD AA . 17.94 15.04 3.35
O4B NAD AA . 19.18 14.60 2.76
C3B NAD AA . 18.21 15.18 4.87
O3B NAD AA . 17.37 14.34 5.66
C2B NAD AA . 19.71 14.81 5.00
O2B NAD AA . 20.04 14.05 6.16
C1B NAD AA . 19.91 13.94 3.75
N9A NAD AA . 21.30 13.83 3.30
C8A NAD AA . 22.23 14.84 3.20
N7A NAD AA . 23.41 14.42 2.81
C5A NAD AA . 23.24 13.06 2.61
C6A NAD AA . 24.09 12.05 2.15
N6A NAD AA . 25.41 12.23 1.89
N1A NAD AA . 23.58 10.81 1.99
C2A NAD AA . 22.30 10.59 2.30
N3A NAD AA . 21.40 11.46 2.78
C4A NAD AA . 21.94 12.69 2.91
O3 NAD AA . 15.40 18.80 2.36
PN NAD AA . 14.22 18.61 1.28
O1N NAD AA . 13.92 17.16 1.25
O2N NAD AA . 13.12 19.56 1.53
O5D NAD AA . 14.94 19.11 -0.05
C5D NAD AA . 15.99 18.33 -0.66
C4D NAD AA . 16.38 18.98 -1.97
O4D NAD AA . 15.27 18.92 -2.91
C3D NAD AA . 16.71 20.47 -1.84
O3D NAD AA . 17.70 20.84 -2.79
C2D NAD AA . 15.38 21.14 -2.18
O2D NAD AA . 15.59 22.49 -2.59
C1D NAD AA . 14.95 20.23 -3.32
N1N NAD AA . 13.50 20.27 -3.67
C2N NAD AA . 13.16 19.85 -4.90
C3N NAD AA . 11.84 19.77 -5.26
C7N NAD AA . 11.44 19.29 -6.65
O7N NAD AA . 10.30 19.54 -7.07
N7N NAD AA . 12.38 18.81 -7.43
C4N NAD AA . 10.86 20.08 -4.33
C5N NAD AA . 11.23 20.53 -3.07
C6N NAD AA . 12.57 20.64 -2.75
N9 ADE BA . 8.40 23.13 -8.17
C8 ADE BA . 7.97 21.84 -8.32
N7 ADE BA . 7.03 21.68 -9.21
C5 ADE BA . 6.79 22.96 -9.69
C6 ADE BA . 5.90 23.49 -10.67
N6 ADE BA . 5.03 22.72 -11.35
N1 ADE BA . 5.92 24.81 -10.90
C2 ADE BA . 6.80 25.58 -10.20
N3 ADE BA . 7.69 25.20 -9.28
C4 ADE BA . 7.64 23.88 -9.07
C10 UI4 CA . -3.54 40.41 2.33
C02 UI4 CA . 0.30 38.61 7.04
C03 UI4 CA . 0.35 38.16 5.72
C04 UI4 CA . -0.44 38.78 4.76
C05 UI4 CA . -1.29 39.82 5.14
C06 UI4 CA . -1.33 40.25 6.46
C07 UI4 CA . -0.54 39.65 7.41
C08 UI4 CA . -2.11 40.47 4.23
C09 UI4 CA . -2.73 39.74 3.23
C11 UI4 CA . -3.72 41.78 2.49
C12 UI4 CA . -3.08 42.45 3.51
N13 UI4 CA . -2.31 41.79 4.36
O01 UI4 CA . 1.09 38.02 8.05
K K DA . 2.60 20.19 -13.49
P PO4 EA . 28.89 -3.32 -13.67
O1 PO4 EA . 27.75 -2.79 -14.48
O2 PO4 EA . 29.49 -4.48 -14.39
O3 PO4 EA . 29.92 -2.25 -13.47
O4 PO4 EA . 28.37 -3.74 -12.31
P PO4 FA . 9.56 23.77 -5.05
O1 PO4 FA . 10.16 24.31 -6.34
O2 PO4 FA . 9.24 22.30 -5.26
O3 PO4 FA . 8.20 24.42 -4.81
O4 PO4 FA . 10.43 24.02 -3.81
P PO4 GA . -1.92 26.71 20.67
O1 PO4 GA . -2.07 27.43 19.36
O2 PO4 GA . -2.06 25.23 20.50
O3 PO4 GA . -2.94 27.26 21.65
O4 PO4 GA . -0.54 26.99 21.23
P PO4 HA . -8.11 33.28 -17.25
O1 PO4 HA . -8.45 33.62 -18.68
O2 PO4 HA . -7.89 34.55 -16.45
O3 PO4 HA . -6.85 32.47 -17.24
O4 PO4 HA . -9.26 32.44 -16.71
PA NAD IA . -12.35 -9.39 -18.33
O1A NAD IA . -13.36 -10.34 -18.86
O2A NAD IA . -11.28 -10.06 -17.46
O5B NAD IA . -12.97 -8.17 -17.51
C5B NAD IA . -14.08 -7.36 -17.96
C4B NAD IA . -14.95 -7.14 -16.74
O4B NAD IA . -15.99 -6.20 -17.04
C3B NAD IA . -15.67 -8.42 -16.26
O3B NAD IA . -15.28 -8.83 -14.95
C2B NAD IA . -17.16 -8.07 -16.37
O2B NAD IA . -17.96 -8.64 -15.34
C1B NAD IA . -17.12 -6.56 -16.28
N9A NAD IA . -18.29 -5.87 -16.82
C8A NAD IA . -18.97 -6.18 -17.96
N7A NAD IA . -20.01 -5.40 -18.19
C5A NAD IA . -20.01 -4.53 -17.10
C6A NAD IA . -20.87 -3.48 -16.74
N6A NAD IA . -21.94 -3.11 -17.44
N1A NAD IA . -20.59 -2.81 -15.59
C2A NAD IA . -19.54 -3.19 -14.86
N3A NAD IA . -18.66 -4.17 -15.10
C4A NAD IA . -18.95 -4.80 -16.26
O3 NAD IA . -11.57 -8.68 -19.52
PN NAD IA . -10.17 -7.90 -19.47
O1N NAD IA . -9.09 -8.87 -19.70
O2N NAD IA . -10.17 -7.12 -18.21
O5D NAD IA . -10.30 -6.89 -20.69
C5D NAD IA . -11.29 -5.85 -20.69
C4D NAD IA . -11.13 -5.04 -21.96
O4D NAD IA . -9.83 -4.40 -21.96
C3D NAD IA . -11.19 -5.84 -23.27
O3D NAD IA . -11.72 -4.97 -24.25
C2D NAD IA . -9.72 -6.12 -23.53
O2D NAD IA . -9.41 -6.43 -24.91
C1D NAD IA . -9.13 -4.77 -23.12
N1N NAD IA . -7.66 -4.73 -22.83
C2N NAD IA . -7.06 -3.53 -22.93
C3N NAD IA . -5.72 -3.40 -22.59
C7N NAD IA . -5.01 -2.09 -22.65
O7N NAD IA . -3.76 -2.08 -22.71
N7N NAD IA . -5.72 -0.99 -22.78
C4N NAD IA . -5.04 -4.53 -22.13
C5N NAD IA . -5.70 -5.75 -22.04
C6N NAD IA . -7.02 -5.83 -22.41
N9 ADE JA . -1.01 -3.26 -25.68
C8 ADE JA . -0.83 -2.53 -24.52
N7 ADE JA . 0.31 -1.87 -24.46
C5 ADE JA . 0.92 -2.17 -25.69
C6 ADE JA . 2.16 -1.79 -26.25
N6 ADE JA . 3.03 -0.97 -25.62
N1 ADE JA . 2.48 -2.27 -27.49
C2 ADE JA . 1.60 -3.08 -28.11
N3 ADE JA . 0.40 -3.53 -27.65
C4 ADE JA . 0.14 -3.04 -26.43
C1 GOL KA . 6.18 8.64 -26.96
O1 GOL KA . 6.35 7.93 -28.15
C2 GOL KA . 7.55 9.23 -26.53
O2 GOL KA . 7.40 9.93 -25.34
C3 GOL KA . 8.59 7.99 -26.47
O3 GOL KA . 9.88 8.41 -25.98
C10 UI4 LA . 6.83 -23.31 -30.12
C02 UI4 LA . 1.31 -26.09 -28.80
C03 UI4 LA . 1.65 -24.75 -28.91
C04 UI4 LA . 2.96 -24.40 -29.06
C05 UI4 LA . 3.95 -25.36 -29.10
C06 UI4 LA . 3.62 -26.70 -28.99
C07 UI4 LA . 2.29 -27.07 -28.84
C08 UI4 LA . 5.28 -24.95 -29.28
C09 UI4 LA . 5.52 -23.74 -29.92
C11 UI4 LA . 7.85 -24.13 -29.62
C12 UI4 LA . 7.54 -25.32 -28.99
N13 UI4 LA . 6.28 -25.70 -28.83
O01 UI4 LA . -0.04 -26.42 -28.64
K K MA . 5.55 1.63 -23.76
P PO4 NA . -23.17 18.55 -12.22
O1 PO4 NA . -23.96 18.16 -13.45
O2 PO4 NA . -23.75 19.80 -11.60
O3 PO4 NA . -21.74 18.83 -12.57
O4 PO4 NA . -23.22 17.44 -11.19
P PO4 OA . -3.05 -5.92 -25.26
O1 PO4 OA . -3.20 -5.10 -26.53
O2 PO4 OA . -4.26 -6.80 -25.08
O3 PO4 OA . -1.73 -6.71 -25.31
O4 PO4 OA . -2.86 -4.98 -24.09
P PO4 PA . 0.49 -31.60 -13.15
O1 PO4 PA . 0.35 -31.24 -14.61
O2 PO4 PA . 1.00 -33.02 -13.03
O3 PO4 PA . -0.84 -31.46 -12.45
O4 PO4 PA . 1.48 -30.68 -12.52
P PO4 QA . 19.08 -3.78 -33.16
O1 PO4 QA . 18.85 -5.07 -33.98
O2 PO4 QA . 17.72 -3.17 -32.86
O3 PO4 QA . 19.91 -2.79 -33.95
O4 PO4 QA . 19.85 -4.16 -31.92
#